data_2OYF
# 
_entry.id   2OYF 
# 
_audit_conform.dict_name       mmcif_pdbx.dic 
_audit_conform.dict_version    5.397 
_audit_conform.dict_location   http://mmcif.pdb.org/dictionaries/ascii/mmcif_pdbx.dic 
# 
loop_
_database_2.database_id 
_database_2.database_code 
_database_2.pdbx_database_accession 
_database_2.pdbx_DOI 
PDB   2OYF         pdb_00002oyf 10.2210/pdb2oyf/pdb 
RCSB  RCSB041739   ?            ?                   
WWPDB D_1000041739 ?            ?                   
# 
loop_
_pdbx_audit_revision_history.ordinal 
_pdbx_audit_revision_history.data_content_type 
_pdbx_audit_revision_history.major_revision 
_pdbx_audit_revision_history.minor_revision 
_pdbx_audit_revision_history.revision_date 
1 'Structure model' 1 0 2007-03-20 
2 'Structure model' 1 1 2008-05-01 
3 'Structure model' 1 2 2011-07-13 
4 'Structure model' 1 3 2023-10-25 
5 'Structure model' 1 4 2024-10-30 
# 
_pdbx_audit_revision_details.ordinal             1 
_pdbx_audit_revision_details.revision_ordinal    1 
_pdbx_audit_revision_details.data_content_type   'Structure model' 
_pdbx_audit_revision_details.provider            repository 
_pdbx_audit_revision_details.type                'Initial release' 
_pdbx_audit_revision_details.description         ? 
_pdbx_audit_revision_details.details             ? 
# 
loop_
_pdbx_audit_revision_group.ordinal 
_pdbx_audit_revision_group.revision_ordinal 
_pdbx_audit_revision_group.data_content_type 
_pdbx_audit_revision_group.group 
1 2 'Structure model' 'Version format compliance' 
2 3 'Structure model' 'Version format compliance' 
3 4 'Structure model' 'Data collection'           
4 4 'Structure model' 'Database references'       
5 4 'Structure model' 'Derived calculations'      
6 4 'Structure model' 'Refinement description'    
7 5 'Structure model' 'Structure summary'         
# 
loop_
_pdbx_audit_revision_category.ordinal 
_pdbx_audit_revision_category.revision_ordinal 
_pdbx_audit_revision_category.data_content_type 
_pdbx_audit_revision_category.category 
1 4 'Structure model' chem_comp_atom                
2 4 'Structure model' chem_comp_bond                
3 4 'Structure model' database_2                    
4 4 'Structure model' diffrn_source                 
5 4 'Structure model' pdbx_initial_refinement_model 
6 4 'Structure model' struct_site                   
7 5 'Structure model' pdbx_entry_details            
8 5 'Structure model' pdbx_modification_feature     
# 
loop_
_pdbx_audit_revision_item.ordinal 
_pdbx_audit_revision_item.revision_ordinal 
_pdbx_audit_revision_item.data_content_type 
_pdbx_audit_revision_item.item 
1 4 'Structure model' '_database_2.pdbx_DOI'                 
2 4 'Structure model' '_database_2.pdbx_database_accession'  
3 4 'Structure model' '_diffrn_source.pdbx_synchrotron_site' 
4 4 'Structure model' '_struct_site.pdbx_auth_asym_id'       
5 4 'Structure model' '_struct_site.pdbx_auth_comp_id'       
6 4 'Structure model' '_struct_site.pdbx_auth_seq_id'        
# 
_pdbx_database_status.status_code                     REL 
_pdbx_database_status.entry_id                        2OYF 
_pdbx_database_status.recvd_initial_deposition_date   2007-02-22 
_pdbx_database_status.deposit_site                    RCSB 
_pdbx_database_status.process_site                    PDBJ 
_pdbx_database_status.status_code_sf                  ? 
_pdbx_database_status.status_code_mr                  ? 
_pdbx_database_status.SG_entry                        ? 
_pdbx_database_status.pdb_format_compatible           Y 
_pdbx_database_status.status_code_cs                  ? 
_pdbx_database_status.status_code_nmr_data            ? 
_pdbx_database_status.methods_development_category    ? 
# 
loop_
_audit_author.name 
_audit_author.pdbx_ordinal 
'Kumar, S.'      1 
'Hariprasad, G.' 2 
'Singh, N.'      3 
'Sharma, S.'     4 
'Kaur, P.'       5 
'Perbandt, M.'   6 
'Betzel, C.'     7 
'Singh, T.P.'    8 
# 
_citation.id                        primary 
_citation.title                     
'Crystal Structure of the complex of phospholipase A2 with indole acetic acid at 1.2 A resolution' 
_citation.journal_abbrev            'To be Published' 
_citation.journal_volume            ? 
_citation.page_first                ? 
_citation.page_last                 ? 
_citation.year                      ? 
_citation.journal_id_ASTM           ? 
_citation.country                   ? 
_citation.journal_id_ISSN           ? 
_citation.journal_id_CSD            0353 
_citation.book_publisher            ? 
_citation.pdbx_database_id_PubMed   ? 
_citation.pdbx_database_id_DOI      ? 
# 
loop_
_citation_author.citation_id 
_citation_author.name 
_citation_author.ordinal 
_citation_author.identifier_ORCID 
primary 'Kumar, S.'      1 ? 
primary 'Hariprasad, G.' 2 ? 
primary 'Singh, N.'      3 ? 
primary 'Sharma, S.'     4 ? 
primary 'Kaur, P.'       5 ? 
primary 'Perbandt, M.'   6 ? 
primary 'Betzel, C.'     7 ? 
primary 'Singh, T.P.'    8 ? 
# 
loop_
_entity.id 
_entity.type 
_entity.src_method 
_entity.pdbx_description 
_entity.formula_weight 
_entity.pdbx_number_of_molecules 
_entity.pdbx_ec 
_entity.pdbx_mutation 
_entity.pdbx_fragment 
_entity.details 
1 polymer     nat 'Phospholipase A2 VRV-PL-VIIIa' 13629.767 1   3.1.1.4 ? ? ? 
2 non-polymer syn 'SULFATE ION'                   96.063    5   ?       ? ? ? 
3 non-polymer syn '1H-INDOL-3-YLACETIC ACID'      175.184   1   ?       ? ? ? 
4 non-polymer syn 'ACETIC ACID'                   60.052    1   ?       ? ? ? 
5 water       nat water                           18.015    224 ?       ? ? ? 
# 
_entity_name_com.entity_id   1 
_entity_name_com.name        'Phospholipase A2, Phosphatidylcholine 2-acylhydrolase, DPLA2' 
# 
_entity_poly.entity_id                      1 
_entity_poly.type                           'polypeptide(L)' 
_entity_poly.nstd_linkage                   no 
_entity_poly.nstd_monomer                   no 
_entity_poly.pdbx_seq_one_letter_code       
;SLLEFGKMILEETGKLAIPSYSSYGCYCGWGGKGTPKDATDRCCFVHDCCYGNLPDCNPKSDRYKYKRVNGAIVCEKGTS
CENRICECDKAAAICFRQNLNTYSKKYMLYPDFLCKGELKC
;
_entity_poly.pdbx_seq_one_letter_code_can   
;SLLEFGKMILEETGKLAIPSYSSYGCYCGWGGKGTPKDATDRCCFVHDCCYGNLPDCNPKSDRYKYKRVNGAIVCEKGTS
CENRICECDKAAAICFRQNLNTYSKKYMLYPDFLCKGELKC
;
_entity_poly.pdbx_strand_id                 A 
_entity_poly.pdbx_target_identifier         ? 
# 
loop_
_pdbx_entity_nonpoly.entity_id 
_pdbx_entity_nonpoly.name 
_pdbx_entity_nonpoly.comp_id 
2 'SULFATE ION'              SO4 
3 '1H-INDOL-3-YLACETIC ACID' IAC 
4 'ACETIC ACID'              ACY 
5 water                      HOH 
# 
loop_
_entity_poly_seq.entity_id 
_entity_poly_seq.num 
_entity_poly_seq.mon_id 
_entity_poly_seq.hetero 
1 1   SER n 
1 2   LEU n 
1 3   LEU n 
1 4   GLU n 
1 5   PHE n 
1 6   GLY n 
1 7   LYS n 
1 8   MET n 
1 9   ILE n 
1 10  LEU n 
1 11  GLU n 
1 12  GLU n 
1 13  THR n 
1 14  GLY n 
1 15  LYS n 
1 16  LEU n 
1 17  ALA n 
1 18  ILE n 
1 19  PRO n 
1 20  SER n 
1 21  TYR n 
1 22  SER n 
1 23  SER n 
1 24  TYR n 
1 25  GLY n 
1 26  CYS n 
1 27  TYR n 
1 28  CYS n 
1 29  GLY n 
1 30  TRP n 
1 31  GLY n 
1 32  GLY n 
1 33  LYS n 
1 34  GLY n 
1 35  THR n 
1 36  PRO n 
1 37  LYS n 
1 38  ASP n 
1 39  ALA n 
1 40  THR n 
1 41  ASP n 
1 42  ARG n 
1 43  CYS n 
1 44  CYS n 
1 45  PHE n 
1 46  VAL n 
1 47  HIS n 
1 48  ASP n 
1 49  CYS n 
1 50  CYS n 
1 51  TYR n 
1 52  GLY n 
1 53  ASN n 
1 54  LEU n 
1 55  PRO n 
1 56  ASP n 
1 57  CYS n 
1 58  ASN n 
1 59  PRO n 
1 60  LYS n 
1 61  SER n 
1 62  ASP n 
1 63  ARG n 
1 64  TYR n 
1 65  LYS n 
1 66  TYR n 
1 67  LYS n 
1 68  ARG n 
1 69  VAL n 
1 70  ASN n 
1 71  GLY n 
1 72  ALA n 
1 73  ILE n 
1 74  VAL n 
1 75  CYS n 
1 76  GLU n 
1 77  LYS n 
1 78  GLY n 
1 79  THR n 
1 80  SER n 
1 81  CYS n 
1 82  GLU n 
1 83  ASN n 
1 84  ARG n 
1 85  ILE n 
1 86  CYS n 
1 87  GLU n 
1 88  CYS n 
1 89  ASP n 
1 90  LYS n 
1 91  ALA n 
1 92  ALA n 
1 93  ALA n 
1 94  ILE n 
1 95  CYS n 
1 96  PHE n 
1 97  ARG n 
1 98  GLN n 
1 99  ASN n 
1 100 LEU n 
1 101 ASN n 
1 102 THR n 
1 103 TYR n 
1 104 SER n 
1 105 LYS n 
1 106 LYS n 
1 107 TYR n 
1 108 MET n 
1 109 LEU n 
1 110 TYR n 
1 111 PRO n 
1 112 ASP n 
1 113 PHE n 
1 114 LEU n 
1 115 CYS n 
1 116 LYS n 
1 117 GLY n 
1 118 GLU n 
1 119 LEU n 
1 120 LYS n 
1 121 CYS n 
# 
_entity_src_nat.entity_id                  1 
_entity_src_nat.pdbx_src_id                1 
_entity_src_nat.pdbx_alt_source_flag       sample 
_entity_src_nat.pdbx_beg_seq_num           ? 
_entity_src_nat.pdbx_end_seq_num           ? 
_entity_src_nat.common_name                ? 
_entity_src_nat.pdbx_organism_scientific   'Daboia russellii pulchella' 
_entity_src_nat.pdbx_ncbi_taxonomy_id      97228 
_entity_src_nat.genus                      Daboia 
_entity_src_nat.species                    'Daboia russellii' 
_entity_src_nat.strain                     pulchella 
_entity_src_nat.tissue                     ? 
_entity_src_nat.tissue_fraction            ? 
_entity_src_nat.pdbx_secretion             venom 
_entity_src_nat.pdbx_fragment              ? 
_entity_src_nat.pdbx_variant               ? 
_entity_src_nat.pdbx_cell_line             ? 
_entity_src_nat.pdbx_atcc                  ? 
_entity_src_nat.pdbx_cellular_location     ? 
_entity_src_nat.pdbx_organ                 ? 
_entity_src_nat.pdbx_organelle             ? 
_entity_src_nat.pdbx_cell                  ? 
_entity_src_nat.pdbx_plasmid_name          ? 
_entity_src_nat.pdbx_plasmid_details       ? 
_entity_src_nat.details                    ? 
# 
loop_
_chem_comp.id 
_chem_comp.type 
_chem_comp.mon_nstd_flag 
_chem_comp.name 
_chem_comp.pdbx_synonyms 
_chem_comp.formula 
_chem_comp.formula_weight 
ACY non-polymer         . 'ACETIC ACID'              ?                    'C2 H4 O2'       60.052  
ALA 'L-peptide linking' y ALANINE                    ?                    'C3 H7 N O2'     89.093  
ARG 'L-peptide linking' y ARGININE                   ?                    'C6 H15 N4 O2 1' 175.209 
ASN 'L-peptide linking' y ASPARAGINE                 ?                    'C4 H8 N2 O3'    132.118 
ASP 'L-peptide linking' y 'ASPARTIC ACID'            ?                    'C4 H7 N O4'     133.103 
CYS 'L-peptide linking' y CYSTEINE                   ?                    'C3 H7 N O2 S'   121.158 
GLN 'L-peptide linking' y GLUTAMINE                  ?                    'C5 H10 N2 O3'   146.144 
GLU 'L-peptide linking' y 'GLUTAMIC ACID'            ?                    'C5 H9 N O4'     147.129 
GLY 'peptide linking'   y GLYCINE                    ?                    'C2 H5 N O2'     75.067  
HIS 'L-peptide linking' y HISTIDINE                  ?                    'C6 H10 N3 O2 1' 156.162 
HOH non-polymer         . WATER                      ?                    'H2 O'           18.015  
IAC non-polymer         . '1H-INDOL-3-YLACETIC ACID' 'INDOLE ACETIC ACID' 'C10 H9 N O2'    175.184 
ILE 'L-peptide linking' y ISOLEUCINE                 ?                    'C6 H13 N O2'    131.173 
LEU 'L-peptide linking' y LEUCINE                    ?                    'C6 H13 N O2'    131.173 
LYS 'L-peptide linking' y LYSINE                     ?                    'C6 H15 N2 O2 1' 147.195 
MET 'L-peptide linking' y METHIONINE                 ?                    'C5 H11 N O2 S'  149.211 
PHE 'L-peptide linking' y PHENYLALANINE              ?                    'C9 H11 N O2'    165.189 
PRO 'L-peptide linking' y PROLINE                    ?                    'C5 H9 N O2'     115.130 
SER 'L-peptide linking' y SERINE                     ?                    'C3 H7 N O3'     105.093 
SO4 non-polymer         . 'SULFATE ION'              ?                    'O4 S -2'        96.063  
THR 'L-peptide linking' y THREONINE                  ?                    'C4 H9 N O3'     119.119 
TRP 'L-peptide linking' y TRYPTOPHAN                 ?                    'C11 H12 N2 O2'  204.225 
TYR 'L-peptide linking' y TYROSINE                   ?                    'C9 H11 N O3'    181.189 
VAL 'L-peptide linking' y VALINE                     ?                    'C5 H11 N O2'    117.146 
# 
loop_
_pdbx_poly_seq_scheme.asym_id 
_pdbx_poly_seq_scheme.entity_id 
_pdbx_poly_seq_scheme.seq_id 
_pdbx_poly_seq_scheme.mon_id 
_pdbx_poly_seq_scheme.ndb_seq_num 
_pdbx_poly_seq_scheme.pdb_seq_num 
_pdbx_poly_seq_scheme.auth_seq_num 
_pdbx_poly_seq_scheme.pdb_mon_id 
_pdbx_poly_seq_scheme.auth_mon_id 
_pdbx_poly_seq_scheme.pdb_strand_id 
_pdbx_poly_seq_scheme.pdb_ins_code 
_pdbx_poly_seq_scheme.hetero 
A 1 1   SER 1   1   1   SER SER A . n 
A 1 2   LEU 2   2   2   LEU LEU A . n 
A 1 3   LEU 3   3   3   LEU LEU A . n 
A 1 4   GLU 4   4   4   GLU GLU A . n 
A 1 5   PHE 5   5   5   PHE PHE A . n 
A 1 6   GLY 6   6   6   GLY GLY A . n 
A 1 7   LYS 7   7   7   LYS LYS A . n 
A 1 8   MET 8   8   8   MET MET A . n 
A 1 9   ILE 9   9   9   ILE ILE A . n 
A 1 10  LEU 10  10  10  LEU LEU A . n 
A 1 11  GLU 11  11  11  GLU GLU A . n 
A 1 12  GLU 12  12  12  GLU GLU A . n 
A 1 13  THR 13  13  13  THR THR A . n 
A 1 14  GLY 14  14  14  GLY GLY A . n 
A 1 15  LYS 15  16  16  LYS LYS A . n 
A 1 16  LEU 16  17  17  LEU LEU A . n 
A 1 17  ALA 17  18  18  ALA ALA A . n 
A 1 18  ILE 18  19  19  ILE ILE A . n 
A 1 19  PRO 19  20  20  PRO PRO A . n 
A 1 20  SER 20  21  21  SER SER A . n 
A 1 21  TYR 21  22  22  TYR TYR A . n 
A 1 22  SER 22  23  23  SER SER A . n 
A 1 23  SER 23  24  24  SER SER A . n 
A 1 24  TYR 24  25  25  TYR TYR A . n 
A 1 25  GLY 25  26  26  GLY GLY A . n 
A 1 26  CYS 26  27  27  CYS CYS A . n 
A 1 27  TYR 27  28  28  TYR TYR A . n 
A 1 28  CYS 28  29  29  CYS CYS A . n 
A 1 29  GLY 29  30  30  GLY GLY A . n 
A 1 30  TRP 30  31  31  TRP TRP A . n 
A 1 31  GLY 31  32  32  GLY GLY A . n 
A 1 32  GLY 32  33  33  GLY GLY A . n 
A 1 33  LYS 33  34  34  LYS LYS A . n 
A 1 34  GLY 34  35  35  GLY GLY A . n 
A 1 35  THR 35  36  36  THR THR A . n 
A 1 36  PRO 36  37  37  PRO PRO A . n 
A 1 37  LYS 37  38  38  LYS LYS A . n 
A 1 38  ASP 38  39  39  ASP ASP A . n 
A 1 39  ALA 39  40  40  ALA ALA A . n 
A 1 40  THR 40  41  41  THR THR A . n 
A 1 41  ASP 41  42  42  ASP ASP A . n 
A 1 42  ARG 42  43  43  ARG ARG A . n 
A 1 43  CYS 43  44  44  CYS CYS A . n 
A 1 44  CYS 44  45  45  CYS CYS A . n 
A 1 45  PHE 45  46  46  PHE PHE A . n 
A 1 46  VAL 46  47  47  VAL VAL A . n 
A 1 47  HIS 47  48  48  HIS HIS A . n 
A 1 48  ASP 48  49  49  ASP ASP A . n 
A 1 49  CYS 49  50  50  CYS CYS A . n 
A 1 50  CYS 50  51  51  CYS CYS A . n 
A 1 51  TYR 51  52  52  TYR TYR A . n 
A 1 52  GLY 52  53  53  GLY GLY A . n 
A 1 53  ASN 53  54  54  ASN ASN A . n 
A 1 54  LEU 54  55  55  LEU LEU A . n 
A 1 55  PRO 55  56  56  PRO PRO A . n 
A 1 56  ASP 56  59  59  ASP ASP A . n 
A 1 57  CYS 57  61  61  CYS CYS A . n 
A 1 58  ASN 58  67  67  ASN ASN A . n 
A 1 59  PRO 59  68  68  PRO PRO A . n 
A 1 60  LYS 60  69  69  LYS LYS A . n 
A 1 61  SER 61  70  70  SER SER A . n 
A 1 62  ASP 62  71  71  ASP ASP A . n 
A 1 63  ARG 63  72  72  ARG ARG A . n 
A 1 64  TYR 64  73  73  TYR TYR A . n 
A 1 65  LYS 65  74  74  LYS LYS A . n 
A 1 66  TYR 66  75  75  TYR TYR A . n 
A 1 67  LYS 67  76  76  LYS LYS A . n 
A 1 68  ARG 68  77  77  ARG ARG A . n 
A 1 69  VAL 69  78  78  VAL VAL A . n 
A 1 70  ASN 70  79  79  ASN ASN A . n 
A 1 71  GLY 71  80  80  GLY GLY A . n 
A 1 72  ALA 72  81  81  ALA ALA A . n 
A 1 73  ILE 73  82  82  ILE ILE A . n 
A 1 74  VAL 74  83  83  VAL VAL A . n 
A 1 75  CYS 75  84  84  CYS CYS A . n 
A 1 76  GLU 76  85  85  GLU GLU A . n 
A 1 77  LYS 77  86  86  LYS LYS A . n 
A 1 78  GLY 78  88  88  GLY GLY A . n 
A 1 79  THR 79  89  89  THR THR A . n 
A 1 80  SER 80  90  90  SER SER A . n 
A 1 81  CYS 81  91  91  CYS CYS A . n 
A 1 82  GLU 82  92  92  GLU GLU A . n 
A 1 83  ASN 83  93  93  ASN ASN A . n 
A 1 84  ARG 84  94  94  ARG ARG A . n 
A 1 85  ILE 85  95  95  ILE ILE A . n 
A 1 86  CYS 86  96  96  CYS CYS A . n 
A 1 87  GLU 87  97  97  GLU GLU A . n 
A 1 88  CYS 88  98  98  CYS CYS A . n 
A 1 89  ASP 89  99  99  ASP ASP A . n 
A 1 90  LYS 90  100 100 LYS LYS A . n 
A 1 91  ALA 91  101 101 ALA ALA A . n 
A 1 92  ALA 92  102 102 ALA ALA A . n 
A 1 93  ALA 93  103 103 ALA ALA A . n 
A 1 94  ILE 94  104 104 ILE ILE A . n 
A 1 95  CYS 95  105 105 CYS CYS A . n 
A 1 96  PHE 96  106 106 PHE PHE A . n 
A 1 97  ARG 97  107 107 ARG ARG A . n 
A 1 98  GLN 98  108 108 GLN GLN A . n 
A 1 99  ASN 99  109 109 ASN ASN A . n 
A 1 100 LEU 100 110 110 LEU LEU A . n 
A 1 101 ASN 101 111 111 ASN ASN A . n 
A 1 102 THR 102 112 112 THR THR A . n 
A 1 103 TYR 103 113 113 TYR TYR A . n 
A 1 104 SER 104 114 114 SER SER A . n 
A 1 105 LYS 105 115 115 LYS LYS A . n 
A 1 106 LYS 106 116 116 LYS LYS A . n 
A 1 107 TYR 107 117 117 TYR TYR A . n 
A 1 108 MET 108 118 118 MET MET A . n 
A 1 109 LEU 109 119 119 LEU LEU A . n 
A 1 110 TYR 110 120 120 TYR TYR A . n 
A 1 111 PRO 111 121 121 PRO PRO A . n 
A 1 112 ASP 112 122 122 ASP ASP A . n 
A 1 113 PHE 113 124 124 PHE PHE A . n 
A 1 114 LEU 114 125 125 LEU LEU A . n 
A 1 115 CYS 115 126 126 CYS CYS A . n 
A 1 116 LYS 116 127 127 LYS LYS A . n 
A 1 117 GLY 117 128 128 GLY GLY A . n 
A 1 118 GLU 118 129 129 GLU GLU A . n 
A 1 119 LEU 119 130 130 LEU LEU A . n 
A 1 120 LYS 120 131 131 LYS LYS A . n 
A 1 121 CYS 121 133 133 CYS CYS A . n 
# 
loop_
_pdbx_nonpoly_scheme.asym_id 
_pdbx_nonpoly_scheme.entity_id 
_pdbx_nonpoly_scheme.mon_id 
_pdbx_nonpoly_scheme.ndb_seq_num 
_pdbx_nonpoly_scheme.pdb_seq_num 
_pdbx_nonpoly_scheme.auth_seq_num 
_pdbx_nonpoly_scheme.pdb_mon_id 
_pdbx_nonpoly_scheme.auth_mon_id 
_pdbx_nonpoly_scheme.pdb_strand_id 
_pdbx_nonpoly_scheme.pdb_ins_code 
B 2 SO4 1   1301 1301 SO4 SO4 A . 
C 2 SO4 1   1302 1302 SO4 SO4 A . 
D 2 SO4 1   1303 1303 SO4 SO4 A . 
E 2 SO4 1   1304 1304 SO4 SO4 A . 
F 2 SO4 1   1305 1305 SO4 SO4 A . 
G 3 IAC 1   1001 1001 IAC IAC A . 
H 4 ACY 1   2001 2001 ACY ACY A . 
I 5 HOH 1   2002 1    HOH HOH A . 
I 5 HOH 2   2003 2    HOH HOH A . 
I 5 HOH 3   2004 3    HOH HOH A . 
I 5 HOH 4   2005 4    HOH HOH A . 
I 5 HOH 5   2006 5    HOH HOH A . 
I 5 HOH 6   2007 6    HOH HOH A . 
I 5 HOH 7   2008 7    HOH HOH A . 
I 5 HOH 8   2009 8    HOH HOH A . 
I 5 HOH 9   2010 9    HOH HOH A . 
I 5 HOH 10  2011 10   HOH HOH A . 
I 5 HOH 11  2012 11   HOH HOH A . 
I 5 HOH 12  2013 12   HOH HOH A . 
I 5 HOH 13  2014 13   HOH HOH A . 
I 5 HOH 14  2015 14   HOH HOH A . 
I 5 HOH 15  2016 15   HOH HOH A . 
I 5 HOH 16  2017 16   HOH HOH A . 
I 5 HOH 17  2018 17   HOH HOH A . 
I 5 HOH 18  2019 18   HOH HOH A . 
I 5 HOH 19  2020 19   HOH HOH A . 
I 5 HOH 20  2021 20   HOH HOH A . 
I 5 HOH 21  2022 21   HOH HOH A . 
I 5 HOH 22  2023 22   HOH HOH A . 
I 5 HOH 23  2024 23   HOH HOH A . 
I 5 HOH 24  2025 24   HOH HOH A . 
I 5 HOH 25  2026 25   HOH HOH A . 
I 5 HOH 26  2027 26   HOH HOH A . 
I 5 HOH 27  2028 27   HOH HOH A . 
I 5 HOH 28  2029 28   HOH HOH A . 
I 5 HOH 29  2030 29   HOH HOH A . 
I 5 HOH 30  2031 30   HOH HOH A . 
I 5 HOH 31  2032 31   HOH HOH A . 
I 5 HOH 32  2033 32   HOH HOH A . 
I 5 HOH 33  2034 33   HOH HOH A . 
I 5 HOH 34  2035 34   HOH HOH A . 
I 5 HOH 35  2036 35   HOH HOH A . 
I 5 HOH 36  2037 36   HOH HOH A . 
I 5 HOH 37  2038 37   HOH HOH A . 
I 5 HOH 38  2039 38   HOH HOH A . 
I 5 HOH 39  2040 39   HOH HOH A . 
I 5 HOH 40  2041 40   HOH HOH A . 
I 5 HOH 41  2042 41   HOH HOH A . 
I 5 HOH 42  2043 42   HOH HOH A . 
I 5 HOH 43  2044 43   HOH HOH A . 
I 5 HOH 44  2045 44   HOH HOH A . 
I 5 HOH 45  2046 45   HOH HOH A . 
I 5 HOH 46  2047 46   HOH HOH A . 
I 5 HOH 47  2048 47   HOH HOH A . 
I 5 HOH 48  2049 48   HOH HOH A . 
I 5 HOH 49  2050 49   HOH HOH A . 
I 5 HOH 50  2051 50   HOH HOH A . 
I 5 HOH 51  2052 51   HOH HOH A . 
I 5 HOH 52  2053 52   HOH HOH A . 
I 5 HOH 53  2054 53   HOH HOH A . 
I 5 HOH 54  2055 54   HOH HOH A . 
I 5 HOH 55  2056 55   HOH HOH A . 
I 5 HOH 56  2057 56   HOH HOH A . 
I 5 HOH 57  2058 57   HOH HOH A . 
I 5 HOH 58  2059 58   HOH HOH A . 
I 5 HOH 59  2060 59   HOH HOH A . 
I 5 HOH 60  2061 60   HOH HOH A . 
I 5 HOH 61  2062 61   HOH HOH A . 
I 5 HOH 62  2063 62   HOH HOH A . 
I 5 HOH 63  2064 63   HOH HOH A . 
I 5 HOH 64  2065 64   HOH HOH A . 
I 5 HOH 65  2066 65   HOH HOH A . 
I 5 HOH 66  2067 66   HOH HOH A . 
I 5 HOH 67  2068 67   HOH HOH A . 
I 5 HOH 68  2069 68   HOH HOH A . 
I 5 HOH 69  2070 69   HOH HOH A . 
I 5 HOH 70  2071 70   HOH HOH A . 
I 5 HOH 71  2072 71   HOH HOH A . 
I 5 HOH 72  2073 72   HOH HOH A . 
I 5 HOH 73  2074 73   HOH HOH A . 
I 5 HOH 74  2075 74   HOH HOH A . 
I 5 HOH 75  2076 75   HOH HOH A . 
I 5 HOH 76  2077 76   HOH HOH A . 
I 5 HOH 77  2078 77   HOH HOH A . 
I 5 HOH 78  2079 78   HOH HOH A . 
I 5 HOH 79  2080 79   HOH HOH A . 
I 5 HOH 80  2081 80   HOH HOH A . 
I 5 HOH 81  2082 81   HOH HOH A . 
I 5 HOH 82  2083 82   HOH HOH A . 
I 5 HOH 83  2084 83   HOH HOH A . 
I 5 HOH 84  2085 84   HOH HOH A . 
I 5 HOH 85  2086 85   HOH HOH A . 
I 5 HOH 86  2087 86   HOH HOH A . 
I 5 HOH 87  2088 87   HOH HOH A . 
I 5 HOH 88  2089 88   HOH HOH A . 
I 5 HOH 89  2090 89   HOH HOH A . 
I 5 HOH 90  2091 90   HOH HOH A . 
I 5 HOH 91  2092 91   HOH HOH A . 
I 5 HOH 92  2093 92   HOH HOH A . 
I 5 HOH 93  2094 93   HOH HOH A . 
I 5 HOH 94  2095 94   HOH HOH A . 
I 5 HOH 95  2096 95   HOH HOH A . 
I 5 HOH 96  2097 96   HOH HOH A . 
I 5 HOH 97  2098 97   HOH HOH A . 
I 5 HOH 98  2099 98   HOH HOH A . 
I 5 HOH 99  2100 99   HOH HOH A . 
I 5 HOH 100 2101 100  HOH HOH A . 
I 5 HOH 101 2102 101  HOH HOH A . 
I 5 HOH 102 2103 102  HOH HOH A . 
I 5 HOH 103 2104 103  HOH HOH A . 
I 5 HOH 104 2105 104  HOH HOH A . 
I 5 HOH 105 2106 105  HOH HOH A . 
I 5 HOH 106 2107 106  HOH HOH A . 
I 5 HOH 107 2108 107  HOH HOH A . 
I 5 HOH 108 2109 108  HOH HOH A . 
I 5 HOH 109 2110 109  HOH HOH A . 
I 5 HOH 110 2111 110  HOH HOH A . 
I 5 HOH 111 2112 111  HOH HOH A . 
I 5 HOH 112 2113 112  HOH HOH A . 
I 5 HOH 113 2114 113  HOH HOH A . 
I 5 HOH 114 2115 114  HOH HOH A . 
I 5 HOH 115 2116 115  HOH HOH A . 
I 5 HOH 116 2117 116  HOH HOH A . 
I 5 HOH 117 2118 117  HOH HOH A . 
I 5 HOH 118 2119 118  HOH HOH A . 
I 5 HOH 119 2120 119  HOH HOH A . 
I 5 HOH 120 2121 120  HOH HOH A . 
I 5 HOH 121 2122 121  HOH HOH A . 
I 5 HOH 122 2123 122  HOH HOH A . 
I 5 HOH 123 2124 123  HOH HOH A . 
I 5 HOH 124 2125 124  HOH HOH A . 
I 5 HOH 125 2126 125  HOH HOH A . 
I 5 HOH 126 2127 126  HOH HOH A . 
I 5 HOH 127 2128 127  HOH HOH A . 
I 5 HOH 128 2129 128  HOH HOH A . 
I 5 HOH 129 2130 129  HOH HOH A . 
I 5 HOH 130 2131 130  HOH HOH A . 
I 5 HOH 131 2132 131  HOH HOH A . 
I 5 HOH 132 2133 132  HOH HOH A . 
I 5 HOH 133 2134 133  HOH HOH A . 
I 5 HOH 134 2135 134  HOH HOH A . 
I 5 HOH 135 2136 135  HOH HOH A . 
I 5 HOH 136 2137 136  HOH HOH A . 
I 5 HOH 137 2138 137  HOH HOH A . 
I 5 HOH 138 2139 138  HOH HOH A . 
I 5 HOH 139 2140 139  HOH HOH A . 
I 5 HOH 140 2141 140  HOH HOH A . 
I 5 HOH 141 2142 141  HOH HOH A . 
I 5 HOH 142 2143 142  HOH HOH A . 
I 5 HOH 143 2144 143  HOH HOH A . 
I 5 HOH 144 2145 144  HOH HOH A . 
I 5 HOH 145 2146 145  HOH HOH A . 
I 5 HOH 146 2147 146  HOH HOH A . 
I 5 HOH 147 2148 147  HOH HOH A . 
I 5 HOH 148 2149 148  HOH HOH A . 
I 5 HOH 149 2150 149  HOH HOH A . 
I 5 HOH 150 2151 150  HOH HOH A . 
I 5 HOH 151 2152 151  HOH HOH A . 
I 5 HOH 152 2153 152  HOH HOH A . 
I 5 HOH 153 2154 153  HOH HOH A . 
I 5 HOH 154 2155 154  HOH HOH A . 
I 5 HOH 155 2156 155  HOH HOH A . 
I 5 HOH 156 2157 156  HOH HOH A . 
I 5 HOH 157 2158 157  HOH HOH A . 
I 5 HOH 158 2159 158  HOH HOH A . 
I 5 HOH 159 2160 159  HOH HOH A . 
I 5 HOH 160 2161 160  HOH HOH A . 
I 5 HOH 161 2162 161  HOH HOH A . 
I 5 HOH 162 2163 162  HOH HOH A . 
I 5 HOH 163 2164 163  HOH HOH A . 
I 5 HOH 164 2165 164  HOH HOH A . 
I 5 HOH 165 2166 165  HOH HOH A . 
I 5 HOH 166 2167 166  HOH HOH A . 
I 5 HOH 167 2168 167  HOH HOH A . 
I 5 HOH 168 2169 168  HOH HOH A . 
I 5 HOH 169 2170 169  HOH HOH A . 
I 5 HOH 170 2171 170  HOH HOH A . 
I 5 HOH 171 2172 171  HOH HOH A . 
I 5 HOH 172 2173 172  HOH HOH A . 
I 5 HOH 173 2174 173  HOH HOH A . 
I 5 HOH 174 2175 174  HOH HOH A . 
I 5 HOH 175 2176 175  HOH HOH A . 
I 5 HOH 176 2177 176  HOH HOH A . 
I 5 HOH 177 2178 177  HOH HOH A . 
I 5 HOH 178 2179 178  HOH HOH A . 
I 5 HOH 179 2180 179  HOH HOH A . 
I 5 HOH 180 2181 180  HOH HOH A . 
I 5 HOH 181 2182 181  HOH HOH A . 
I 5 HOH 182 2183 182  HOH HOH A . 
I 5 HOH 183 2184 183  HOH HOH A . 
I 5 HOH 184 2185 184  HOH HOH A . 
I 5 HOH 185 2186 185  HOH HOH A . 
I 5 HOH 186 2187 186  HOH HOH A . 
I 5 HOH 187 2188 187  HOH HOH A . 
I 5 HOH 188 2189 188  HOH HOH A . 
I 5 HOH 189 2190 189  HOH HOH A . 
I 5 HOH 190 2191 190  HOH HOH A . 
I 5 HOH 191 2192 191  HOH HOH A . 
I 5 HOH 192 2193 192  HOH HOH A . 
I 5 HOH 193 2194 193  HOH HOH A . 
I 5 HOH 194 2195 194  HOH HOH A . 
I 5 HOH 195 2196 195  HOH HOH A . 
I 5 HOH 196 2197 196  HOH HOH A . 
I 5 HOH 197 2198 197  HOH HOH A . 
I 5 HOH 198 2199 198  HOH HOH A . 
I 5 HOH 199 2200 199  HOH HOH A . 
I 5 HOH 200 2201 200  HOH HOH A . 
I 5 HOH 201 2202 201  HOH HOH A . 
I 5 HOH 202 2203 202  HOH HOH A . 
I 5 HOH 203 2204 203  HOH HOH A . 
I 5 HOH 204 2205 204  HOH HOH A . 
I 5 HOH 205 2206 205  HOH HOH A . 
I 5 HOH 206 2207 206  HOH HOH A . 
I 5 HOH 207 2208 207  HOH HOH A . 
I 5 HOH 208 2209 208  HOH HOH A . 
I 5 HOH 209 2210 209  HOH HOH A . 
I 5 HOH 210 2211 210  HOH HOH A . 
I 5 HOH 211 2212 211  HOH HOH A . 
I 5 HOH 212 2213 212  HOH HOH A . 
I 5 HOH 213 2214 213  HOH HOH A . 
I 5 HOH 214 2215 214  HOH HOH A . 
I 5 HOH 215 2216 215  HOH HOH A . 
I 5 HOH 216 2217 216  HOH HOH A . 
I 5 HOH 217 2218 217  HOH HOH A . 
I 5 HOH 218 2219 218  HOH HOH A . 
I 5 HOH 219 2220 219  HOH HOH A . 
I 5 HOH 220 2221 220  HOH HOH A . 
I 5 HOH 221 2222 221  HOH HOH A . 
I 5 HOH 222 2223 222  HOH HOH A . 
I 5 HOH 223 2224 223  HOH HOH A . 
I 5 HOH 224 2225 224  HOH HOH A . 
# 
loop_
_software.name 
_software.classification 
_software.version 
_software.citation_id 
_software.pdbx_ordinal 
REFMAC   refinement        5.2.0005 ? 1 
HKL-2000 'data collection' .        ? 2 
AUTOMAR  'data reduction'  .        ? 3 
AMoRE    phasing           .        ? 4 
# 
_cell.entry_id           2OYF 
_cell.length_a           52.310 
_cell.length_b           52.310 
_cell.length_c           47.835 
_cell.angle_alpha        90.00 
_cell.angle_beta         90.00 
_cell.angle_gamma        90.00 
_cell.Z_PDB              4 
_cell.pdbx_unique_axis   ? 
_cell.length_a_esd       ? 
_cell.length_b_esd       ? 
_cell.length_c_esd       ? 
_cell.angle_alpha_esd    ? 
_cell.angle_beta_esd     ? 
_cell.angle_gamma_esd    ? 
# 
_symmetry.entry_id                         2OYF 
_symmetry.space_group_name_H-M             'P 43' 
_symmetry.pdbx_full_space_group_name_H-M   ? 
_symmetry.cell_setting                     ? 
_symmetry.Int_Tables_number                78 
_symmetry.space_group_name_Hall            ? 
# 
_exptl.entry_id          2OYF 
_exptl.method            'X-RAY DIFFRACTION' 
_exptl.crystals_number   1 
# 
_exptl_crystal.id                    1 
_exptl_crystal.density_meas          ? 
_exptl_crystal.density_Matthews      2.40 
_exptl_crystal.density_percent_sol   48.75 
_exptl_crystal.description           ? 
_exptl_crystal.F_000                 ? 
_exptl_crystal.preparation           ? 
# 
_exptl_crystal_grow.crystal_id      1 
_exptl_crystal_grow.method          'VAPOR DIFFUSION, SITTING DROP' 
_exptl_crystal_grow.temp            300 
_exptl_crystal_grow.temp_details    ? 
_exptl_crystal_grow.pH              6.8 
_exptl_crystal_grow.pdbx_details    '0.2M ammonium sulphate, 30% PEG 4000, pH 6.8, VAPOR DIFFUSION, SITTING DROP, temperature 300K' 
_exptl_crystal_grow.pdbx_pH_range   . 
# 
_diffrn.id                     1 
_diffrn.ambient_temp           200 
_diffrn.ambient_temp_details   ? 
_diffrn.crystal_id             1 
# 
_diffrn_detector.diffrn_id              1 
_diffrn_detector.detector               CCD 
_diffrn_detector.type                   MARRESEARCH 
_diffrn_detector.pdbx_collection_date   2006-10-20 
_diffrn_detector.details                mirror 
# 
_diffrn_radiation.diffrn_id                        1 
_diffrn_radiation.wavelength_id                    1 
_diffrn_radiation.pdbx_monochromatic_or_laue_m_l   M 
_diffrn_radiation.monochromator                    mirror 
_diffrn_radiation.pdbx_diffrn_protocol             'SINGLE WAVELENGTH' 
_diffrn_radiation.pdbx_scattering_type             x-ray 
# 
_diffrn_radiation_wavelength.id           1 
_diffrn_radiation_wavelength.wavelength   0.90 
_diffrn_radiation_wavelength.wt           1.0 
# 
_diffrn_source.diffrn_id                   1 
_diffrn_source.source                      SYNCHROTRON 
_diffrn_source.type                        'EMBL/DESY, HAMBURG BEAMLINE X11' 
_diffrn_source.pdbx_synchrotron_site       'EMBL/DESY, HAMBURG' 
_diffrn_source.pdbx_synchrotron_beamline   X11 
_diffrn_source.pdbx_wavelength             ? 
_diffrn_source.pdbx_wavelength_list        0.90 
# 
_reflns.entry_id                     2OYF 
_reflns.observed_criterion_sigma_F   0.0 
_reflns.observed_criterion_sigma_I   0.0 
_reflns.d_resolution_high            1.2 
_reflns.d_resolution_low             50.0 
_reflns.number_all                   ? 
_reflns.number_obs                   40258 
_reflns.percent_possible_obs         100 
_reflns.pdbx_Rmerge_I_obs            ? 
_reflns.pdbx_Rsym_value              0.049 
_reflns.pdbx_netI_over_sigmaI        50.6 
_reflns.B_iso_Wilson_estimate        11.9 
_reflns.pdbx_redundancy              24.2 
_reflns.R_free_details               ? 
_reflns.limit_h_max                  ? 
_reflns.limit_h_min                  ? 
_reflns.limit_k_max                  ? 
_reflns.limit_k_min                  ? 
_reflns.limit_l_max                  ? 
_reflns.limit_l_min                  ? 
_reflns.observed_criterion_F_max     ? 
_reflns.observed_criterion_F_min     ? 
_reflns.pdbx_chi_squared             ? 
_reflns.pdbx_scaling_rejects         ? 
_reflns.pdbx_diffrn_id               1 
_reflns.pdbx_ordinal                 1 
# 
_reflns_shell.d_res_high             1.20 
_reflns_shell.d_res_low              1.23 
_reflns_shell.percent_possible_all   100 
_reflns_shell.Rmerge_I_obs           ? 
_reflns_shell.pdbx_Rsym_value        0.446 
_reflns_shell.meanI_over_sigI_obs    4.5 
_reflns_shell.pdbx_redundancy        ? 
_reflns_shell.percent_possible_obs   ? 
_reflns_shell.number_unique_all      ? 
_reflns_shell.number_measured_all    ? 
_reflns_shell.number_measured_obs    ? 
_reflns_shell.number_unique_obs      ? 
_reflns_shell.pdbx_chi_squared       ? 
_reflns_shell.pdbx_diffrn_id         ? 
_reflns_shell.pdbx_ordinal           1 
# 
_refine.entry_id                                 2OYF 
_refine.ls_number_reflns_obs                     39429 
_refine.ls_number_reflns_all                     40258 
_refine.pdbx_ls_sigma_I                          0.0 
_refine.pdbx_ls_sigma_F                          0.0 
_refine.pdbx_data_cutoff_high_absF               ? 
_refine.pdbx_data_cutoff_low_absF                ? 
_refine.pdbx_data_cutoff_high_rms_absF           ? 
_refine.ls_d_res_low                             50.00 
_refine.ls_d_res_high                            1.20 
_refine.ls_percent_reflns_obs                    99.66 
_refine.ls_R_factor_obs                          0.18863 
_refine.ls_R_factor_all                          ? 
_refine.ls_R_factor_R_work                       0.18823 
_refine.ls_R_factor_R_free                       0.20756 
_refine.ls_R_factor_R_free_error                 ? 
_refine.ls_R_factor_R_free_error_details         ? 
_refine.ls_percent_reflns_R_free                 2.1 
_refine.ls_number_reflns_R_free                  829 
_refine.ls_number_parameters                     ? 
_refine.ls_number_restraints                     ? 
_refine.occupancy_min                            ? 
_refine.occupancy_max                            ? 
_refine.correlation_coeff_Fo_to_Fc               0.965 
_refine.correlation_coeff_Fo_to_Fc_free          0.956 
_refine.B_iso_mean                               13.624 
_refine.aniso_B[1][1]                            0.15 
_refine.aniso_B[2][2]                            0.15 
_refine.aniso_B[3][3]                            -0.31 
_refine.aniso_B[1][2]                            0.00 
_refine.aniso_B[1][3]                            0.00 
_refine.aniso_B[2][3]                            0.00 
_refine.solvent_model_details                    MASK 
_refine.solvent_model_param_ksol                 ? 
_refine.solvent_model_param_bsol                 ? 
_refine.pdbx_solvent_vdw_probe_radii             1.20 
_refine.pdbx_solvent_ion_probe_radii             0.80 
_refine.pdbx_solvent_shrinkage_radii             0.80 
_refine.pdbx_ls_cross_valid_method               THROUGHOUT 
_refine.details                                  'HYDROGENS HAVE BEEN ADDED IN THE RIDING POSITIONS' 
_refine.pdbx_starting_model                      1SXK 
_refine.pdbx_method_to_determine_struct          'MOLECULAR REPLACEMENT' 
_refine.pdbx_isotropic_thermal_model             ? 
_refine.pdbx_stereochemistry_target_values       'MAXIMUM LIKELIHOOD' 
_refine.pdbx_stereochem_target_val_spec_case     ? 
_refine.pdbx_R_Free_selection_details            RANDOM 
_refine.pdbx_overall_ESU_R                       0.043 
_refine.pdbx_overall_ESU_R_Free                  0.044 
_refine.overall_SU_ML                            0.027 
_refine.overall_SU_B                             0.551 
_refine.ls_redundancy_reflns_obs                 ? 
_refine.B_iso_min                                ? 
_refine.B_iso_max                                ? 
_refine.overall_SU_R_Cruickshank_DPI             ? 
_refine.overall_SU_R_free                        ? 
_refine.ls_wR_factor_R_free                      ? 
_refine.ls_wR_factor_R_work                      ? 
_refine.overall_FOM_free_R_set                   ? 
_refine.overall_FOM_work_R_set                   ? 
_refine.pdbx_refine_id                           'X-RAY DIFFRACTION' 
_refine.pdbx_diffrn_id                           1 
_refine.pdbx_TLS_residual_ADP_flag               ? 
_refine.pdbx_overall_phase_error                 ? 
_refine.pdbx_overall_SU_R_free_Cruickshank_DPI   ? 
_refine.pdbx_overall_SU_R_Blow_DPI               ? 
_refine.pdbx_overall_SU_R_free_Blow_DPI          ? 
# 
_refine_hist.pdbx_refine_id                   'X-RAY DIFFRACTION' 
_refine_hist.cycle_id                         LAST 
_refine_hist.pdbx_number_atoms_protein        945 
_refine_hist.pdbx_number_atoms_nucleic_acid   0 
_refine_hist.pdbx_number_atoms_ligand         38 
_refine_hist.number_atoms_solvent             228 
_refine_hist.number_atoms_total               1211 
_refine_hist.d_res_high                       1.20 
_refine_hist.d_res_low                        50.00 
# 
loop_
_refine_ls_restr.type 
_refine_ls_restr.dev_ideal 
_refine_ls_restr.dev_ideal_target 
_refine_ls_restr.weight 
_refine_ls_restr.number 
_refine_ls_restr.pdbx_refine_id 
_refine_ls_restr.pdbx_restraint_function 
r_bond_refined_d             0.009  0.022  ? 1002 'X-RAY DIFFRACTION' ? 
r_bond_other_d               0.012  0.020  ? 840  'X-RAY DIFFRACTION' ? 
r_angle_refined_deg          1.418  2.022  ? 1340 'X-RAY DIFFRACTION' ? 
r_angle_other_deg            0.785  3.000  ? 1974 'X-RAY DIFFRACTION' ? 
r_dihedral_angle_1_deg       5.574  5.000  ? 113  'X-RAY DIFFRACTION' ? 
r_dihedral_angle_2_deg       35.680 23.902 ? 41   'X-RAY DIFFRACTION' ? 
r_dihedral_angle_3_deg       11.680 15.000 ? 175  'X-RAY DIFFRACTION' ? 
r_dihedral_angle_4_deg       7.244  15.000 ? 5    'X-RAY DIFFRACTION' ? 
r_chiral_restr               0.071  0.200  ? 132  'X-RAY DIFFRACTION' ? 
r_gen_planes_refined         0.005  0.020  ? 1043 'X-RAY DIFFRACTION' ? 
r_gen_planes_other           0.001  0.020  ? 194  'X-RAY DIFFRACTION' ? 
r_nbd_refined                0.405  0.200  ? 311  'X-RAY DIFFRACTION' ? 
r_nbd_other                  0.210  0.200  ? 938  'X-RAY DIFFRACTION' ? 
r_nbtor_refined              0.191  0.200  ? 477  'X-RAY DIFFRACTION' ? 
r_nbtor_other                0.091  0.200  ? 477  'X-RAY DIFFRACTION' ? 
r_xyhbond_nbd_refined        0.172  0.200  ? 162  'X-RAY DIFFRACTION' ? 
r_xyhbond_nbd_other          ?      ?      ? ?    'X-RAY DIFFRACTION' ? 
r_metal_ion_refined          ?      ?      ? ?    'X-RAY DIFFRACTION' ? 
r_metal_ion_other            ?      ?      ? ?    'X-RAY DIFFRACTION' ? 
r_symmetry_vdw_refined       0.150  0.200  ? 11   'X-RAY DIFFRACTION' ? 
r_symmetry_vdw_other         0.237  0.200  ? 41   'X-RAY DIFFRACTION' ? 
r_symmetry_hbond_refined     0.162  0.200  ? 38   'X-RAY DIFFRACTION' ? 
r_symmetry_hbond_other       ?      ?      ? ?    'X-RAY DIFFRACTION' ? 
r_symmetry_metal_ion_refined ?      ?      ? ?    'X-RAY DIFFRACTION' ? 
r_symmetry_metal_ion_other   ?      ?      ? ?    'X-RAY DIFFRACTION' ? 
r_mcbond_it                  0.789  1.500  ? 600  'X-RAY DIFFRACTION' ? 
r_mcbond_other               0.168  1.500  ? 250  'X-RAY DIFFRACTION' ? 
r_mcangle_it                 1.409  2.000  ? 938  'X-RAY DIFFRACTION' ? 
r_scbond_it                  1.640  3.000  ? 452  'X-RAY DIFFRACTION' ? 
r_scangle_it                 2.406  4.500  ? 402  'X-RAY DIFFRACTION' ? 
r_rigid_bond_restr           ?      ?      ? ?    'X-RAY DIFFRACTION' ? 
r_sphericity_free            ?      ?      ? ?    'X-RAY DIFFRACTION' ? 
r_sphericity_bonded          ?      ?      ? ?    'X-RAY DIFFRACTION' ? 
# 
_refine_ls_shell.pdbx_total_number_of_bins_used   20 
_refine_ls_shell.d_res_high                       1.200 
_refine_ls_shell.d_res_low                        1.231 
_refine_ls_shell.number_reflns_R_work             2808 
_refine_ls_shell.R_factor_R_work                  0.24 
_refine_ls_shell.percent_reflns_obs               96.82 
_refine_ls_shell.R_factor_R_free                  0.186 
_refine_ls_shell.R_factor_R_free_error            ? 
_refine_ls_shell.percent_reflns_R_free            ? 
_refine_ls_shell.number_reflns_R_free             56 
_refine_ls_shell.number_reflns_all                ? 
_refine_ls_shell.R_factor_all                     ? 
_refine_ls_shell.number_reflns_obs                ? 
_refine_ls_shell.redundancy_reflns_obs            ? 
_refine_ls_shell.pdbx_refine_id                   'X-RAY DIFFRACTION' 
# 
_struct.entry_id                  2OYF 
_struct.title                     
'Crystal Structure of the complex of phospholipase A2 with indole acetic acid at 1.2 A resolution' 
_struct.pdbx_model_details        ? 
_struct.pdbx_CASP_flag            ? 
_struct.pdbx_model_type_details   ? 
# 
_struct_keywords.entry_id        2OYF 
_struct_keywords.pdbx_keywords   HYDROLASE 
_struct_keywords.text            'phospholipase A2, indole acetic acid, crytsal structure, daboia ruselli pulchella, Hydrolase' 
# 
loop_
_struct_asym.id 
_struct_asym.pdbx_blank_PDB_chainid_flag 
_struct_asym.pdbx_modified 
_struct_asym.entity_id 
_struct_asym.details 
A N N 1 ? 
B N N 2 ? 
C N N 2 ? 
D N N 2 ? 
E N N 2 ? 
F N N 2 ? 
G N N 3 ? 
H N N 4 ? 
I N N 5 ? 
# 
_struct_ref.id                         1 
_struct_ref.db_name                    UNP 
_struct_ref.db_code                    PA28_DABRP 
_struct_ref.pdbx_db_accession          P59071 
_struct_ref.entity_id                  1 
_struct_ref.pdbx_seq_one_letter_code   
;SLLEFGKMILEETGKLAIPSYSSYGCYCGWGGKGTPKDATDRCCFVHDCCYGNLPDCNPKSDRYKYKRVNGAIVCEKGTS
CENRICECDKAAAICFRQNLNTYSKKYMLYPDFLCKGELKC
;
_struct_ref.pdbx_align_begin           1 
_struct_ref.pdbx_db_isoform            ? 
# 
_struct_ref_seq.align_id                      1 
_struct_ref_seq.ref_id                        1 
_struct_ref_seq.pdbx_PDB_id_code              2OYF 
_struct_ref_seq.pdbx_strand_id                A 
_struct_ref_seq.seq_align_beg                 1 
_struct_ref_seq.pdbx_seq_align_beg_ins_code   ? 
_struct_ref_seq.seq_align_end                 121 
_struct_ref_seq.pdbx_seq_align_end_ins_code   ? 
_struct_ref_seq.pdbx_db_accession             P59071 
_struct_ref_seq.db_align_beg                  1 
_struct_ref_seq.pdbx_db_align_beg_ins_code    ? 
_struct_ref_seq.db_align_end                  121 
_struct_ref_seq.pdbx_db_align_end_ins_code    ? 
_struct_ref_seq.pdbx_auth_seq_align_beg       1 
_struct_ref_seq.pdbx_auth_seq_align_end       133 
# 
_pdbx_struct_assembly.id                   1 
_pdbx_struct_assembly.details              author_defined_assembly 
_pdbx_struct_assembly.method_details       ? 
_pdbx_struct_assembly.oligomeric_details   monomeric 
_pdbx_struct_assembly.oligomeric_count     1 
# 
_pdbx_struct_assembly_gen.assembly_id       1 
_pdbx_struct_assembly_gen.oper_expression   1 
_pdbx_struct_assembly_gen.asym_id_list      A,B,C,D,E,F,G,H,I 
# 
_pdbx_struct_oper_list.id                   1 
_pdbx_struct_oper_list.type                 'identity operation' 
_pdbx_struct_oper_list.name                 1_555 
_pdbx_struct_oper_list.symmetry_operation   x,y,z 
_pdbx_struct_oper_list.matrix[1][1]         1.0000000000 
_pdbx_struct_oper_list.matrix[1][2]         0.0000000000 
_pdbx_struct_oper_list.matrix[1][3]         0.0000000000 
_pdbx_struct_oper_list.vector[1]            0.0000000000 
_pdbx_struct_oper_list.matrix[2][1]         0.0000000000 
_pdbx_struct_oper_list.matrix[2][2]         1.0000000000 
_pdbx_struct_oper_list.matrix[2][3]         0.0000000000 
_pdbx_struct_oper_list.vector[2]            0.0000000000 
_pdbx_struct_oper_list.matrix[3][1]         0.0000000000 
_pdbx_struct_oper_list.matrix[3][2]         0.0000000000 
_pdbx_struct_oper_list.matrix[3][3]         1.0000000000 
_pdbx_struct_oper_list.vector[3]            0.0000000000 
# 
loop_
_struct_conf.conf_type_id 
_struct_conf.id 
_struct_conf.pdbx_PDB_helix_id 
_struct_conf.beg_label_comp_id 
_struct_conf.beg_label_asym_id 
_struct_conf.beg_label_seq_id 
_struct_conf.pdbx_beg_PDB_ins_code 
_struct_conf.end_label_comp_id 
_struct_conf.end_label_asym_id 
_struct_conf.end_label_seq_id 
_struct_conf.pdbx_end_PDB_ins_code 
_struct_conf.beg_auth_comp_id 
_struct_conf.beg_auth_asym_id 
_struct_conf.beg_auth_seq_id 
_struct_conf.end_auth_comp_id 
_struct_conf.end_auth_asym_id 
_struct_conf.end_auth_seq_id 
_struct_conf.pdbx_PDB_helix_class 
_struct_conf.details 
_struct_conf.pdbx_PDB_helix_length 
HELX_P HELX_P1 1 SER A 1   ? GLY A 14  ? SER A 1   GLY A 14  1 ? 14 
HELX_P HELX_P2 2 LEU A 16  ? TYR A 21  ? LEU A 17  TYR A 22  1 ? 6  
HELX_P HELX_P3 3 ASP A 38  ? ASN A 53  ? ASP A 39  ASN A 54  1 ? 16 
HELX_P HELX_P4 4 THR A 79  ? ASN A 99  ? THR A 89  ASN A 109 1 ? 21 
HELX_P HELX_P5 5 LEU A 100 ? TYR A 103 ? LEU A 110 TYR A 113 5 ? 4  
HELX_P HELX_P6 6 SER A 104 ? MET A 108 ? SER A 114 MET A 118 5 ? 5  
HELX_P HELX_P7 7 PRO A 111 ? CYS A 115 ? PRO A 121 CYS A 126 5 ? 5  
# 
_struct_conf_type.id          HELX_P 
_struct_conf_type.criteria    ? 
_struct_conf_type.reference   ? 
# 
loop_
_struct_conn.id 
_struct_conn.conn_type_id 
_struct_conn.pdbx_leaving_atom_flag 
_struct_conn.pdbx_PDB_id 
_struct_conn.ptnr1_label_asym_id 
_struct_conn.ptnr1_label_comp_id 
_struct_conn.ptnr1_label_seq_id 
_struct_conn.ptnr1_label_atom_id 
_struct_conn.pdbx_ptnr1_label_alt_id 
_struct_conn.pdbx_ptnr1_PDB_ins_code 
_struct_conn.pdbx_ptnr1_standard_comp_id 
_struct_conn.ptnr1_symmetry 
_struct_conn.ptnr2_label_asym_id 
_struct_conn.ptnr2_label_comp_id 
_struct_conn.ptnr2_label_seq_id 
_struct_conn.ptnr2_label_atom_id 
_struct_conn.pdbx_ptnr2_label_alt_id 
_struct_conn.pdbx_ptnr2_PDB_ins_code 
_struct_conn.ptnr1_auth_asym_id 
_struct_conn.ptnr1_auth_comp_id 
_struct_conn.ptnr1_auth_seq_id 
_struct_conn.ptnr2_auth_asym_id 
_struct_conn.ptnr2_auth_comp_id 
_struct_conn.ptnr2_auth_seq_id 
_struct_conn.ptnr2_symmetry 
_struct_conn.pdbx_ptnr3_label_atom_id 
_struct_conn.pdbx_ptnr3_label_seq_id 
_struct_conn.pdbx_ptnr3_label_comp_id 
_struct_conn.pdbx_ptnr3_label_asym_id 
_struct_conn.pdbx_ptnr3_label_alt_id 
_struct_conn.pdbx_ptnr3_PDB_ins_code 
_struct_conn.details 
_struct_conn.pdbx_dist_value 
_struct_conn.pdbx_value_order 
_struct_conn.pdbx_role 
disulf1 disulf ? ? A CYS 26 SG ? ? ? 1_555 A CYS 115 SG ? ? A CYS 27 A CYS 126 1_555 ? ? ? ? ? ? ? 2.041 ? ? 
disulf2 disulf ? ? A CYS 28 SG ? ? ? 1_555 A CYS 44  SG ? ? A CYS 29 A CYS 45  1_555 ? ? ? ? ? ? ? 2.041 ? ? 
disulf3 disulf ? ? A CYS 43 SG ? ? ? 1_555 A CYS 95  SG ? ? A CYS 44 A CYS 105 1_555 ? ? ? ? ? ? ? 2.048 ? ? 
disulf4 disulf ? ? A CYS 49 SG ? ? ? 1_555 A CYS 121 SG ? ? A CYS 50 A CYS 133 1_555 ? ? ? ? ? ? ? 2.036 ? ? 
disulf5 disulf ? ? A CYS 50 SG ? ? ? 1_555 A CYS 88  SG ? ? A CYS 51 A CYS 98  1_555 ? ? ? ? ? ? ? 2.048 ? ? 
disulf6 disulf ? ? A CYS 57 SG ? ? ? 1_555 A CYS 81  SG ? ? A CYS 61 A CYS 91  1_555 ? ? ? ? ? ? ? 2.052 ? ? 
disulf7 disulf ? ? A CYS 75 SG ? ? ? 1_555 A CYS 86  SG ? ? A CYS 84 A CYS 96  1_555 ? ? ? ? ? ? ? 2.061 ? ? 
# 
_struct_conn_type.id          disulf 
_struct_conn_type.criteria    ? 
_struct_conn_type.reference   ? 
# 
loop_
_pdbx_modification_feature.ordinal 
_pdbx_modification_feature.label_comp_id 
_pdbx_modification_feature.label_asym_id 
_pdbx_modification_feature.label_seq_id 
_pdbx_modification_feature.label_alt_id 
_pdbx_modification_feature.modified_residue_label_comp_id 
_pdbx_modification_feature.modified_residue_label_asym_id 
_pdbx_modification_feature.modified_residue_label_seq_id 
_pdbx_modification_feature.modified_residue_label_alt_id 
_pdbx_modification_feature.auth_comp_id 
_pdbx_modification_feature.auth_asym_id 
_pdbx_modification_feature.auth_seq_id 
_pdbx_modification_feature.PDB_ins_code 
_pdbx_modification_feature.symmetry 
_pdbx_modification_feature.modified_residue_auth_comp_id 
_pdbx_modification_feature.modified_residue_auth_asym_id 
_pdbx_modification_feature.modified_residue_auth_seq_id 
_pdbx_modification_feature.modified_residue_PDB_ins_code 
_pdbx_modification_feature.modified_residue_symmetry 
_pdbx_modification_feature.comp_id_linking_atom 
_pdbx_modification_feature.modified_residue_id_linking_atom 
_pdbx_modification_feature.modified_residue_id 
_pdbx_modification_feature.ref_pcm_id 
_pdbx_modification_feature.ref_comp_id 
_pdbx_modification_feature.type 
_pdbx_modification_feature.category 
1 CYS A 26 ? CYS A 115 ? CYS A 27 ? 1_555 CYS A 126 ? 1_555 SG SG . . . None 'Disulfide bridge' 
2 CYS A 28 ? CYS A 44  ? CYS A 29 ? 1_555 CYS A 45  ? 1_555 SG SG . . . None 'Disulfide bridge' 
3 CYS A 43 ? CYS A 95  ? CYS A 44 ? 1_555 CYS A 105 ? 1_555 SG SG . . . None 'Disulfide bridge' 
4 CYS A 49 ? CYS A 121 ? CYS A 50 ? 1_555 CYS A 133 ? 1_555 SG SG . . . None 'Disulfide bridge' 
5 CYS A 50 ? CYS A 88  ? CYS A 51 ? 1_555 CYS A 98  ? 1_555 SG SG . . . None 'Disulfide bridge' 
6 CYS A 57 ? CYS A 81  ? CYS A 61 ? 1_555 CYS A 91  ? 1_555 SG SG . . . None 'Disulfide bridge' 
7 CYS A 75 ? CYS A 86  ? CYS A 84 ? 1_555 CYS A 96  ? 1_555 SG SG . . . None 'Disulfide bridge' 
# 
_struct_mon_prot_cis.pdbx_id                1 
_struct_mon_prot_cis.label_comp_id          ILE 
_struct_mon_prot_cis.label_seq_id           18 
_struct_mon_prot_cis.label_asym_id          A 
_struct_mon_prot_cis.label_alt_id           . 
_struct_mon_prot_cis.pdbx_PDB_ins_code      ? 
_struct_mon_prot_cis.auth_comp_id           ILE 
_struct_mon_prot_cis.auth_seq_id            19 
_struct_mon_prot_cis.auth_asym_id           A 
_struct_mon_prot_cis.pdbx_label_comp_id_2   PRO 
_struct_mon_prot_cis.pdbx_label_seq_id_2    19 
_struct_mon_prot_cis.pdbx_label_asym_id_2   A 
_struct_mon_prot_cis.pdbx_PDB_ins_code_2    ? 
_struct_mon_prot_cis.pdbx_auth_comp_id_2    PRO 
_struct_mon_prot_cis.pdbx_auth_seq_id_2     20 
_struct_mon_prot_cis.pdbx_auth_asym_id_2    A 
_struct_mon_prot_cis.pdbx_PDB_model_num     1 
_struct_mon_prot_cis.pdbx_omega_angle       8.23 
# 
_struct_sheet.id               A 
_struct_sheet.type             ? 
_struct_sheet.number_strands   2 
_struct_sheet.details          ? 
# 
_struct_sheet_order.sheet_id     A 
_struct_sheet_order.range_id_1   1 
_struct_sheet_order.range_id_2   2 
_struct_sheet_order.offset       ? 
_struct_sheet_order.sense        anti-parallel 
# 
loop_
_struct_sheet_range.sheet_id 
_struct_sheet_range.id 
_struct_sheet_range.beg_label_comp_id 
_struct_sheet_range.beg_label_asym_id 
_struct_sheet_range.beg_label_seq_id 
_struct_sheet_range.pdbx_beg_PDB_ins_code 
_struct_sheet_range.end_label_comp_id 
_struct_sheet_range.end_label_asym_id 
_struct_sheet_range.end_label_seq_id 
_struct_sheet_range.pdbx_end_PDB_ins_code 
_struct_sheet_range.beg_auth_comp_id 
_struct_sheet_range.beg_auth_asym_id 
_struct_sheet_range.beg_auth_seq_id 
_struct_sheet_range.end_auth_comp_id 
_struct_sheet_range.end_auth_asym_id 
_struct_sheet_range.end_auth_seq_id 
A 1 TYR A 66 ? VAL A 69 ? TYR A 75 VAL A 78 
A 2 ALA A 72 ? CYS A 75 ? ALA A 81 CYS A 84 
# 
_pdbx_struct_sheet_hbond.sheet_id                A 
_pdbx_struct_sheet_hbond.range_id_1              1 
_pdbx_struct_sheet_hbond.range_id_2              2 
_pdbx_struct_sheet_hbond.range_1_label_atom_id   N 
_pdbx_struct_sheet_hbond.range_1_label_comp_id   LYS 
_pdbx_struct_sheet_hbond.range_1_label_asym_id   A 
_pdbx_struct_sheet_hbond.range_1_label_seq_id    67 
_pdbx_struct_sheet_hbond.range_1_PDB_ins_code    ? 
_pdbx_struct_sheet_hbond.range_1_auth_atom_id    N 
_pdbx_struct_sheet_hbond.range_1_auth_comp_id    LYS 
_pdbx_struct_sheet_hbond.range_1_auth_asym_id    A 
_pdbx_struct_sheet_hbond.range_1_auth_seq_id     76 
_pdbx_struct_sheet_hbond.range_2_label_atom_id   O 
_pdbx_struct_sheet_hbond.range_2_label_comp_id   VAL 
_pdbx_struct_sheet_hbond.range_2_label_asym_id   A 
_pdbx_struct_sheet_hbond.range_2_label_seq_id    74 
_pdbx_struct_sheet_hbond.range_2_PDB_ins_code    ? 
_pdbx_struct_sheet_hbond.range_2_auth_atom_id    O 
_pdbx_struct_sheet_hbond.range_2_auth_comp_id    VAL 
_pdbx_struct_sheet_hbond.range_2_auth_asym_id    A 
_pdbx_struct_sheet_hbond.range_2_auth_seq_id     83 
# 
loop_
_struct_site.id 
_struct_site.pdbx_evidence_code 
_struct_site.pdbx_auth_asym_id 
_struct_site.pdbx_auth_comp_id 
_struct_site.pdbx_auth_seq_id 
_struct_site.pdbx_auth_ins_code 
_struct_site.pdbx_num_residues 
_struct_site.details 
AC1 Software A SO4 1301 ? 7 'BINDING SITE FOR RESIDUE SO4 A 1301' 
AC2 Software A SO4 1302 ? 4 'BINDING SITE FOR RESIDUE SO4 A 1302' 
AC3 Software A SO4 1303 ? 7 'BINDING SITE FOR RESIDUE SO4 A 1303' 
AC4 Software A SO4 1304 ? 5 'BINDING SITE FOR RESIDUE SO4 A 1304' 
AC5 Software A SO4 1305 ? 6 'BINDING SITE FOR RESIDUE SO4 A 1305' 
AC6 Software A IAC 1001 ? 6 'BINDING SITE FOR RESIDUE IAC A 1001' 
AC7 Software A ACY 2001 ? 7 'BINDING SITE FOR RESIDUE ACY A 2001' 
# 
loop_
_struct_site_gen.id 
_struct_site_gen.site_id 
_struct_site_gen.pdbx_num_res 
_struct_site_gen.label_comp_id 
_struct_site_gen.label_asym_id 
_struct_site_gen.label_seq_id 
_struct_site_gen.pdbx_auth_ins_code 
_struct_site_gen.auth_comp_id 
_struct_site_gen.auth_asym_id 
_struct_site_gen.auth_seq_id 
_struct_site_gen.label_atom_id 
_struct_site_gen.label_alt_id 
_struct_site_gen.symmetry 
_struct_site_gen.details 
1  AC1 7 SER A 1   ? SER A 1    . ? 1_555 ? 
2  AC1 7 LEU A 3   ? LEU A 3    . ? 1_555 ? 
3  AC1 7 ARG A 63  ? ARG A 72   . ? 1_555 ? 
4  AC1 7 HOH I .   ? HOH A 2052 . ? 1_555 ? 
5  AC1 7 HOH I .   ? HOH A 2059 . ? 1_555 ? 
6  AC1 7 HOH I .   ? HOH A 2061 . ? 1_555 ? 
7  AC1 7 HOH I .   ? HOH A 2210 . ? 1_555 ? 
8  AC2 4 ARG A 42  ? ARG A 43   . ? 1_555 ? 
9  AC2 4 HOH I .   ? HOH A 2032 . ? 1_555 ? 
10 AC2 4 HOH I .   ? HOH A 2058 . ? 1_555 ? 
11 AC2 4 HOH I .   ? HOH A 2105 . ? 1_555 ? 
12 AC3 7 GLU A 4   ? GLU A 4    . ? 1_555 ? 
13 AC3 7 ARG A 63  ? ARG A 72   . ? 1_555 ? 
14 AC3 7 LYS A 65  ? LYS A 74   . ? 1_555 ? 
15 AC3 7 HOH I .   ? HOH A 2044 . ? 1_555 ? 
16 AC3 7 HOH I .   ? HOH A 2061 . ? 1_555 ? 
17 AC3 7 HOH I .   ? HOH A 2071 . ? 1_555 ? 
18 AC3 7 HOH I .   ? HOH A 2078 . ? 1_555 ? 
19 AC4 5 SER A 104 ? SER A 114  . ? 1_555 ? 
20 AC4 5 LYS A 105 ? LYS A 115  . ? 1_555 ? 
21 AC4 5 LYS A 120 ? LYS A 131  . ? 4_445 ? 
22 AC4 5 HOH I .   ? HOH A 2098 . ? 1_555 ? 
23 AC4 5 HOH I .   ? HOH A 2168 . ? 1_555 ? 
24 AC5 6 ASN A 53  ? ASN A 54   . ? 1_555 ? 
25 AC5 6 ARG A 84  ? ARG A 94   . ? 1_555 ? 
26 AC5 6 HOH I .   ? HOH A 2192 . ? 1_555 ? 
27 AC5 6 HOH I .   ? HOH A 2200 . ? 1_555 ? 
28 AC5 6 HOH I .   ? HOH A 2213 . ? 1_555 ? 
29 AC5 6 HOH I .   ? HOH A 2220 . ? 1_555 ? 
30 AC6 6 LEU A 2   ? LEU A 2    . ? 1_555 ? 
31 AC6 6 ILE A 18  ? ILE A 19   . ? 1_555 ? 
32 AC6 6 GLY A 29  ? GLY A 30   . ? 1_555 ? 
33 AC6 6 LYS A 60  ? LYS A 69   . ? 1_555 ? 
34 AC6 6 ASN A 101 ? ASN A 111  . ? 2_454 ? 
35 AC6 6 HOH I .   ? HOH A 2100 . ? 2_454 ? 
36 AC7 7 LYS A 65  ? LYS A 74   . ? 1_555 ? 
37 AC7 7 GLU A 76  ? GLU A 85   . ? 1_555 ? 
38 AC7 7 LYS A 77  ? LYS A 86   . ? 1_555 ? 
39 AC7 7 GLY A 78  ? GLY A 88   . ? 1_555 ? 
40 AC7 7 GLU A 82  ? GLU A 92   . ? 1_555 ? 
41 AC7 7 GLN A 98  ? GLN A 108  . ? 3_564 ? 
42 AC7 7 HOH I .   ? HOH A 2119 . ? 1_555 ? 
# 
_pdbx_entry_details.entry_id                   2OYF 
_pdbx_entry_details.compound_details           ? 
_pdbx_entry_details.source_details             ? 
_pdbx_entry_details.nonpolymer_details         ? 
_pdbx_entry_details.sequence_details           ? 
_pdbx_entry_details.has_ligand_of_interest     ? 
_pdbx_entry_details.has_protein_modification   Y 
# 
loop_
_pdbx_validate_rmsd_bond.id 
_pdbx_validate_rmsd_bond.PDB_model_num 
_pdbx_validate_rmsd_bond.auth_atom_id_1 
_pdbx_validate_rmsd_bond.auth_asym_id_1 
_pdbx_validate_rmsd_bond.auth_comp_id_1 
_pdbx_validate_rmsd_bond.auth_seq_id_1 
_pdbx_validate_rmsd_bond.PDB_ins_code_1 
_pdbx_validate_rmsd_bond.label_alt_id_1 
_pdbx_validate_rmsd_bond.auth_atom_id_2 
_pdbx_validate_rmsd_bond.auth_asym_id_2 
_pdbx_validate_rmsd_bond.auth_comp_id_2 
_pdbx_validate_rmsd_bond.auth_seq_id_2 
_pdbx_validate_rmsd_bond.PDB_ins_code_2 
_pdbx_validate_rmsd_bond.label_alt_id_2 
_pdbx_validate_rmsd_bond.bond_value 
_pdbx_validate_rmsd_bond.bond_target_value 
_pdbx_validate_rmsd_bond.bond_deviation 
_pdbx_validate_rmsd_bond.bond_standard_deviation 
_pdbx_validate_rmsd_bond.linker_flag 
1 1 C A GLY 14  ? ? N A LYS 16  ? ? 1.490 1.336 0.154 0.023 Y 
2 1 C A ASP 122 ? ? N A PHE 124 ? ? 1.486 1.336 0.150 0.023 Y 
3 1 C A LYS 131 ? ? N A CYS 133 ? ? 1.521 1.336 0.185 0.023 Y 
# 
loop_
_pdbx_validate_rmsd_angle.id 
_pdbx_validate_rmsd_angle.PDB_model_num 
_pdbx_validate_rmsd_angle.auth_atom_id_1 
_pdbx_validate_rmsd_angle.auth_asym_id_1 
_pdbx_validate_rmsd_angle.auth_comp_id_1 
_pdbx_validate_rmsd_angle.auth_seq_id_1 
_pdbx_validate_rmsd_angle.PDB_ins_code_1 
_pdbx_validate_rmsd_angle.label_alt_id_1 
_pdbx_validate_rmsd_angle.auth_atom_id_2 
_pdbx_validate_rmsd_angle.auth_asym_id_2 
_pdbx_validate_rmsd_angle.auth_comp_id_2 
_pdbx_validate_rmsd_angle.auth_seq_id_2 
_pdbx_validate_rmsd_angle.PDB_ins_code_2 
_pdbx_validate_rmsd_angle.label_alt_id_2 
_pdbx_validate_rmsd_angle.auth_atom_id_3 
_pdbx_validate_rmsd_angle.auth_asym_id_3 
_pdbx_validate_rmsd_angle.auth_comp_id_3 
_pdbx_validate_rmsd_angle.auth_seq_id_3 
_pdbx_validate_rmsd_angle.PDB_ins_code_3 
_pdbx_validate_rmsd_angle.label_alt_id_3 
_pdbx_validate_rmsd_angle.angle_value 
_pdbx_validate_rmsd_angle.angle_target_value 
_pdbx_validate_rmsd_angle.angle_deviation 
_pdbx_validate_rmsd_angle.angle_standard_deviation 
_pdbx_validate_rmsd_angle.linker_flag 
1 1 CA A ASN 79 ? ? C  A ASN 79 ? ? N A GLY 80 ? ? 129.20 116.20 13.00  2.00 Y 
2 1 O  A ASN 79 ? ? C  A ASN 79 ? ? N A GLY 80 ? ? 110.56 123.20 -12.64 1.70 Y 
3 1 N  A GLY 80 ? ? CA A GLY 80 ? ? C A GLY 80 ? ? 133.58 113.10 20.48  2.50 N 
# 
loop_
_pdbx_validate_torsion.id 
_pdbx_validate_torsion.PDB_model_num 
_pdbx_validate_torsion.auth_comp_id 
_pdbx_validate_torsion.auth_asym_id 
_pdbx_validate_torsion.auth_seq_id 
_pdbx_validate_torsion.PDB_ins_code 
_pdbx_validate_torsion.label_alt_id 
_pdbx_validate_torsion.phi 
_pdbx_validate_torsion.psi 
1 1 SER A 24 ? ? -145.35 29.60   
2 1 TRP A 31 ? ? -151.63 -21.60  
3 1 ASN A 79 ? ? 57.40   -142.20 
# 
loop_
_chem_comp_atom.comp_id 
_chem_comp_atom.atom_id 
_chem_comp_atom.type_symbol 
_chem_comp_atom.pdbx_aromatic_flag 
_chem_comp_atom.pdbx_stereo_config 
_chem_comp_atom.pdbx_ordinal 
ACY C    C N N 1   
ACY O    O N N 2   
ACY OXT  O N N 3   
ACY CH3  C N N 4   
ACY HXT  H N N 5   
ACY H1   H N N 6   
ACY H2   H N N 7   
ACY H3   H N N 8   
ALA N    N N N 9   
ALA CA   C N S 10  
ALA C    C N N 11  
ALA O    O N N 12  
ALA CB   C N N 13  
ALA OXT  O N N 14  
ALA H    H N N 15  
ALA H2   H N N 16  
ALA HA   H N N 17  
ALA HB1  H N N 18  
ALA HB2  H N N 19  
ALA HB3  H N N 20  
ALA HXT  H N N 21  
ARG N    N N N 22  
ARG CA   C N S 23  
ARG C    C N N 24  
ARG O    O N N 25  
ARG CB   C N N 26  
ARG CG   C N N 27  
ARG CD   C N N 28  
ARG NE   N N N 29  
ARG CZ   C N N 30  
ARG NH1  N N N 31  
ARG NH2  N N N 32  
ARG OXT  O N N 33  
ARG H    H N N 34  
ARG H2   H N N 35  
ARG HA   H N N 36  
ARG HB2  H N N 37  
ARG HB3  H N N 38  
ARG HG2  H N N 39  
ARG HG3  H N N 40  
ARG HD2  H N N 41  
ARG HD3  H N N 42  
ARG HE   H N N 43  
ARG HH11 H N N 44  
ARG HH12 H N N 45  
ARG HH21 H N N 46  
ARG HH22 H N N 47  
ARG HXT  H N N 48  
ASN N    N N N 49  
ASN CA   C N S 50  
ASN C    C N N 51  
ASN O    O N N 52  
ASN CB   C N N 53  
ASN CG   C N N 54  
ASN OD1  O N N 55  
ASN ND2  N N N 56  
ASN OXT  O N N 57  
ASN H    H N N 58  
ASN H2   H N N 59  
ASN HA   H N N 60  
ASN HB2  H N N 61  
ASN HB3  H N N 62  
ASN HD21 H N N 63  
ASN HD22 H N N 64  
ASN HXT  H N N 65  
ASP N    N N N 66  
ASP CA   C N S 67  
ASP C    C N N 68  
ASP O    O N N 69  
ASP CB   C N N 70  
ASP CG   C N N 71  
ASP OD1  O N N 72  
ASP OD2  O N N 73  
ASP OXT  O N N 74  
ASP H    H N N 75  
ASP H2   H N N 76  
ASP HA   H N N 77  
ASP HB2  H N N 78  
ASP HB3  H N N 79  
ASP HD2  H N N 80  
ASP HXT  H N N 81  
CYS N    N N N 82  
CYS CA   C N R 83  
CYS C    C N N 84  
CYS O    O N N 85  
CYS CB   C N N 86  
CYS SG   S N N 87  
CYS OXT  O N N 88  
CYS H    H N N 89  
CYS H2   H N N 90  
CYS HA   H N N 91  
CYS HB2  H N N 92  
CYS HB3  H N N 93  
CYS HG   H N N 94  
CYS HXT  H N N 95  
GLN N    N N N 96  
GLN CA   C N S 97  
GLN C    C N N 98  
GLN O    O N N 99  
GLN CB   C N N 100 
GLN CG   C N N 101 
GLN CD   C N N 102 
GLN OE1  O N N 103 
GLN NE2  N N N 104 
GLN OXT  O N N 105 
GLN H    H N N 106 
GLN H2   H N N 107 
GLN HA   H N N 108 
GLN HB2  H N N 109 
GLN HB3  H N N 110 
GLN HG2  H N N 111 
GLN HG3  H N N 112 
GLN HE21 H N N 113 
GLN HE22 H N N 114 
GLN HXT  H N N 115 
GLU N    N N N 116 
GLU CA   C N S 117 
GLU C    C N N 118 
GLU O    O N N 119 
GLU CB   C N N 120 
GLU CG   C N N 121 
GLU CD   C N N 122 
GLU OE1  O N N 123 
GLU OE2  O N N 124 
GLU OXT  O N N 125 
GLU H    H N N 126 
GLU H2   H N N 127 
GLU HA   H N N 128 
GLU HB2  H N N 129 
GLU HB3  H N N 130 
GLU HG2  H N N 131 
GLU HG3  H N N 132 
GLU HE2  H N N 133 
GLU HXT  H N N 134 
GLY N    N N N 135 
GLY CA   C N N 136 
GLY C    C N N 137 
GLY O    O N N 138 
GLY OXT  O N N 139 
GLY H    H N N 140 
GLY H2   H N N 141 
GLY HA2  H N N 142 
GLY HA3  H N N 143 
GLY HXT  H N N 144 
HIS N    N N N 145 
HIS CA   C N S 146 
HIS C    C N N 147 
HIS O    O N N 148 
HIS CB   C N N 149 
HIS CG   C Y N 150 
HIS ND1  N Y N 151 
HIS CD2  C Y N 152 
HIS CE1  C Y N 153 
HIS NE2  N Y N 154 
HIS OXT  O N N 155 
HIS H    H N N 156 
HIS H2   H N N 157 
HIS HA   H N N 158 
HIS HB2  H N N 159 
HIS HB3  H N N 160 
HIS HD1  H N N 161 
HIS HD2  H N N 162 
HIS HE1  H N N 163 
HIS HE2  H N N 164 
HIS HXT  H N N 165 
HOH O    O N N 166 
HOH H1   H N N 167 
HOH H2   H N N 168 
IAC C    C Y N 169 
IAC C1   C Y N 170 
IAC C2   C Y N 171 
IAC C3   C Y N 172 
IAC C4   C Y N 173 
IAC C5   C Y N 174 
IAC C7   C Y N 175 
IAC C8   C Y N 176 
IAC C17  C N N 177 
IAC C18  C N N 178 
IAC N    N Y N 179 
IAC O2   O N N 180 
IAC O3   O N N 181 
IAC H2   H N N 182 
IAC H3   H N N 183 
IAC H4   H N N 184 
IAC H5   H N N 185 
IAC H8   H N N 186 
IAC H171 H N N 187 
IAC H172 H N N 188 
IAC HN   H N N 189 
IAC HO2  H N N 190 
ILE N    N N N 191 
ILE CA   C N S 192 
ILE C    C N N 193 
ILE O    O N N 194 
ILE CB   C N S 195 
ILE CG1  C N N 196 
ILE CG2  C N N 197 
ILE CD1  C N N 198 
ILE OXT  O N N 199 
ILE H    H N N 200 
ILE H2   H N N 201 
ILE HA   H N N 202 
ILE HB   H N N 203 
ILE HG12 H N N 204 
ILE HG13 H N N 205 
ILE HG21 H N N 206 
ILE HG22 H N N 207 
ILE HG23 H N N 208 
ILE HD11 H N N 209 
ILE HD12 H N N 210 
ILE HD13 H N N 211 
ILE HXT  H N N 212 
LEU N    N N N 213 
LEU CA   C N S 214 
LEU C    C N N 215 
LEU O    O N N 216 
LEU CB   C N N 217 
LEU CG   C N N 218 
LEU CD1  C N N 219 
LEU CD2  C N N 220 
LEU OXT  O N N 221 
LEU H    H N N 222 
LEU H2   H N N 223 
LEU HA   H N N 224 
LEU HB2  H N N 225 
LEU HB3  H N N 226 
LEU HG   H N N 227 
LEU HD11 H N N 228 
LEU HD12 H N N 229 
LEU HD13 H N N 230 
LEU HD21 H N N 231 
LEU HD22 H N N 232 
LEU HD23 H N N 233 
LEU HXT  H N N 234 
LYS N    N N N 235 
LYS CA   C N S 236 
LYS C    C N N 237 
LYS O    O N N 238 
LYS CB   C N N 239 
LYS CG   C N N 240 
LYS CD   C N N 241 
LYS CE   C N N 242 
LYS NZ   N N N 243 
LYS OXT  O N N 244 
LYS H    H N N 245 
LYS H2   H N N 246 
LYS HA   H N N 247 
LYS HB2  H N N 248 
LYS HB3  H N N 249 
LYS HG2  H N N 250 
LYS HG3  H N N 251 
LYS HD2  H N N 252 
LYS HD3  H N N 253 
LYS HE2  H N N 254 
LYS HE3  H N N 255 
LYS HZ1  H N N 256 
LYS HZ2  H N N 257 
LYS HZ3  H N N 258 
LYS HXT  H N N 259 
MET N    N N N 260 
MET CA   C N S 261 
MET C    C N N 262 
MET O    O N N 263 
MET CB   C N N 264 
MET CG   C N N 265 
MET SD   S N N 266 
MET CE   C N N 267 
MET OXT  O N N 268 
MET H    H N N 269 
MET H2   H N N 270 
MET HA   H N N 271 
MET HB2  H N N 272 
MET HB3  H N N 273 
MET HG2  H N N 274 
MET HG3  H N N 275 
MET HE1  H N N 276 
MET HE2  H N N 277 
MET HE3  H N N 278 
MET HXT  H N N 279 
PHE N    N N N 280 
PHE CA   C N S 281 
PHE C    C N N 282 
PHE O    O N N 283 
PHE CB   C N N 284 
PHE CG   C Y N 285 
PHE CD1  C Y N 286 
PHE CD2  C Y N 287 
PHE CE1  C Y N 288 
PHE CE2  C Y N 289 
PHE CZ   C Y N 290 
PHE OXT  O N N 291 
PHE H    H N N 292 
PHE H2   H N N 293 
PHE HA   H N N 294 
PHE HB2  H N N 295 
PHE HB3  H N N 296 
PHE HD1  H N N 297 
PHE HD2  H N N 298 
PHE HE1  H N N 299 
PHE HE2  H N N 300 
PHE HZ   H N N 301 
PHE HXT  H N N 302 
PRO N    N N N 303 
PRO CA   C N S 304 
PRO C    C N N 305 
PRO O    O N N 306 
PRO CB   C N N 307 
PRO CG   C N N 308 
PRO CD   C N N 309 
PRO OXT  O N N 310 
PRO H    H N N 311 
PRO HA   H N N 312 
PRO HB2  H N N 313 
PRO HB3  H N N 314 
PRO HG2  H N N 315 
PRO HG3  H N N 316 
PRO HD2  H N N 317 
PRO HD3  H N N 318 
PRO HXT  H N N 319 
SER N    N N N 320 
SER CA   C N S 321 
SER C    C N N 322 
SER O    O N N 323 
SER CB   C N N 324 
SER OG   O N N 325 
SER OXT  O N N 326 
SER H    H N N 327 
SER H2   H N N 328 
SER HA   H N N 329 
SER HB2  H N N 330 
SER HB3  H N N 331 
SER HG   H N N 332 
SER HXT  H N N 333 
SO4 S    S N N 334 
SO4 O1   O N N 335 
SO4 O2   O N N 336 
SO4 O3   O N N 337 
SO4 O4   O N N 338 
THR N    N N N 339 
THR CA   C N S 340 
THR C    C N N 341 
THR O    O N N 342 
THR CB   C N R 343 
THR OG1  O N N 344 
THR CG2  C N N 345 
THR OXT  O N N 346 
THR H    H N N 347 
THR H2   H N N 348 
THR HA   H N N 349 
THR HB   H N N 350 
THR HG1  H N N 351 
THR HG21 H N N 352 
THR HG22 H N N 353 
THR HG23 H N N 354 
THR HXT  H N N 355 
TRP N    N N N 356 
TRP CA   C N S 357 
TRP C    C N N 358 
TRP O    O N N 359 
TRP CB   C N N 360 
TRP CG   C Y N 361 
TRP CD1  C Y N 362 
TRP CD2  C Y N 363 
TRP NE1  N Y N 364 
TRP CE2  C Y N 365 
TRP CE3  C Y N 366 
TRP CZ2  C Y N 367 
TRP CZ3  C Y N 368 
TRP CH2  C Y N 369 
TRP OXT  O N N 370 
TRP H    H N N 371 
TRP H2   H N N 372 
TRP HA   H N N 373 
TRP HB2  H N N 374 
TRP HB3  H N N 375 
TRP HD1  H N N 376 
TRP HE1  H N N 377 
TRP HE3  H N N 378 
TRP HZ2  H N N 379 
TRP HZ3  H N N 380 
TRP HH2  H N N 381 
TRP HXT  H N N 382 
TYR N    N N N 383 
TYR CA   C N S 384 
TYR C    C N N 385 
TYR O    O N N 386 
TYR CB   C N N 387 
TYR CG   C Y N 388 
TYR CD1  C Y N 389 
TYR CD2  C Y N 390 
TYR CE1  C Y N 391 
TYR CE2  C Y N 392 
TYR CZ   C Y N 393 
TYR OH   O N N 394 
TYR OXT  O N N 395 
TYR H    H N N 396 
TYR H2   H N N 397 
TYR HA   H N N 398 
TYR HB2  H N N 399 
TYR HB3  H N N 400 
TYR HD1  H N N 401 
TYR HD2  H N N 402 
TYR HE1  H N N 403 
TYR HE2  H N N 404 
TYR HH   H N N 405 
TYR HXT  H N N 406 
VAL N    N N N 407 
VAL CA   C N S 408 
VAL C    C N N 409 
VAL O    O N N 410 
VAL CB   C N N 411 
VAL CG1  C N N 412 
VAL CG2  C N N 413 
VAL OXT  O N N 414 
VAL H    H N N 415 
VAL H2   H N N 416 
VAL HA   H N N 417 
VAL HB   H N N 418 
VAL HG11 H N N 419 
VAL HG12 H N N 420 
VAL HG13 H N N 421 
VAL HG21 H N N 422 
VAL HG22 H N N 423 
VAL HG23 H N N 424 
VAL HXT  H N N 425 
# 
loop_
_chem_comp_bond.comp_id 
_chem_comp_bond.atom_id_1 
_chem_comp_bond.atom_id_2 
_chem_comp_bond.value_order 
_chem_comp_bond.pdbx_aromatic_flag 
_chem_comp_bond.pdbx_stereo_config 
_chem_comp_bond.pdbx_ordinal 
ACY C   O    doub N N 1   
ACY C   OXT  sing N N 2   
ACY C   CH3  sing N N 3   
ACY OXT HXT  sing N N 4   
ACY CH3 H1   sing N N 5   
ACY CH3 H2   sing N N 6   
ACY CH3 H3   sing N N 7   
ALA N   CA   sing N N 8   
ALA N   H    sing N N 9   
ALA N   H2   sing N N 10  
ALA CA  C    sing N N 11  
ALA CA  CB   sing N N 12  
ALA CA  HA   sing N N 13  
ALA C   O    doub N N 14  
ALA C   OXT  sing N N 15  
ALA CB  HB1  sing N N 16  
ALA CB  HB2  sing N N 17  
ALA CB  HB3  sing N N 18  
ALA OXT HXT  sing N N 19  
ARG N   CA   sing N N 20  
ARG N   H    sing N N 21  
ARG N   H2   sing N N 22  
ARG CA  C    sing N N 23  
ARG CA  CB   sing N N 24  
ARG CA  HA   sing N N 25  
ARG C   O    doub N N 26  
ARG C   OXT  sing N N 27  
ARG CB  CG   sing N N 28  
ARG CB  HB2  sing N N 29  
ARG CB  HB3  sing N N 30  
ARG CG  CD   sing N N 31  
ARG CG  HG2  sing N N 32  
ARG CG  HG3  sing N N 33  
ARG CD  NE   sing N N 34  
ARG CD  HD2  sing N N 35  
ARG CD  HD3  sing N N 36  
ARG NE  CZ   sing N N 37  
ARG NE  HE   sing N N 38  
ARG CZ  NH1  sing N N 39  
ARG CZ  NH2  doub N N 40  
ARG NH1 HH11 sing N N 41  
ARG NH1 HH12 sing N N 42  
ARG NH2 HH21 sing N N 43  
ARG NH2 HH22 sing N N 44  
ARG OXT HXT  sing N N 45  
ASN N   CA   sing N N 46  
ASN N   H    sing N N 47  
ASN N   H2   sing N N 48  
ASN CA  C    sing N N 49  
ASN CA  CB   sing N N 50  
ASN CA  HA   sing N N 51  
ASN C   O    doub N N 52  
ASN C   OXT  sing N N 53  
ASN CB  CG   sing N N 54  
ASN CB  HB2  sing N N 55  
ASN CB  HB3  sing N N 56  
ASN CG  OD1  doub N N 57  
ASN CG  ND2  sing N N 58  
ASN ND2 HD21 sing N N 59  
ASN ND2 HD22 sing N N 60  
ASN OXT HXT  sing N N 61  
ASP N   CA   sing N N 62  
ASP N   H    sing N N 63  
ASP N   H2   sing N N 64  
ASP CA  C    sing N N 65  
ASP CA  CB   sing N N 66  
ASP CA  HA   sing N N 67  
ASP C   O    doub N N 68  
ASP C   OXT  sing N N 69  
ASP CB  CG   sing N N 70  
ASP CB  HB2  sing N N 71  
ASP CB  HB3  sing N N 72  
ASP CG  OD1  doub N N 73  
ASP CG  OD2  sing N N 74  
ASP OD2 HD2  sing N N 75  
ASP OXT HXT  sing N N 76  
CYS N   CA   sing N N 77  
CYS N   H    sing N N 78  
CYS N   H2   sing N N 79  
CYS CA  C    sing N N 80  
CYS CA  CB   sing N N 81  
CYS CA  HA   sing N N 82  
CYS C   O    doub N N 83  
CYS C   OXT  sing N N 84  
CYS CB  SG   sing N N 85  
CYS CB  HB2  sing N N 86  
CYS CB  HB3  sing N N 87  
CYS SG  HG   sing N N 88  
CYS OXT HXT  sing N N 89  
GLN N   CA   sing N N 90  
GLN N   H    sing N N 91  
GLN N   H2   sing N N 92  
GLN CA  C    sing N N 93  
GLN CA  CB   sing N N 94  
GLN CA  HA   sing N N 95  
GLN C   O    doub N N 96  
GLN C   OXT  sing N N 97  
GLN CB  CG   sing N N 98  
GLN CB  HB2  sing N N 99  
GLN CB  HB3  sing N N 100 
GLN CG  CD   sing N N 101 
GLN CG  HG2  sing N N 102 
GLN CG  HG3  sing N N 103 
GLN CD  OE1  doub N N 104 
GLN CD  NE2  sing N N 105 
GLN NE2 HE21 sing N N 106 
GLN NE2 HE22 sing N N 107 
GLN OXT HXT  sing N N 108 
GLU N   CA   sing N N 109 
GLU N   H    sing N N 110 
GLU N   H2   sing N N 111 
GLU CA  C    sing N N 112 
GLU CA  CB   sing N N 113 
GLU CA  HA   sing N N 114 
GLU C   O    doub N N 115 
GLU C   OXT  sing N N 116 
GLU CB  CG   sing N N 117 
GLU CB  HB2  sing N N 118 
GLU CB  HB3  sing N N 119 
GLU CG  CD   sing N N 120 
GLU CG  HG2  sing N N 121 
GLU CG  HG3  sing N N 122 
GLU CD  OE1  doub N N 123 
GLU CD  OE2  sing N N 124 
GLU OE2 HE2  sing N N 125 
GLU OXT HXT  sing N N 126 
GLY N   CA   sing N N 127 
GLY N   H    sing N N 128 
GLY N   H2   sing N N 129 
GLY CA  C    sing N N 130 
GLY CA  HA2  sing N N 131 
GLY CA  HA3  sing N N 132 
GLY C   O    doub N N 133 
GLY C   OXT  sing N N 134 
GLY OXT HXT  sing N N 135 
HIS N   CA   sing N N 136 
HIS N   H    sing N N 137 
HIS N   H2   sing N N 138 
HIS CA  C    sing N N 139 
HIS CA  CB   sing N N 140 
HIS CA  HA   sing N N 141 
HIS C   O    doub N N 142 
HIS C   OXT  sing N N 143 
HIS CB  CG   sing N N 144 
HIS CB  HB2  sing N N 145 
HIS CB  HB3  sing N N 146 
HIS CG  ND1  sing Y N 147 
HIS CG  CD2  doub Y N 148 
HIS ND1 CE1  doub Y N 149 
HIS ND1 HD1  sing N N 150 
HIS CD2 NE2  sing Y N 151 
HIS CD2 HD2  sing N N 152 
HIS CE1 NE2  sing Y N 153 
HIS CE1 HE1  sing N N 154 
HIS NE2 HE2  sing N N 155 
HIS OXT HXT  sing N N 156 
HOH O   H1   sing N N 157 
HOH O   H2   sing N N 158 
IAC C   N    sing Y N 159 
IAC C   C1   doub Y N 160 
IAC C   C5   sing Y N 161 
IAC C1  C7   sing Y N 162 
IAC C1  C2   sing Y N 163 
IAC C2  C3   doub Y N 164 
IAC C2  H2   sing N N 165 
IAC C3  C4   sing Y N 166 
IAC C3  H3   sing N N 167 
IAC C4  C5   doub Y N 168 
IAC C4  H4   sing N N 169 
IAC C5  H5   sing N N 170 
IAC C7  C17  sing N N 171 
IAC C7  C8   doub Y N 172 
IAC C8  N    sing Y N 173 
IAC C8  H8   sing N N 174 
IAC C17 C18  sing N N 175 
IAC C17 H171 sing N N 176 
IAC C17 H172 sing N N 177 
IAC C18 O3   doub N N 178 
IAC C18 O2   sing N N 179 
IAC N   HN   sing N N 180 
IAC O2  HO2  sing N N 181 
ILE N   CA   sing N N 182 
ILE N   H    sing N N 183 
ILE N   H2   sing N N 184 
ILE CA  C    sing N N 185 
ILE CA  CB   sing N N 186 
ILE CA  HA   sing N N 187 
ILE C   O    doub N N 188 
ILE C   OXT  sing N N 189 
ILE CB  CG1  sing N N 190 
ILE CB  CG2  sing N N 191 
ILE CB  HB   sing N N 192 
ILE CG1 CD1  sing N N 193 
ILE CG1 HG12 sing N N 194 
ILE CG1 HG13 sing N N 195 
ILE CG2 HG21 sing N N 196 
ILE CG2 HG22 sing N N 197 
ILE CG2 HG23 sing N N 198 
ILE CD1 HD11 sing N N 199 
ILE CD1 HD12 sing N N 200 
ILE CD1 HD13 sing N N 201 
ILE OXT HXT  sing N N 202 
LEU N   CA   sing N N 203 
LEU N   H    sing N N 204 
LEU N   H2   sing N N 205 
LEU CA  C    sing N N 206 
LEU CA  CB   sing N N 207 
LEU CA  HA   sing N N 208 
LEU C   O    doub N N 209 
LEU C   OXT  sing N N 210 
LEU CB  CG   sing N N 211 
LEU CB  HB2  sing N N 212 
LEU CB  HB3  sing N N 213 
LEU CG  CD1  sing N N 214 
LEU CG  CD2  sing N N 215 
LEU CG  HG   sing N N 216 
LEU CD1 HD11 sing N N 217 
LEU CD1 HD12 sing N N 218 
LEU CD1 HD13 sing N N 219 
LEU CD2 HD21 sing N N 220 
LEU CD2 HD22 sing N N 221 
LEU CD2 HD23 sing N N 222 
LEU OXT HXT  sing N N 223 
LYS N   CA   sing N N 224 
LYS N   H    sing N N 225 
LYS N   H2   sing N N 226 
LYS CA  C    sing N N 227 
LYS CA  CB   sing N N 228 
LYS CA  HA   sing N N 229 
LYS C   O    doub N N 230 
LYS C   OXT  sing N N 231 
LYS CB  CG   sing N N 232 
LYS CB  HB2  sing N N 233 
LYS CB  HB3  sing N N 234 
LYS CG  CD   sing N N 235 
LYS CG  HG2  sing N N 236 
LYS CG  HG3  sing N N 237 
LYS CD  CE   sing N N 238 
LYS CD  HD2  sing N N 239 
LYS CD  HD3  sing N N 240 
LYS CE  NZ   sing N N 241 
LYS CE  HE2  sing N N 242 
LYS CE  HE3  sing N N 243 
LYS NZ  HZ1  sing N N 244 
LYS NZ  HZ2  sing N N 245 
LYS NZ  HZ3  sing N N 246 
LYS OXT HXT  sing N N 247 
MET N   CA   sing N N 248 
MET N   H    sing N N 249 
MET N   H2   sing N N 250 
MET CA  C    sing N N 251 
MET CA  CB   sing N N 252 
MET CA  HA   sing N N 253 
MET C   O    doub N N 254 
MET C   OXT  sing N N 255 
MET CB  CG   sing N N 256 
MET CB  HB2  sing N N 257 
MET CB  HB3  sing N N 258 
MET CG  SD   sing N N 259 
MET CG  HG2  sing N N 260 
MET CG  HG3  sing N N 261 
MET SD  CE   sing N N 262 
MET CE  HE1  sing N N 263 
MET CE  HE2  sing N N 264 
MET CE  HE3  sing N N 265 
MET OXT HXT  sing N N 266 
PHE N   CA   sing N N 267 
PHE N   H    sing N N 268 
PHE N   H2   sing N N 269 
PHE CA  C    sing N N 270 
PHE CA  CB   sing N N 271 
PHE CA  HA   sing N N 272 
PHE C   O    doub N N 273 
PHE C   OXT  sing N N 274 
PHE CB  CG   sing N N 275 
PHE CB  HB2  sing N N 276 
PHE CB  HB3  sing N N 277 
PHE CG  CD1  doub Y N 278 
PHE CG  CD2  sing Y N 279 
PHE CD1 CE1  sing Y N 280 
PHE CD1 HD1  sing N N 281 
PHE CD2 CE2  doub Y N 282 
PHE CD2 HD2  sing N N 283 
PHE CE1 CZ   doub Y N 284 
PHE CE1 HE1  sing N N 285 
PHE CE2 CZ   sing Y N 286 
PHE CE2 HE2  sing N N 287 
PHE CZ  HZ   sing N N 288 
PHE OXT HXT  sing N N 289 
PRO N   CA   sing N N 290 
PRO N   CD   sing N N 291 
PRO N   H    sing N N 292 
PRO CA  C    sing N N 293 
PRO CA  CB   sing N N 294 
PRO CA  HA   sing N N 295 
PRO C   O    doub N N 296 
PRO C   OXT  sing N N 297 
PRO CB  CG   sing N N 298 
PRO CB  HB2  sing N N 299 
PRO CB  HB3  sing N N 300 
PRO CG  CD   sing N N 301 
PRO CG  HG2  sing N N 302 
PRO CG  HG3  sing N N 303 
PRO CD  HD2  sing N N 304 
PRO CD  HD3  sing N N 305 
PRO OXT HXT  sing N N 306 
SER N   CA   sing N N 307 
SER N   H    sing N N 308 
SER N   H2   sing N N 309 
SER CA  C    sing N N 310 
SER CA  CB   sing N N 311 
SER CA  HA   sing N N 312 
SER C   O    doub N N 313 
SER C   OXT  sing N N 314 
SER CB  OG   sing N N 315 
SER CB  HB2  sing N N 316 
SER CB  HB3  sing N N 317 
SER OG  HG   sing N N 318 
SER OXT HXT  sing N N 319 
SO4 S   O1   doub N N 320 
SO4 S   O2   doub N N 321 
SO4 S   O3   sing N N 322 
SO4 S   O4   sing N N 323 
THR N   CA   sing N N 324 
THR N   H    sing N N 325 
THR N   H2   sing N N 326 
THR CA  C    sing N N 327 
THR CA  CB   sing N N 328 
THR CA  HA   sing N N 329 
THR C   O    doub N N 330 
THR C   OXT  sing N N 331 
THR CB  OG1  sing N N 332 
THR CB  CG2  sing N N 333 
THR CB  HB   sing N N 334 
THR OG1 HG1  sing N N 335 
THR CG2 HG21 sing N N 336 
THR CG2 HG22 sing N N 337 
THR CG2 HG23 sing N N 338 
THR OXT HXT  sing N N 339 
TRP N   CA   sing N N 340 
TRP N   H    sing N N 341 
TRP N   H2   sing N N 342 
TRP CA  C    sing N N 343 
TRP CA  CB   sing N N 344 
TRP CA  HA   sing N N 345 
TRP C   O    doub N N 346 
TRP C   OXT  sing N N 347 
TRP CB  CG   sing N N 348 
TRP CB  HB2  sing N N 349 
TRP CB  HB3  sing N N 350 
TRP CG  CD1  doub Y N 351 
TRP CG  CD2  sing Y N 352 
TRP CD1 NE1  sing Y N 353 
TRP CD1 HD1  sing N N 354 
TRP CD2 CE2  doub Y N 355 
TRP CD2 CE3  sing Y N 356 
TRP NE1 CE2  sing Y N 357 
TRP NE1 HE1  sing N N 358 
TRP CE2 CZ2  sing Y N 359 
TRP CE3 CZ3  doub Y N 360 
TRP CE3 HE3  sing N N 361 
TRP CZ2 CH2  doub Y N 362 
TRP CZ2 HZ2  sing N N 363 
TRP CZ3 CH2  sing Y N 364 
TRP CZ3 HZ3  sing N N 365 
TRP CH2 HH2  sing N N 366 
TRP OXT HXT  sing N N 367 
TYR N   CA   sing N N 368 
TYR N   H    sing N N 369 
TYR N   H2   sing N N 370 
TYR CA  C    sing N N 371 
TYR CA  CB   sing N N 372 
TYR CA  HA   sing N N 373 
TYR C   O    doub N N 374 
TYR C   OXT  sing N N 375 
TYR CB  CG   sing N N 376 
TYR CB  HB2  sing N N 377 
TYR CB  HB3  sing N N 378 
TYR CG  CD1  doub Y N 379 
TYR CG  CD2  sing Y N 380 
TYR CD1 CE1  sing Y N 381 
TYR CD1 HD1  sing N N 382 
TYR CD2 CE2  doub Y N 383 
TYR CD2 HD2  sing N N 384 
TYR CE1 CZ   doub Y N 385 
TYR CE1 HE1  sing N N 386 
TYR CE2 CZ   sing Y N 387 
TYR CE2 HE2  sing N N 388 
TYR CZ  OH   sing N N 389 
TYR OH  HH   sing N N 390 
TYR OXT HXT  sing N N 391 
VAL N   CA   sing N N 392 
VAL N   H    sing N N 393 
VAL N   H2   sing N N 394 
VAL CA  C    sing N N 395 
VAL CA  CB   sing N N 396 
VAL CA  HA   sing N N 397 
VAL C   O    doub N N 398 
VAL C   OXT  sing N N 399 
VAL CB  CG1  sing N N 400 
VAL CB  CG2  sing N N 401 
VAL CB  HB   sing N N 402 
VAL CG1 HG11 sing N N 403 
VAL CG1 HG12 sing N N 404 
VAL CG1 HG13 sing N N 405 
VAL CG2 HG21 sing N N 406 
VAL CG2 HG22 sing N N 407 
VAL CG2 HG23 sing N N 408 
VAL OXT HXT  sing N N 409 
# 
_pdbx_initial_refinement_model.id               1 
_pdbx_initial_refinement_model.entity_id_list   ? 
_pdbx_initial_refinement_model.type             'experimental model' 
_pdbx_initial_refinement_model.source_name      PDB 
_pdbx_initial_refinement_model.accession_code   1SXK 
_pdbx_initial_refinement_model.details          ? 
# 
_atom_sites.entry_id                    2OYF 
_atom_sites.fract_transf_matrix[1][1]   0.01100458 
_atom_sites.fract_transf_matrix[1][2]   -0.01505753 
_atom_sites.fract_transf_matrix[1][3]   -0.00419880 
_atom_sites.fract_transf_matrix[2][1]   0.01517175 
_atom_sites.fract_transf_matrix[2][2]   0.00905126 
_atom_sites.fract_transf_matrix[2][3]   0.00730427 
_atom_sites.fract_transf_matrix[3][1]   -0.00411738 
_atom_sites.fract_transf_matrix[3][2]   -0.00824185 
_atom_sites.fract_transf_matrix[3][3]   0.01876534 
_atom_sites.fract_transf_vector[1]      -0.474285 
_atom_sites.fract_transf_vector[2]      0.160617 
_atom_sites.fract_transf_vector[3]      -0.015816 
# 
loop_
_atom_type.symbol 
C 
N 
O 
S 
# 
loop_
_atom_site.group_PDB 
_atom_site.id 
_atom_site.type_symbol 
_atom_site.label_atom_id 
_atom_site.label_alt_id 
_atom_site.label_comp_id 
_atom_site.label_asym_id 
_atom_site.label_entity_id 
_atom_site.label_seq_id 
_atom_site.pdbx_PDB_ins_code 
_atom_site.Cartn_x 
_atom_site.Cartn_y 
_atom_site.Cartn_z 
_atom_site.occupancy 
_atom_site.B_iso_or_equiv 
_atom_site.pdbx_formal_charge 
_atom_site.auth_seq_id 
_atom_site.auth_comp_id 
_atom_site.auth_asym_id 
_atom_site.auth_atom_id 
_atom_site.pdbx_PDB_model_num 
ATOM   1    N N   . SER A 1 1   ? 10.067  -3.823  -3.264  1.00 12.08 ? 1    SER A N   1 
ATOM   2    C CA  . SER A 1 1   ? 9.641   -3.658  -4.685  1.00 12.57 ? 1    SER A CA  1 
ATOM   3    C C   . SER A 1 1   ? 8.144   -3.892  -4.776  1.00 12.47 ? 1    SER A C   1 
ATOM   4    O O   . SER A 1 1   ? 7.533   -4.505  -3.890  1.00 12.27 ? 1    SER A O   1 
ATOM   5    C CB  . SER A 1 1   ? 10.343  -4.669  -5.592  1.00 12.90 ? 1    SER A CB  1 
ATOM   6    O OG  . SER A 1 1   ? 9.847   -5.958  -5.309  1.00 14.54 ? 1    SER A OG  1 
ATOM   7    N N   . LEU A 1 2   ? 7.554   -3.426  -5.858  1.00 13.24 ? 2    LEU A N   1 
ATOM   8    C CA  . LEU A 1 2   ? 6.121   -3.549  -6.123  1.00 15.31 ? 2    LEU A CA  1 
ATOM   9    C C   . LEU A 1 2   ? 5.657   -4.991  -6.105  1.00 15.19 ? 2    LEU A C   1 
ATOM   10   O O   . LEU A 1 2   ? 4.605   -5.299  -5.552  1.00 15.08 ? 2    LEU A O   1 
ATOM   11   C CB  . LEU A 1 2   ? 5.818   -2.939  -7.489  1.00 16.72 ? 2    LEU A CB  1 
ATOM   12   C CG  . LEU A 1 2   ? 4.396   -2.630  -7.946  1.00 20.25 ? 2    LEU A CG  1 
ATOM   13   C CD1 . LEU A 1 2   ? 4.129   -1.178  -7.754  1.00 23.42 ? 2    LEU A CD1 1 
ATOM   14   C CD2 . LEU A 1 2   ? 4.263   -2.927  -9.404  1.00 22.86 ? 2    LEU A CD2 1 
ATOM   15   N N   . LEU A 1 3   ? 6.424   -5.882  -6.718  1.00 15.40 ? 3    LEU A N   1 
ATOM   16   C CA  . LEU A 1 3   ? 6.068   -7.302  -6.727  1.00 15.38 ? 3    LEU A CA  1 
ATOM   17   C C   . LEU A 1 3   ? 6.084   -7.913  -5.328  1.00 14.99 ? 3    LEU A C   1 
ATOM   18   O O   . LEU A 1 3   ? 5.210   -8.719  -4.995  1.00 15.38 ? 3    LEU A O   1 
ATOM   19   C CB  . LEU A 1 3   ? 6.984   -8.085  -7.665  1.00 16.46 ? 3    LEU A CB  1 
ATOM   20   C CG  . LEU A 1 3   ? 6.721   -7.949  -9.166  1.00 19.88 ? 3    LEU A CG  1 
ATOM   21   C CD1 . LEU A 1 3   ? 7.719   -8.792  -9.921  1.00 22.04 ? 3    LEU A CD1 1 
ATOM   22   C CD2 . LEU A 1 3   ? 5.312   -8.374  -9.529  1.00 21.25 ? 3    LEU A CD2 1 
ATOM   23   N N   . GLU A 1 4   ? 7.055   -7.526  -4.504  1.00 14.58 ? 4    GLU A N   1 
ATOM   24   C CA  . GLU A 1 4   ? 7.124   -8.011  -3.121  1.00 14.57 ? 4    GLU A CA  1 
ATOM   25   C C   . GLU A 1 4   ? 5.967   -7.479  -2.297  1.00 13.61 ? 4    GLU A C   1 
ATOM   26   O O   . GLU A 1 4   ? 5.388   -8.197  -1.481  1.00 13.55 ? 4    GLU A O   1 
ATOM   27   C CB  . GLU A 1 4   ? 8.423   -7.582  -2.457  1.00 14.53 ? 4    GLU A CB  1 
ATOM   28   C CG  . GLU A 1 4   ? 9.625   -8.243  -3.064  1.00 15.65 ? 4    GLU A CG  1 
ATOM   29   C CD  . GLU A 1 4   ? 10.931  -7.575  -2.690  1.00 13.41 ? 4    GLU A CD  1 
ATOM   30   O OE1 . GLU A 1 4   ? 10.938  -6.444  -2.137  1.00 14.71 ? 4    GLU A OE1 1 
ATOM   31   O OE2 . GLU A 1 4   ? 11.987  -8.207  -2.937  1.00 15.76 ? 4    GLU A OE2 1 
ATOM   32   N N   . PHE A 1 5   ? 5.634   -6.217  -2.494  1.00 11.85 ? 5    PHE A N   1 
ATOM   33   C CA  . PHE A 1 5   ? 4.470   -5.642  -1.840  1.00 11.43 ? 5    PHE A CA  1 
ATOM   34   C C   . PHE A 1 5   ? 3.232   -6.451  -2.221  1.00 11.48 ? 5    PHE A C   1 
ATOM   35   O O   . PHE A 1 5   ? 2.393   -6.765  -1.377  1.00 11.24 ? 5    PHE A O   1 
ATOM   36   C CB  . PHE A 1 5   ? 4.322   -4.172  -2.255  1.00 11.21 ? 5    PHE A CB  1 
ATOM   37   C CG  . PHE A 1 5   ? 3.192   -3.420  -1.594  1.00 11.09 ? 5    PHE A CG  1 
ATOM   38   C CD1 . PHE A 1 5   ? 2.843   -3.609  -0.253  1.00 11.70 ? 5    PHE A CD1 1 
ATOM   39   C CD2 . PHE A 1 5   ? 2.517   -2.467  -2.320  1.00 12.67 ? 5    PHE A CD2 1 
ATOM   40   C CE1 . PHE A 1 5   ? 1.824   -2.871  0.316   1.00 12.04 ? 5    PHE A CE1 1 
ATOM   41   C CE2 . PHE A 1 5   ? 1.504   -1.733  -1.752  1.00 12.43 ? 5    PHE A CE2 1 
ATOM   42   C CZ  . PHE A 1 5   ? 1.162   -1.938  -0.421  1.00 12.12 ? 5    PHE A CZ  1 
ATOM   43   N N   . GLY A 1 6   ? 3.119   -6.790  -3.496  1.00 11.87 ? 6    GLY A N   1 
ATOM   44   C CA  . GLY A 1 6   ? 1.980   -7.565  -3.988  1.00 12.33 ? 6    GLY A CA  1 
ATOM   45   C C   . GLY A 1 6   ? 1.899   -8.929  -3.333  1.00 13.10 ? 6    GLY A C   1 
ATOM   46   O O   . GLY A 1 6   ? 0.805   -9.406  -2.989  1.00 12.75 ? 6    GLY A O   1 
ATOM   47   N N   . LYS A 1 7   ? 3.032   -9.572  -3.138  1.00 12.96 ? 7    LYS A N   1 
ATOM   48   C CA  . LYS A 1 7   ? 3.060   -10.869 -2.468  1.00 13.99 ? 7    LYS A CA  1 
ATOM   49   C C   . LYS A 1 7   ? 2.680   -10.725 -1.001  1.00 13.17 ? 7    LYS A C   1 
ATOM   50   O O   . LYS A 1 7   ? 1.912   -11.532 -0.468  1.00 13.23 ? 7    LYS A O   1 
ATOM   51   C CB  . LYS A 1 7   ? 4.458   -11.458 -2.604  1.00 14.95 ? 7    LYS A CB  1 
ATOM   52   C CG  . LYS A 1 7   ? 4.715   -12.688 -1.757  1.00 18.26 ? 7    LYS A CG  1 
ATOM   53   C CD  . LYS A 1 7   ? 6.069   -13.294 -2.070  1.00 21.17 ? 7    LYS A CD  1 
ATOM   54   C CE  . LYS A 1 7   ? 6.415   -14.435 -1.121  1.00 24.48 ? 7    LYS A CE  1 
ATOM   55   N NZ  . LYS A 1 7   ? 6.869   -13.959 0.220   1.00 27.26 ? 7    LYS A NZ  1 
ATOM   56   N N   . MET A 1 8   ? 3.164   -9.674  -0.358  1.00 13.20 ? 8    MET A N   1 
ATOM   57   C CA  . MET A 1 8   ? 2.792   -9.380  1.012   1.00 12.35 ? 8    MET A CA  1 
ATOM   58   C C   . MET A 1 8   ? 1.285   -9.111  1.189   1.00 11.96 ? 8    MET A C   1 
ATOM   59   O O   . MET A 1 8   ? 0.648   -9.585  2.145   1.00 11.90 ? 8    MET A O   1 
ATOM   60   C CB  . MET A 1 8   ? 3.606   -8.172  1.470   1.00 12.67 ? 8    MET A CB  1 
ATOM   61   C CG  . MET A 1 8   ? 3.547   -7.901  2.934   1.00 13.93 ? 8    MET A CG  1 
ATOM   62   S SD  . MET A 1 8   ? 4.421   -6.376  3.407   1.00 12.47 ? 8    MET A SD  1 
ATOM   63   C CE  . MET A 1 8   ? 6.144   -6.852  3.356   1.00 14.05 ? 8    MET A CE  1 
ATOM   64   N N   . ILE A 1 9   ? 0.716   -8.380  0.245   1.00 11.04 ? 9    ILE A N   1 
ATOM   65   C CA  . ILE A 1 9   ? -0.712  -8.120  0.238   1.00 11.49 ? 9    ILE A CA  1 
ATOM   66   C C   . ILE A 1 9   ? -1.500  -9.426  0.121   1.00 11.22 ? 9    ILE A C   1 
ATOM   67   O O   . ILE A 1 9   ? -2.477  -9.652  0.860   1.00 11.70 ? 9    ILE A O   1 
ATOM   68   C CB  . ILE A 1 9   ? -1.087  -7.179  -0.917  1.00 11.63 ? 9    ILE A CB  1 
ATOM   69   C CG1 . ILE A 1 9   ? -0.542  -5.780  -0.656  1.00 11.55 ? 9    ILE A CG1 1 
ATOM   70   C CG2 . ILE A 1 9   ? -2.597  -7.088  -1.082  1.00 12.28 ? 9    ILE A CG2 1 
ATOM   71   C CD1 . ILE A 1 9   ? -0.556  -4.893  -1.875  1.00 11.75 ? 9    ILE A CD1 1 
ATOM   72   N N   . LEU A 1 10  ? -1.099  -10.292 -0.808  1.00 11.60 ? 10   LEU A N   1 
ATOM   73   C CA  . LEU A 1 10  ? -1.791  -11.574 -0.967  1.00 11.99 ? 10   LEU A CA  1 
ATOM   74   C C   . LEU A 1 10  ? -1.671  -12.405 0.306   1.00 12.22 ? 10   LEU A C   1 
ATOM   75   O O   . LEU A 1 10  ? -2.659  -12.993 0.780   1.00 12.37 ? 10   LEU A O   1 
ATOM   76   C CB  . LEU A 1 10  ? -1.238  -12.335 -2.166  1.00 13.50 ? 10   LEU A CB  1 
ATOM   77   C CG  . LEU A 1 10  ? -1.811  -13.739 -2.396  1.00 13.87 ? 10   LEU A CG  1 
ATOM   78   C CD1 . LEU A 1 10  ? -3.325  -13.711 -2.591  1.00 16.20 ? 10   LEU A CD1 1 
ATOM   79   C CD2 . LEU A 1 10  ? -1.114  -14.374 -3.583  1.00 16.39 ? 10   LEU A CD2 1 
ATOM   80   N N   . GLU A 1 11  ? -0.481  -12.469 0.877   1.00 12.81 ? 11   GLU A N   1 
ATOM   81   C CA  . GLU A 1 11  ? -0.273  -13.218 2.120   1.00 13.29 ? 11   GLU A CA  1 
ATOM   82   C C   . GLU A 1 11  ? -1.187  -12.751 3.218   1.00 13.11 ? 11   GLU A C   1 
ATOM   83   O O   . GLU A 1 11  ? -1.752  -13.548 3.978   1.00 13.72 ? 11   GLU A O   1 
ATOM   84   C CB  . GLU A 1 11  ? 1.157   -13.048 2.619   1.00 13.38 ? 11   GLU A CB  1 
ATOM   85   C CG  . GLU A 1 11  ? 2.199   -13.776 1.826   1.00 15.99 ? 11   GLU A CG  1 
ATOM   86   C CD  . GLU A 1 11  ? 3.615   -13.480 2.277   1.00 17.59 ? 11   GLU A CD  1 
ATOM   87   O OE1 . GLU A 1 11  ? 3.860   -12.434 2.918   1.00 17.09 ? 11   GLU A OE1 1 
ATOM   88   O OE2 . GLU A 1 11  ? 4.490   -14.300 1.960   1.00 20.22 ? 11   GLU A OE2 1 
ATOM   89   N N   . GLU A 1 12  ? -1.316  -11.441 3.334   1.00 13.08 ? 12   GLU A N   1 
ATOM   90   C CA  . GLU A 1 12  ? -2.040  -10.875 4.436   1.00 13.79 ? 12   GLU A CA  1 
ATOM   91   C C   . GLU A 1 12  ? -3.540  -11.041 4.229   1.00 13.68 ? 12   GLU A C   1 
ATOM   92   O O   . GLU A 1 12  ? -4.257  -11.431 5.158   1.00 14.02 ? 12   GLU A O   1 
ATOM   93   C CB  . GLU A 1 12  ? -1.652  -9.407  4.575   1.00 14.51 ? 12   GLU A CB  1 
ATOM   94   C CG  . GLU A 1 12  ? -1.839  -8.872  5.947   1.00 17.33 ? 12   GLU A CG  1 
ATOM   95   C CD  . GLU A 1 12  ? -0.762  -9.274  6.944   1.00 17.60 ? 12   GLU A CD  1 
ATOM   96   O OE1 . GLU A 1 12  ? -0.859  -8.789  8.084   1.00 24.05 ? 12   GLU A OE1 1 
ATOM   97   O OE2 . GLU A 1 12  ? 0.161   -10.049 6.668   1.00 17.17 ? 12   GLU A OE2 1 
ATOM   98   N N   . THR A 1 13  ? -4.012  -10.774 3.013   1.00 13.35 ? 13   THR A N   1 
ATOM   99   C CA  . THR A 1 13  ? -5.446  -10.605 2.766   1.00 13.90 ? 13   THR A CA  1 
ATOM   100  C C   . THR A 1 13  ? -6.124  -11.733 2.023   1.00 14.04 ? 13   THR A C   1 
ATOM   101  O O   . THR A 1 13  ? -7.341  -11.854 2.104   1.00 15.73 ? 13   THR A O   1 
ATOM   102  C CB  . THR A 1 13  ? -5.748  -9.322  1.960   1.00 13.75 ? 13   THR A CB  1 
ATOM   103  O OG1 . THR A 1 13  ? -5.296  -9.468  0.602   1.00 12.76 ? 13   THR A OG1 1 
ATOM   104  C CG2 . THR A 1 13  ? -5.130  -8.104  2.610   1.00 15.04 ? 13   THR A CG2 1 
ATOM   105  N N   . GLY A 1 14  ? -5.368  -12.532 1.283   1.00 14.03 ? 14   GLY A N   1 
ATOM   106  C CA  . GLY A 1 14  ? -5.953  -13.563 0.413   1.00 14.91 ? 14   GLY A CA  1 
ATOM   107  C C   . GLY A 1 14  ? -6.485  -12.995 -0.883  1.00 16.03 ? 14   GLY A C   1 
ATOM   108  O O   . GLY A 1 14  ? -7.005  -13.705 -1.750  1.00 17.08 ? 14   GLY A O   1 
ATOM   109  N N   . LYS A 1 15  ? -6.376  -11.530 -1.130  1.00 14.44 ? 16   LYS A N   1 
ATOM   110  C CA  . LYS A 1 15  ? -6.688  -10.909 -2.397  1.00 14.64 ? 16   LYS A CA  1 
ATOM   111  C C   . LYS A 1 15  ? -5.412  -10.679 -3.182  1.00 14.49 ? 16   LYS A C   1 
ATOM   112  O O   . LYS A 1 15  ? -4.372  -10.337 -2.611  1.00 14.46 ? 16   LYS A O   1 
ATOM   113  C CB  . LYS A 1 15  ? -7.403  -9.586  -2.165  1.00 14.47 ? 16   LYS A CB  1 
ATOM   114  C CG  . LYS A 1 15  ? -8.762  -9.699  -1.505  1.00 15.43 ? 16   LYS A CG  1 
ATOM   115  C CD  . LYS A 1 15  ? -9.379  -8.326  -1.381  1.00 15.89 ? 16   LYS A CD  1 
ATOM   116  C CE  . LYS A 1 15  ? -10.819 -8.344  -0.907  1.00 17.81 ? 16   LYS A CE  1 
ATOM   117  N NZ  . LYS A 1 15  ? -11.762 -8.876  -1.947  1.00 18.95 ? 16   LYS A NZ  1 
ATOM   118  N N   . LEU A 1 16  ? -5.504  -10.840 -4.497  1.00 14.87 ? 17   LEU A N   1 
ATOM   119  C CA  . LEU A 1 16  ? -4.417  -10.500 -5.393  1.00 15.28 ? 17   LEU A CA  1 
ATOM   120  C C   . LEU A 1 16  ? -4.273  -8.988  -5.468  1.00 14.69 ? 17   LEU A C   1 
ATOM   121  O O   . LEU A 1 16  ? -5.243  -8.275  -5.684  1.00 14.94 ? 17   LEU A O   1 
ATOM   122  C CB  . LEU A 1 16  ? -4.695  -11.047 -6.789  1.00 15.94 ? 17   LEU A CB  1 
ATOM   123  C CG  . LEU A 1 16  ? -4.756  -12.561 -6.937  1.00 18.16 ? 17   LEU A CG  1 
ATOM   124  C CD1 . LEU A 1 16  ? -5.319  -12.937 -8.307  1.00 19.56 ? 17   LEU A CD1 1 
ATOM   125  C CD2 . LEU A 1 16  ? -3.381  -13.163 -6.755  1.00 19.52 ? 17   LEU A CD2 1 
ATOM   126  N N   . ALA A 1 17  ? -3.045  -8.500  -5.335  1.00 14.86 ? 18   ALA A N   1 
ATOM   127  C CA  . ALA A 1 17  ? -2.793  -7.065  -5.380  1.00 14.74 ? 18   ALA A CA  1 
ATOM   128  C C   . ALA A 1 17  ? -3.347  -6.467  -6.669  1.00 14.77 ? 18   ALA A C   1 
ATOM   129  O O   . ALA A 1 17  ? -3.974  -5.419  -6.654  1.00 14.44 ? 18   ALA A O   1 
ATOM   130  C CB  . ALA A 1 17  ? -1.299  -6.783  -5.251  1.00 14.97 ? 18   ALA A CB  1 
ATOM   131  N N   . ILE A 1 18  ? -3.071  -7.136  -7.790  1.00 15.20 ? 19   ILE A N   1 
ATOM   132  C CA  . ILE A 1 18  ? -3.716  -6.856  -9.070  1.00 16.58 ? 19   ILE A CA  1 
ATOM   133  C C   . ILE A 1 18  ? -4.747  -7.978  -9.247  1.00 16.98 ? 19   ILE A C   1 
ATOM   134  O O   . ILE A 1 18  ? -4.361  -9.137  -9.363  1.00 17.28 ? 19   ILE A O   1 
ATOM   135  C CB  . ILE A 1 18  ? -2.704  -6.895  -10.243 1.00 16.54 ? 19   ILE A CB  1 
ATOM   136  C CG1 . ILE A 1 18  ? -1.544  -5.928  -9.982  1.00 18.69 ? 19   ILE A CG1 1 
ATOM   137  C CG2 . ILE A 1 18  ? -3.393  -6.552  -11.570 1.00 17.74 ? 19   ILE A CG2 1 
ATOM   138  C CD1 . ILE A 1 18  ? -0.385  -6.035  -10.946 1.00 20.50 ? 19   ILE A CD1 1 
ATOM   139  N N   . PRO A 1 19  ? -6.044  -7.652  -9.324  1.00 17.23 ? 20   PRO A N   1 
ATOM   140  C CA  . PRO A 1 19  ? -6.693  -6.357  -9.425  1.00 16.59 ? 20   PRO A CA  1 
ATOM   141  C C   . PRO A 1 19  ? -7.287  -5.753  -8.154  1.00 15.93 ? 20   PRO A C   1 
ATOM   142  O O   . PRO A 1 19  ? -7.893  -4.685  -8.250  1.00 16.20 ? 20   PRO A O   1 
ATOM   143  C CB  . PRO A 1 19  ? -7.840  -6.660  -10.393 1.00 17.39 ? 20   PRO A CB  1 
ATOM   144  C CG  . PRO A 1 19  ? -8.282  -8.015  -9.958  1.00 18.70 ? 20   PRO A CG  1 
ATOM   145  C CD  . PRO A 1 19  ? -7.031  -8.741  -9.491  1.00 17.63 ? 20   PRO A CD  1 
ATOM   146  N N   . SER A 1 20  ? -7.160  -6.404  -6.998  1.00 14.27 ? 21   SER A N   1 
ATOM   147  C CA  . SER A 1 20  ? -7.913  -5.941  -5.829  1.00 14.18 ? 21   SER A CA  1 
ATOM   148  C C   . SER A 1 20  ? -7.459  -4.600  -5.266  1.00 13.67 ? 21   SER A C   1 
ATOM   149  O O   . SER A 1 20  ? -8.284  -3.874  -4.709  1.00 14.34 ? 21   SER A O   1 
ATOM   150  C CB  . SER A 1 20  ? -7.913  -6.991  -4.721  1.00 14.00 ? 21   SER A CB  1 
ATOM   151  O OG  . SER A 1 20  ? -8.645  -8.136  -5.126  1.00 15.48 ? 21   SER A OG  1 
ATOM   152  N N   . TYR A 1 21  ? -6.168  -4.291  -5.375  1.00 13.60 ? 22   TYR A N   1 
ATOM   153  C CA  . TYR A 1 21  ? -5.607  -3.081  -4.765  1.00 14.29 ? 22   TYR A CA  1 
ATOM   154  C C   . TYR A 1 21  ? -4.784  -2.216  -5.734  1.00 15.16 ? 22   TYR A C   1 
ATOM   155  O O   . TYR A 1 21  ? -4.109  -1.269  -5.315  1.00 16.85 ? 22   TYR A O   1 
ATOM   156  C CB  . TYR A 1 21  ? -4.728  -3.443  -3.577  1.00 13.79 ? 22   TYR A CB  1 
ATOM   157  C CG  . TYR A 1 21  ? -5.471  -4.069  -2.432  1.00 12.99 ? 22   TYR A CG  1 
ATOM   158  C CD1 . TYR A 1 21  ? -6.161  -3.288  -1.508  1.00 13.12 ? 22   TYR A CD1 1 
ATOM   159  C CD2 . TYR A 1 21  ? -5.458  -5.437  -2.240  1.00 13.47 ? 22   TYR A CD2 1 
ATOM   160  C CE1 . TYR A 1 21  ? -6.837  -3.870  -0.439  1.00 13.42 ? 22   TYR A CE1 1 
ATOM   161  C CE2 . TYR A 1 21  ? -6.108  -6.013  -1.183  1.00 12.77 ? 22   TYR A CE2 1 
ATOM   162  C CZ  . TYR A 1 21  ? -6.805  -5.226  -0.283  1.00 12.28 ? 22   TYR A CZ  1 
ATOM   163  O OH  . TYR A 1 21  ? -7.457  -5.819  0.773   1.00 13.05 ? 22   TYR A OH  1 
ATOM   164  N N   . SER A 1 22  ? -4.836  -2.520  -7.028  1.00 15.42 ? 23   SER A N   1 
ATOM   165  C CA  . SER A 1 22  ? -4.032  -1.815  -8.032  1.00 16.08 ? 23   SER A CA  1 
ATOM   166  C C   . SER A 1 22  ? -4.743  -0.602  -8.622  1.00 16.24 ? 23   SER A C   1 
ATOM   167  O O   . SER A 1 22  ? -4.105  0.227   -9.271  1.00 16.54 ? 23   SER A O   1 
ATOM   168  C CB  . SER A 1 22  ? -3.664  -2.774  -9.175  1.00 17.03 ? 23   SER A CB  1 
ATOM   169  O OG  . SER A 1 22  ? -4.812  -3.426  -9.666  1.00 18.97 ? 23   SER A OG  1 
ATOM   170  N N   . SER A 1 23  ? -6.053  -0.507  -8.435  1.00 15.59 ? 24   SER A N   1 
ATOM   171  C CA  . SER A 1 23  ? -6.846  0.591   -8.987  1.00 16.52 ? 24   SER A CA  1 
ATOM   172  C C   . SER A 1 23  ? -8.000  1.003   -8.063  1.00 16.39 ? 24   SER A C   1 
ATOM   173  O O   . SER A 1 23  ? -9.026  1.523   -8.513  1.00 18.39 ? 24   SER A O   1 
ATOM   174  C CB  . SER A 1 23  ? -7.404  0.198   -10.357 1.00 16.91 ? 24   SER A CB  1 
ATOM   175  O OG  . SER A 1 23  ? -8.371  -0.823  -10.216 1.00 19.92 ? 24   SER A OG  1 
ATOM   176  N N   . TYR A 1 24  ? -7.804  0.823   -6.766  1.00 15.33 ? 25   TYR A N   1 
ATOM   177  C CA  . TYR A 1 24  ? -8.883  0.973   -5.802  1.00 14.23 ? 25   TYR A CA  1 
ATOM   178  C C   . TYR A 1 24  ? -8.971  2.406   -5.304  1.00 13.74 ? 25   TYR A C   1 
ATOM   179  O O   . TYR A 1 24  ? -7.970  2.993   -4.880  1.00 13.96 ? 25   TYR A O   1 
ATOM   180  C CB  . TYR A 1 24  ? -8.647  0.014   -4.654  1.00 14.06 ? 25   TYR A CB  1 
ATOM   181  C CG  . TYR A 1 24  ? -9.757  -0.107  -3.640  1.00 13.31 ? 25   TYR A CG  1 
ATOM   182  C CD1 . TYR A 1 24  ? -9.903  0.834   -2.629  1.00 12.93 ? 25   TYR A CD1 1 
ATOM   183  C CD2 . TYR A 1 24  ? -10.597 -1.214  -3.636  1.00 13.15 ? 25   TYR A CD2 1 
ATOM   184  C CE1 . TYR A 1 24  ? -10.900 0.711   -1.668  1.00 12.80 ? 25   TYR A CE1 1 
ATOM   185  C CE2 . TYR A 1 24  ? -11.599 -1.357  -2.671  1.00 13.72 ? 25   TYR A CE2 1 
ATOM   186  C CZ  . TYR A 1 24  ? -11.730 -0.395  -1.686  1.00 12.17 ? 25   TYR A CZ  1 
ATOM   187  O OH  . TYR A 1 24  ? -12.709 -0.556  -0.737  1.00 12.79 ? 25   TYR A OH  1 
ATOM   188  N N   . GLY A 1 25  ? -10.164 2.991   -5.391  1.00 13.63 ? 26   GLY A N   1 
ATOM   189  C CA  . GLY A 1 25  ? -10.389 4.307   -4.834  1.00 13.61 ? 26   GLY A CA  1 
ATOM   190  C C   . GLY A 1 25  ? -9.513  5.363   -5.472  1.00 13.45 ? 26   GLY A C   1 
ATOM   191  O O   . GLY A 1 25  ? -9.147  5.271   -6.659  1.00 13.97 ? 26   GLY A O   1 
ATOM   192  N N   . CYS A 1 26  ? -9.160  6.366   -4.685  1.00 13.21 ? 27   CYS A N   1 
ATOM   193  C CA  . CYS A 1 26  ? -8.399  7.494   -5.167  1.00 13.81 ? 27   CYS A CA  1 
ATOM   194  C C   . CYS A 1 26  ? -6.903  7.334   -5.017  1.00 13.59 ? 27   CYS A C   1 
ATOM   195  O O   . CYS A 1 26  ? -6.156  8.036   -5.705  1.00 14.80 ? 27   CYS A O   1 
ATOM   196  C CB  . CYS A 1 26  ? -8.853  8.771   -4.469  1.00 13.85 ? 27   CYS A CB  1 
ATOM   197  S SG  . CYS A 1 26  ? -10.549 9.237   -4.890  1.00 15.79 ? 27   CYS A SG  1 
ATOM   198  N N   . TYR A 1 27  ? -6.447  6.445   -4.131  1.00 13.45 ? 28   TYR A N   1 
ATOM   199  C CA  . TYR A 1 27  ? -5.020  6.376   -3.789  1.00 13.89 ? 28   TYR A CA  1 
ATOM   200  C C   . TYR A 1 27  ? -4.326  5.049   -4.037  1.00 14.78 ? 28   TYR A C   1 
ATOM   201  O O   . TYR A 1 27  ? -3.096  5.002   -4.038  1.00 15.38 ? 28   TYR A O   1 
ATOM   202  C CB  . TYR A 1 27  ? -4.791  6.831   -2.347  1.00 13.77 ? 28   TYR A CB  1 
ATOM   203  C CG  . TYR A 1 27  ? -5.048  8.303   -2.233  1.00 13.50 ? 28   TYR A CG  1 
ATOM   204  C CD1 . TYR A 1 27  ? -6.307  8.787   -1.905  1.00 13.05 ? 28   TYR A CD1 1 
ATOM   205  C CD2 . TYR A 1 27  ? -4.054  9.217   -2.535  1.00 13.72 ? 28   TYR A CD2 1 
ATOM   206  C CE1 . TYR A 1 27  ? -6.556  10.133  -1.843  1.00 14.04 ? 28   TYR A CE1 1 
ATOM   207  C CE2 . TYR A 1 27  ? -4.292  10.578  -2.481  1.00 14.09 ? 28   TYR A CE2 1 
ATOM   208  C CZ  . TYR A 1 27  ? -5.545  11.036  -2.127  1.00 14.18 ? 28   TYR A CZ  1 
ATOM   209  O OH  . TYR A 1 27  ? -5.761  12.404  -2.082  1.00 14.76 ? 28   TYR A OH  1 
ATOM   210  N N   . CYS A 1 28  ? -5.068  3.974   -4.246  1.00 15.29 ? 29   CYS A N   1 
ATOM   211  C CA  . CYS A 1 28  ? -4.427  2.676   -4.425  1.00 16.94 ? 29   CYS A CA  1 
ATOM   212  C C   . CYS A 1 28  ? -4.042  2.492   -5.861  1.00 20.08 ? 29   CYS A C   1 
ATOM   213  O O   . CYS A 1 28  ? -4.883  2.600   -6.757  1.00 22.12 ? 29   CYS A O   1 
ATOM   214  C CB  . CYS A 1 28  ? -5.347  1.531   -4.059  1.00 15.96 ? 29   CYS A CB  1 
ATOM   215  S SG  . CYS A 1 28  ? -5.946  1.578   -2.396  1.00 13.67 ? 29   CYS A SG  1 
ATOM   216  N N   . GLY A 1 29  ? -2.774  2.185   -6.087  1.00 22.71 ? 30   GLY A N   1 
ATOM   217  C CA  . GLY A 1 29  ? -2.351  1.796   -7.415  1.00 25.02 ? 30   GLY A CA  1 
ATOM   218  C C   . GLY A 1 29  ? -1.961  2.932   -8.325  1.00 27.06 ? 30   GLY A C   1 
ATOM   219  O O   . GLY A 1 29  ? -1.315  2.694   -9.337  1.00 28.20 ? 30   GLY A O   1 
ATOM   220  N N   . TRP A 1 30  ? -2.358  4.158   -8.001  1.00 29.08 ? 31   TRP A N   1 
ATOM   221  C CA  . TRP A 1 30  ? -1.853  5.313   -8.743  1.00 30.51 ? 31   TRP A CA  1 
ATOM   222  C C   . TRP A 1 30  ? -1.796  6.618   -7.937  1.00 30.86 ? 31   TRP A C   1 
ATOM   223  O O   . TRP A 1 30  ? -1.041  7.524   -8.295  1.00 31.88 ? 31   TRP A O   1 
ATOM   224  C CB  . TRP A 1 30  ? -2.625  5.512   -10.051 1.00 31.67 ? 31   TRP A CB  1 
ATOM   225  C CG  . TRP A 1 30  ? -1.733  5.546   -11.270 1.00 32.52 ? 31   TRP A CG  1 
ATOM   226  C CD1 . TRP A 1 30  ? -0.807  4.606   -11.630 1.00 33.33 ? 31   TRP A CD1 1 
ATOM   227  C CD2 . TRP A 1 30  ? -1.685  6.556   -12.285 1.00 33.66 ? 31   TRP A CD2 1 
ATOM   228  N NE1 . TRP A 1 30  ? -0.182  4.969   -12.790 1.00 33.82 ? 31   TRP A NE1 1 
ATOM   229  C CE2 . TRP A 1 30  ? -0.702  6.160   -13.218 1.00 33.73 ? 31   TRP A CE2 1 
ATOM   230  C CE3 . TRP A 1 30  ? -2.372  7.757   -12.497 1.00 33.69 ? 31   TRP A CE3 1 
ATOM   231  C CZ2 . TRP A 1 30  ? -0.392  6.919   -14.344 1.00 33.48 ? 31   TRP A CZ2 1 
ATOM   232  C CZ3 . TRP A 1 30  ? -2.060  8.511   -13.619 1.00 33.45 ? 31   TRP A CZ3 1 
ATOM   233  C CH2 . TRP A 1 30  ? -1.079  8.089   -14.524 1.00 33.26 ? 31   TRP A CH2 1 
ATOM   234  N N   . GLY A 1 31  ? -2.577  6.716   -6.859  1.00 30.84 ? 32   GLY A N   1 
ATOM   235  C CA  . GLY A 1 31  ? -2.524  7.875   -5.980  1.00 30.45 ? 32   GLY A CA  1 
ATOM   236  C C   . GLY A 1 31  ? -2.881  9.149   -6.700  1.00 29.96 ? 32   GLY A C   1 
ATOM   237  O O   . GLY A 1 31  ? -3.247  9.135   -7.877  1.00 30.69 ? 32   GLY A O   1 
ATOM   238  N N   . GLY A 1 32  ? -2.773  10.256  -5.980  1.00 29.04 ? 33   GLY A N   1 
ATOM   239  C CA  . GLY A 1 32  ? -2.948  11.568  -6.574  1.00 28.00 ? 33   GLY A CA  1 
ATOM   240  C C   . GLY A 1 32  ? -3.662  12.567  -5.689  1.00 27.07 ? 33   GLY A C   1 
ATOM   241  O O   . GLY A 1 32  ? -3.032  13.318  -4.943  1.00 27.50 ? 33   GLY A O   1 
ATOM   242  N N   . LYS A 1 33  ? -4.986  12.587  -5.793  1.00 25.37 ? 34   LYS A N   1 
ATOM   243  C CA  . LYS A 1 33  ? -5.795  13.629  -5.176  1.00 23.63 ? 34   LYS A CA  1 
ATOM   244  C C   . LYS A 1 33  ? -7.095  13.041  -4.687  1.00 21.31 ? 34   LYS A C   1 
ATOM   245  O O   . LYS A 1 33  ? -7.380  11.865  -4.913  1.00 20.67 ? 34   LYS A O   1 
ATOM   246  C CB  . LYS A 1 33  ? -6.071  14.760  -6.179  1.00 24.06 ? 34   LYS A CB  1 
ATOM   247  C CG  . LYS A 1 33  ? -4.806  15.384  -6.751  1.00 26.01 ? 34   LYS A CG  1 
ATOM   248  C CD  . LYS A 1 33  ? -5.089  16.659  -7.524  1.00 28.75 ? 34   LYS A CD  1 
ATOM   249  C CE  . LYS A 1 33  ? -3.832  17.174  -8.222  1.00 30.24 ? 34   LYS A CE  1 
ATOM   250  N NZ  . LYS A 1 33  ? -3.287  16.216  -9.236  1.00 31.90 ? 34   LYS A NZ  1 
ATOM   251  N N   . GLY A 1 34  ? -7.870  13.864  -3.995  1.00 19.28 ? 35   GLY A N   1 
ATOM   252  C CA  . GLY A 1 34  ? -9.182  13.465  -3.547  1.00 18.58 ? 35   GLY A CA  1 
ATOM   253  C C   . GLY A 1 34  ? -9.235  13.057  -2.098  1.00 16.94 ? 35   GLY A C   1 
ATOM   254  O O   . GLY A 1 34  ? -8.207  12.838  -1.437  1.00 16.22 ? 35   GLY A O   1 
ATOM   255  N N   . THR A 1 35  ? -10.453 12.955  -1.601  1.00 16.50 ? 36   THR A N   1 
ATOM   256  C CA  . THR A 1 35  ? -10.687 12.414  -0.284  1.00 16.31 ? 36   THR A CA  1 
ATOM   257  C C   . THR A 1 35  ? -10.746 10.899  -0.420  1.00 15.20 ? 36   THR A C   1 
ATOM   258  O O   . THR A 1 35  ? -11.557 10.369  -1.182  1.00 15.31 ? 36   THR A O   1 
ATOM   259  C CB  . THR A 1 35  ? -11.999 12.940  0.297   1.00 16.53 ? 36   THR A CB  1 
ATOM   260  O OG1 . THR A 1 35  ? -11.914 14.366  0.431   1.00 19.32 ? 36   THR A OG1 1 
ATOM   261  C CG2 . THR A 1 35  ? -12.292 12.309  1.654   1.00 17.87 ? 36   THR A CG2 1 
ATOM   262  N N   . PRO A 1 36  ? -9.876  10.177  0.308   1.00 14.15 ? 37   PRO A N   1 
ATOM   263  C CA  . PRO A 1 36  ? -9.943  8.721   0.209   1.00 13.57 ? 37   PRO A CA  1 
ATOM   264  C C   . PRO A 1 36  ? -11.357 8.190   0.426   1.00 13.44 ? 37   PRO A C   1 
ATOM   265  O O   . PRO A 1 36  ? -12.100 8.710   1.269   1.00 14.48 ? 37   PRO A O   1 
ATOM   266  C CB  . PRO A 1 36  ? -8.987  8.247   1.312   1.00 13.42 ? 37   PRO A CB  1 
ATOM   267  C CG  . PRO A 1 36  ? -8.018  9.365   1.457   1.00 13.89 ? 37   PRO A CG  1 
ATOM   268  C CD  . PRO A 1 36  ? -8.822  10.612  1.240   1.00 13.60 ? 37   PRO A CD  1 
ATOM   269  N N   . LYS A 1 37  ? -11.727 7.168   -0.324  1.00 12.94 ? 38   LYS A N   1 
ATOM   270  C CA  . LYS A 1 37  ? -13.104 6.725   -0.340  1.00 13.46 ? 38   LYS A CA  1 
ATOM   271  C C   . LYS A 1 37  ? -13.541 5.941   0.885   1.00 12.95 ? 38   LYS A C   1 
ATOM   272  O O   . LYS A 1 37  ? -14.734 5.926   1.211   1.00 14.13 ? 38   LYS A O   1 
ATOM   273  C CB  . LYS A 1 37  ? -13.347 5.848   -1.560  1.00 13.90 ? 38   LYS A CB  1 
ATOM   274  C CG  . LYS A 1 37  ? -13.083 6.511   -2.910  1.00 15.60 ? 38   LYS A CG  1 
ATOM   275  C CD  . LYS A 1 37  ? -13.748 7.876   -3.041  1.00 17.42 ? 38   LYS A CD  1 
ATOM   276  C CE  . LYS A 1 37  ? -15.258 7.803   -2.876  1.00 17.58 ? 38   LYS A CE  1 
ATOM   277  N NZ  . LYS A 1 37  ? -15.912 9.118   -3.077  1.00 20.90 ? 38   LYS A NZ  1 
ATOM   278  N N   . ASP A 1 38  ? -12.605 5.272   1.553   1.00 12.26 ? 39   ASP A N   1 
ATOM   279  C CA  . ASP A 1 38  ? -12.918 4.422   2.689   1.00 12.11 ? 39   ASP A CA  1 
ATOM   280  C C   . ASP A 1 38  ? -11.610 4.083   3.397   1.00 11.36 ? 39   ASP A C   1 
ATOM   281  O O   . ASP A 1 38  ? -10.549 4.604   3.045   1.00 11.03 ? 39   ASP A O   1 
ATOM   282  C CB  . ASP A 1 38  ? -13.687 3.168   2.247   1.00 12.30 ? 39   ASP A CB  1 
ATOM   283  C CG  . ASP A 1 38  ? -12.866 2.214   1.407   1.00 11.95 ? 39   ASP A CG  1 
ATOM   284  O OD1 . ASP A 1 38  ? -11.688 2.502   1.104   1.00 11.85 ? 39   ASP A OD1 1 
ATOM   285  O OD2 . ASP A 1 38  ? -13.408 1.142   1.076   1.00 12.68 ? 39   ASP A OD2 1 
ATOM   286  N N   . ALA A 1 39  ? -11.679 3.221   4.397   1.00 11.47 ? 40   ALA A N   1 
ATOM   287  C CA  . ALA A 1 39  ? -10.499 2.905   5.186   1.00 11.31 ? 40   ALA A CA  1 
ATOM   288  C C   . ALA A 1 39  ? -9.401  2.242   4.348   1.00 10.81 ? 40   ALA A C   1 
ATOM   289  O O   . ALA A 1 39  ? -8.222  2.547   4.539   1.00 11.04 ? 40   ALA A O   1 
ATOM   290  C CB  . ALA A 1 39  ? -10.859 2.047   6.374   1.00 11.86 ? 40   ALA A CB  1 
ATOM   291  N N   . THR A 1 40  ? -9.768  1.330   3.454   1.00 10.66 ? 41   THR A N   1 
ATOM   292  C CA  . THR A 1 40  ? -8.796  0.697   2.574   1.00 10.77 ? 41   THR A CA  1 
ATOM   293  C C   . THR A 1 40  ? -8.082  1.754   1.740   1.00 10.11 ? 41   THR A C   1 
ATOM   294  O O   . THR A 1 40  ? -6.852  1.729   1.608   1.00 10.38 ? 41   THR A O   1 
ATOM   295  C CB  . THR A 1 40  ? -9.461  -0.358  1.679   1.00 10.43 ? 41   THR A CB  1 
ATOM   296  O OG1 . THR A 1 40  ? -9.864  -1.468  2.484   1.00 11.63 ? 41   THR A OG1 1 
ATOM   297  C CG2 . THR A 1 40  ? -8.509  -0.857  0.617   1.00 10.85 ? 41   THR A CG2 1 
ATOM   298  N N   . ASP A 1 41  ? -8.829  2.687   1.169   1.00 10.08 ? 42   ASP A N   1 
ATOM   299  C CA  . ASP A 1 41  ? -8.225  3.757   0.386   1.00 10.31 ? 42   ASP A CA  1 
ATOM   300  C C   . ASP A 1 41  ? -7.309  4.614   1.272   1.00 10.32 ? 42   ASP A C   1 
ATOM   301  O O   . ASP A 1 41  ? -6.251  5.068   0.819   1.00 10.62 ? 42   ASP A O   1 
ATOM   302  C CB  . ASP A 1 41  ? -9.321  4.611   -0.265  1.00 10.71 ? 42   ASP A CB  1 
ATOM   303  C CG  . ASP A 1 41  ? -8.860  5.371   -1.493  1.00 11.49 ? 42   ASP A CG  1 
ATOM   304  O OD1 . ASP A 1 41  ? -7.749  5.122   -2.011  1.00 12.94 ? 42   ASP A OD1 1 
ATOM   305  O OD2 . ASP A 1 41  ? -9.634  6.243   -1.923  1.00 12.23 ? 42   ASP A OD2 1 
ATOM   306  N N   . ARG A 1 42  ? -7.678  4.811   2.541   1.00 10.30 ? 43   ARG A N   1 
ATOM   307  C CA  . ARG A 1 42  ? -6.811  5.550   3.465   1.00 10.75 ? 43   ARG A CA  1 
ATOM   308  C C   . ARG A 1 42  ? -5.509  4.783   3.703   1.00 10.40 ? 43   ARG A C   1 
ATOM   309  O O   . ARG A 1 42  ? -4.463  5.397   3.860   1.00 10.67 ? 43   ARG A O   1 
ATOM   310  C CB  . ARG A 1 42  ? -7.522  5.892   4.778   1.00 10.82 ? 43   ARG A CB  1 
ATOM   311  C CG  . ARG A 1 42  ? -8.585  6.955   4.610   1.00 10.86 ? 43   ARG A CG  1 
ATOM   312  C CD  . ARG A 1 42  ? -9.089  7.495   5.935   1.00 11.99 ? 43   ARG A CD  1 
ATOM   313  N NE  . ARG A 1 42  ? -9.893  6.541   6.668   1.00 12.05 ? 43   ARG A NE  1 
ATOM   314  C CZ  . ARG A 1 42  ? -11.194 6.343   6.480   1.00 13.25 ? 43   ARG A CZ  1 
ATOM   315  N NH1 . ARG A 1 42  ? -11.859 6.981   5.531   1.00 13.26 ? 43   ARG A NH1 1 
ATOM   316  N NH2 . ARG A 1 42  ? -11.812 5.458   7.217   1.00 13.19 ? 43   ARG A NH2 1 
ATOM   317  N N   . CYS A 1 43  ? -5.542  3.458   3.695   1.00 10.38 ? 44   CYS A N   1 
ATOM   318  C CA  . CYS A 1 43  ? -4.285  2.699   3.759   1.00 10.34 ? 44   CYS A CA  1 
ATOM   319  C C   . CYS A 1 43  ? -3.375  3.100   2.615   1.00 10.32 ? 44   CYS A C   1 
ATOM   320  O O   . CYS A 1 43  ? -2.168  3.281   2.798   1.00 10.42 ? 44   CYS A O   1 
ATOM   321  C CB  . CYS A 1 43  ? -4.530  1.194   3.638   1.00 10.86 ? 44   CYS A CB  1 
ATOM   322  S SG  . CYS A 1 43  ? -5.578  0.426   4.882   1.00 11.03 ? 44   CYS A SG  1 
ATOM   323  N N   . CYS A 1 44  ? -3.947  3.220   1.421   1.00 10.62 ? 45   CYS A N   1 
ATOM   324  C CA  . CYS A 1 44  ? -3.168  3.611   0.269   1.00 10.55 ? 45   CYS A CA  1 
ATOM   325  C C   . CYS A 1 44  ? -2.700  5.057   0.331   1.00 10.62 ? 45   CYS A C   1 
ATOM   326  O O   . CYS A 1 44  ? -1.581  5.357   -0.093  1.00 10.78 ? 45   CYS A O   1 
ATOM   327  C CB  . CYS A 1 44  ? -3.960  3.352   -1.011  1.00 11.28 ? 45   CYS A CB  1 
ATOM   328  S SG  . CYS A 1 44  ? -4.229  1.614   -1.294  1.00 13.04 ? 45   CYS A SG  1 
ATOM   329  N N   . PHE A 1 45  ? -3.544  5.949   0.831   1.00 10.48 ? 46   PHE A N   1 
ATOM   330  C CA  . PHE A 1 45  ? -3.137  7.326   1.025   1.00 10.42 ? 46   PHE A CA  1 
ATOM   331  C C   . PHE A 1 45  ? -1.898  7.397   1.916   1.00 10.20 ? 46   PHE A C   1 
ATOM   332  O O   . PHE A 1 45  ? -0.895  8.058   1.584   1.00 10.55 ? 46   PHE A O   1 
ATOM   333  C CB  . PHE A 1 45  ? -4.270  8.133   1.658   1.00 11.27 ? 46   PHE A CB  1 
ATOM   334  C CG  . PHE A 1 45  ? -3.881  9.544   1.943   1.00 11.92 ? 46   PHE A CG  1 
ATOM   335  C CD1 . PHE A 1 45  ? -3.957  10.496  0.955   1.00 14.27 ? 46   PHE A CD1 1 
ATOM   336  C CD2 . PHE A 1 45  ? -3.382  9.931   3.175   1.00 14.21 ? 46   PHE A CD2 1 
ATOM   337  C CE1 . PHE A 1 45  ? -3.561  11.808  1.177   1.00 15.84 ? 46   PHE A CE1 1 
ATOM   338  C CE2 . PHE A 1 45  ? -2.992  11.251  3.397   1.00 14.23 ? 46   PHE A CE2 1 
ATOM   339  C CZ  . PHE A 1 45  ? -3.086  12.172  2.393   1.00 15.20 ? 46   PHE A CZ  1 
ATOM   340  N N   . VAL A 1 46  ? -1.956  6.726   3.058   1.00 9.84  ? 47   VAL A N   1 
ATOM   341  C CA  . VAL A 1 46  ? -0.827  6.740   3.978   1.00 9.63  ? 47   VAL A CA  1 
ATOM   342  C C   . VAL A 1 46  ? 0.393   6.072   3.361   1.00 9.87  ? 47   VAL A C   1 
ATOM   343  O O   . VAL A 1 46  ? 1.509   6.546   3.536   1.00 10.17 ? 47   VAL A O   1 
ATOM   344  C CB  . VAL A 1 46  ? -1.219  6.083   5.314   1.00 10.63 ? 47   VAL A CB  1 
ATOM   345  C CG1 . VAL A 1 46  ? -0.015  5.924   6.227   1.00 10.26 ? 47   VAL A CG1 1 
ATOM   346  C CG2 . VAL A 1 46  ? -2.286  6.937   6.015   1.00 10.59 ? 47   VAL A CG2 1 
ATOM   347  N N   . HIS A 1 47  ? 0.193   4.986   2.624   1.00 9.67  ? 48   HIS A N   1 
ATOM   348  C CA  . HIS A 1 47  ? 1.286   4.304   1.966   1.00 9.90  ? 48   HIS A CA  1 
ATOM   349  C C   . HIS A 1 47  ? 1.954   5.215   0.954   1.00 9.64  ? 48   HIS A C   1 
ATOM   350  O O   . HIS A 1 47  ? 3.180   5.247   0.862   1.00 9.77  ? 48   HIS A O   1 
ATOM   351  C CB  . HIS A 1 47  ? 0.748   3.050   1.304   1.00 9.89  ? 48   HIS A CB  1 
ATOM   352  C CG  . HIS A 1 47  ? 1.803   2.184   0.699   1.00 9.70  ? 48   HIS A CG  1 
ATOM   353  N ND1 . HIS A 1 47  ? 1.904   1.995   -0.655  1.00 10.79 ? 48   HIS A ND1 1 
ATOM   354  C CD2 . HIS A 1 47  ? 2.775   1.430   1.264   1.00 9.65  ? 48   HIS A CD2 1 
ATOM   355  C CE1 . HIS A 1 47  ? 2.917   1.177   -0.903  1.00 11.05 ? 48   HIS A CE1 1 
ATOM   356  N NE2 . HIS A 1 47  ? 3.459   0.814   0.244   1.00 10.15 ? 48   HIS A NE2 1 
ATOM   357  N N   . ASP A 1 48  ? 1.161   5.966   0.204   1.00 9.90  ? 49   ASP A N   1 
ATOM   358  C CA  . ASP A 1 48  ? 1.698   6.925   -0.738  1.00 10.58 ? 49   ASP A CA  1 
ATOM   359  C C   . ASP A 1 48  ? 2.511   8.006   -0.014  1.00 9.97  ? 49   ASP A C   1 
ATOM   360  O O   . ASP A 1 48  ? 3.613   8.353   -0.433  1.00 10.58 ? 49   ASP A O   1 
ATOM   361  C CB  . ASP A 1 48  ? 0.580   7.585   -1.543  1.00 11.31 ? 49   ASP A CB  1 
ATOM   362  C CG  . ASP A 1 48  ? -0.181  6.616   -2.441  1.00 13.02 ? 49   ASP A CG  1 
ATOM   363  O OD1 . ASP A 1 48  ? 0.285   5.496   -2.715  1.00 14.75 ? 49   ASP A OD1 1 
ATOM   364  O OD2 . ASP A 1 48  ? -1.308  6.996   -2.868  1.00 16.44 ? 49   ASP A OD2 1 
ATOM   365  N N   . CYS A 1 49  ? 1.992   8.530   1.090   1.00 9.92  ? 50   CYS A N   1 
ATOM   366  C CA  . CYS A 1 49  ? 2.742   9.461   1.919   1.00 10.35 ? 50   CYS A CA  1 
ATOM   367  C C   . CYS A 1 49  ? 4.049   8.853   2.413   1.00 10.41 ? 50   CYS A C   1 
ATOM   368  O O   . CYS A 1 49  ? 5.074   9.525   2.480   1.00 11.06 ? 50   CYS A O   1 
ATOM   369  C CB  . CYS A 1 49  ? 1.908   9.908   3.120   1.00 10.62 ? 50   CYS A CB  1 
ATOM   370  S SG  . CYS A 1 49  ? 0.424   10.862  2.722   1.00 12.25 ? 50   CYS A SG  1 
ATOM   371  N N   . CYS A 1 50  ? 3.993   7.588   2.800   1.00 10.14 ? 51   CYS A N   1 
ATOM   372  C CA  . CYS A 1 50  ? 5.135   6.874   3.350   1.00 10.47 ? 51   CYS A CA  1 
ATOM   373  C C   . CYS A 1 50  ? 6.235   6.784   2.294   1.00 10.47 ? 51   CYS A C   1 
ATOM   374  O O   . CYS A 1 50  ? 7.393   7.122   2.564   1.00 10.84 ? 51   CYS A O   1 
ATOM   375  C CB  . CYS A 1 50  ? 4.700   5.498   3.832   1.00 10.09 ? 51   CYS A CB  1 
ATOM   376  S SG  . CYS A 1 50  ? 5.830   4.700   4.989   1.00 10.39 ? 51   CYS A SG  1 
ATOM   377  N N   . TYR A 1 51  ? 5.884   6.415   1.073   1.00 10.51 ? 52   TYR A N   1 
ATOM   378  C CA  . TYR A 1 51  ? 6.834   6.445   -0.022  1.00 10.74 ? 52   TYR A CA  1 
ATOM   379  C C   . TYR A 1 51  ? 7.304   7.861   -0.294  1.00 11.42 ? 52   TYR A C   1 
ATOM   380  O O   . TYR A 1 51  ? 8.466   8.068   -0.637  1.00 11.83 ? 52   TYR A O   1 
ATOM   381  C CB  . TYR A 1 51  ? 6.210   5.872   -1.285  1.00 10.63 ? 52   TYR A CB  1 
ATOM   382  C CG  . TYR A 1 51  ? 6.147   4.367   -1.392  1.00 10.76 ? 52   TYR A CG  1 
ATOM   383  C CD1 . TYR A 1 51  ? 6.537   3.517   -0.366  1.00 10.22 ? 52   TYR A CD1 1 
ATOM   384  C CD2 . TYR A 1 51  ? 5.696   3.807   -2.562  1.00 11.43 ? 52   TYR A CD2 1 
ATOM   385  C CE1 . TYR A 1 51  ? 6.474   2.140   -0.531  1.00 10.81 ? 52   TYR A CE1 1 
ATOM   386  C CE2 . TYR A 1 51  ? 5.634   2.453   -2.734  1.00 11.76 ? 52   TYR A CE2 1 
ATOM   387  C CZ  . TYR A 1 51  ? 6.025   1.621   -1.721  1.00 10.43 ? 52   TYR A CZ  1 
ATOM   388  O OH  . TYR A 1 51  ? 5.939   0.255   -1.920  1.00 11.13 ? 52   TYR A OH  1 
ATOM   389  N N   . GLY A 1 52  ? 6.407   8.837   -0.159  1.00 12.55 ? 53   GLY A N   1 
ATOM   390  C CA  . GLY A 1 52  ? 6.755   10.253  -0.326  1.00 13.59 ? 53   GLY A CA  1 
ATOM   391  C C   . GLY A 1 52  ? 7.788   10.744  0.672   1.00 13.96 ? 53   GLY A C   1 
ATOM   392  O O   . GLY A 1 52  ? 8.530   11.702  0.375   1.00 16.13 ? 53   GLY A O   1 
ATOM   393  N N   . ASN A 1 53  ? 7.855   10.106  1.833   1.00 13.83 ? 54   ASN A N   1 
ATOM   394  C CA  . ASN A 1 53  ? 8.871   10.379  2.846   1.00 14.34 ? 54   ASN A CA  1 
ATOM   395  C C   . ASN A 1 53  ? 10.291  9.968   2.370   1.00 13.62 ? 54   ASN A C   1 
ATOM   396  O O   . ASN A 1 53  ? 11.284  10.318  3.024   1.00 14.58 ? 54   ASN A O   1 
ATOM   397  C CB  . ASN A 1 53  ? 8.561   9.616   4.168   1.00 15.17 ? 54   ASN A CB  1 
ATOM   398  C CG  . ASN A 1 53  ? 7.214   10.009  4.852   1.00 16.54 ? 54   ASN A CG  1 
ATOM   399  O OD1 . ASN A 1 53  ? 6.759   11.151  4.728   1.00 18.51 ? 54   ASN A OD1 1 
ATOM   400  N ND2 . ASN A 1 53  ? 6.578   9.032   5.592   1.00 15.98 ? 54   ASN A ND2 1 
ATOM   401  N N   . LEU A 1 54  ? 10.388  9.227   1.257   1.00 13.06 ? 55   LEU A N   1 
ATOM   402  C CA  . LEU A 1 54  ? 11.645  8.597   0.793   1.00 12.90 ? 55   LEU A CA  1 
ATOM   403  C C   . LEU A 1 54  ? 11.987  9.034   -0.627  1.00 13.51 ? 55   LEU A C   1 
ATOM   404  O O   . LEU A 1 54  ? 12.089  8.221   -1.540  1.00 12.80 ? 55   LEU A O   1 
ATOM   405  C CB  . LEU A 1 54  ? 11.495  7.080   0.830   1.00 13.01 ? 55   LEU A CB  1 
ATOM   406  C CG  . LEU A 1 54  ? 10.864  6.475   2.072   1.00 14.32 ? 55   LEU A CG  1 
ATOM   407  C CD1 . LEU A 1 54  ? 10.663  4.987   1.875   1.00 13.55 ? 55   LEU A CD1 1 
ATOM   408  C CD2 . LEU A 1 54  ? 11.718  6.753   3.299   1.00 17.10 ? 55   LEU A CD2 1 
ATOM   409  N N   . PRO A 1 55  ? 12.202  10.351  -0.821  1.00 14.59 ? 56   PRO A N   1 
ATOM   410  C CA  . PRO A 1 55  ? 12.349  10.903  -2.161  1.00 15.01 ? 56   PRO A CA  1 
ATOM   411  C C   . PRO A 1 55  ? 13.565  10.382  -2.912  1.00 14.40 ? 56   PRO A C   1 
ATOM   412  O O   . PRO A 1 55  ? 13.610  10.405  -4.115  1.00 14.71 ? 56   PRO A O   1 
ATOM   413  C CB  . PRO A 1 55  ? 12.515  12.406  -1.890  1.00 15.33 ? 56   PRO A CB  1 
ATOM   414  C CG  . PRO A 1 55  ? 13.039  12.493  -0.555  1.00 16.35 ? 56   PRO A CG  1 
ATOM   415  C CD  . PRO A 1 55  ? 12.328  11.409  0.194   1.00 15.42 ? 56   PRO A CD  1 
ATOM   416  N N   . ASP A 1 56  ? 14.637  9.873   -2.119  1.00 12.18 ? 59   ASP A N   1 
ATOM   417  C CA  . ASP A 1 56  ? 15.855  9.403   -2.761  1.00 12.20 ? 59   ASP A CA  1 
ATOM   418  C C   . ASP A 1 56  ? 15.937  7.890   -2.687  1.00 12.51 ? 59   ASP A C   1 
ATOM   419  O O   . ASP A 1 56  ? 16.970  7.288   -2.975  1.00 12.70 ? 59   ASP A O   1 
ATOM   420  C CB  . ASP A 1 56  ? 17.049  10.058  -2.097  1.00 13.08 ? 59   ASP A CB  1 
ATOM   421  C CG  . ASP A 1 56  ? 17.096  11.543  -2.353  1.00 14.58 ? 59   ASP A CG  1 
ATOM   422  O OD1 . ASP A 1 56  ? 17.818  12.243  -1.613  1.00 15.61 ? 59   ASP A OD1 1 
ATOM   423  O OD2 . ASP A 1 56  ? 16.434  12.006  -3.281  1.00 18.06 ? 59   ASP A OD2 1 
ATOM   424  N N   . CYS A 1 57  ? 14.721  7.182   -2.443  1.00 10.98 ? 61   CYS A N   1 
ATOM   425  C CA  . CYS A 1 57  ? 14.637  5.754   -2.540  1.00 11.23 ? 61   CYS A CA  1 
ATOM   426  C C   . CYS A 1 57  ? 13.798  5.453   -3.751  1.00 11.57 ? 61   CYS A C   1 
ATOM   427  O O   . CYS A 1 57  ? 13.145  6.320   -4.352  1.00 11.90 ? 61   CYS A O   1 
ATOM   428  C CB  . CYS A 1 57  ? 14.029  5.156   -1.282  1.00 11.27 ? 61   CYS A CB  1 
ATOM   429  S SG  . CYS A 1 57  ? 14.965  5.552   0.210   1.00 11.07 ? 61   CYS A SG  1 
ATOM   430  N N   . ASN A 1 58  ? 13.732  4.118   -4.140  1.00 10.76 ? 67   ASN A N   1 
ATOM   431  C CA  . ASN A 1 58  ? 13.033  3.703   -5.349  1.00 10.97 ? 67   ASN A CA  1 
ATOM   432  C C   . ASN A 1 58  ? 12.145  2.528   -4.969  1.00 11.59 ? 67   ASN A C   1 
ATOM   433  O O   . ASN A 1 58  ? 12.473  1.381   -5.224  1.00 11.80 ? 67   ASN A O   1 
ATOM   434  C CB  . ASN A 1 58  ? 14.045  3.356   -6.423  1.00 12.03 ? 67   ASN A CB  1 
ATOM   435  C CG  . ASN A 1 58  ? 14.809  4.572   -6.869  1.00 12.24 ? 67   ASN A CG  1 
ATOM   436  O OD1 . ASN A 1 58  ? 14.336  5.323   -7.708  1.00 13.96 ? 67   ASN A OD1 1 
ATOM   437  N ND2 . ASN A 1 58  ? 15.974  4.798   -6.290  1.00 11.66 ? 67   ASN A ND2 1 
ATOM   438  N N   . PRO A 1 59  ? 11.028  2.827   -4.279  1.00 12.76 ? 68   PRO A N   1 
ATOM   439  C CA  . PRO A 1 59  ? 10.157  1.806   -3.697  1.00 14.19 ? 68   PRO A CA  1 
ATOM   440  C C   . PRO A 1 59  ? 9.559   0.827   -4.707  1.00 14.77 ? 68   PRO A C   1 
ATOM   441  O O   . PRO A 1 59  ? 9.210   -0.307  -4.333  1.00 15.89 ? 68   PRO A O   1 
ATOM   442  C CB  . PRO A 1 59  ? 9.058   2.633   -3.015  1.00 15.46 ? 68   PRO A CB  1 
ATOM   443  C CG  . PRO A 1 59  ? 9.625   3.935   -2.791  1.00 16.32 ? 68   PRO A CG  1 
ATOM   444  C CD  . PRO A 1 59  ? 10.531  4.170   -3.963  1.00 12.87 ? 68   PRO A CD  1 
ATOM   445  N N   . LYS A 1 60  ? 9.418   1.220   -5.969  1.00 14.73 ? 69   LYS A N   1 
ATOM   446  C CA  . LYS A 1 60  ? 8.831   0.335   -6.978  1.00 15.91 ? 69   LYS A CA  1 
ATOM   447  C C   . LYS A 1 60  ? 9.731   -0.833  -7.316  1.00 15.11 ? 69   LYS A C   1 
ATOM   448  O O   . LYS A 1 60  ? 9.247   -1.928  -7.581  1.00 14.98 ? 69   LYS A O   1 
ATOM   449  C CB  . LYS A 1 60  ? 8.500   1.113   -8.263  1.00 17.08 ? 69   LYS A CB  1 
ATOM   450  C CG  . LYS A 1 60  ? 7.372   2.106   -8.099  1.00 21.12 ? 69   LYS A CG  1 
ATOM   451  C CD  . LYS A 1 60  ? 7.102   2.836   -9.404  1.00 24.65 ? 69   LYS A CD  1 
ATOM   452  C CE  . LYS A 1 60  ? 5.915   3.770   -9.298  1.00 26.17 ? 69   LYS A CE  1 
ATOM   453  N NZ  . LYS A 1 60  ? 4.929   3.713   -10.407 1.00 28.15 ? 69   LYS A NZ  1 
ATOM   454  N N   . SER A 1 61  ? 11.044  -0.599  -7.314  1.00 14.54 ? 70   SER A N   1 
ATOM   455  C CA  . SER A 1 61  ? 11.994  -1.565  -7.809  1.00 13.76 ? 70   SER A CA  1 
ATOM   456  C C   . SER A 1 61  ? 12.975  -2.129  -6.797  1.00 12.45 ? 70   SER A C   1 
ATOM   457  O O   . SER A 1 61  ? 13.451  -3.236  -6.993  1.00 14.30 ? 70   SER A O   1 
ATOM   458  C CB  . SER A 1 61  ? 12.780  -0.960  -8.974  1.00 14.99 ? 70   SER A CB  1 
ATOM   459  O OG  . SER A 1 61  ? 13.520  0.167   -8.544  1.00 16.09 ? 70   SER A OG  1 
ATOM   460  N N   . ASP A 1 62  ? 13.285  -1.396  -5.732  1.00 11.07 ? 71   ASP A N   1 
ATOM   461  C CA  . ASP A 1 62  ? 14.294  -1.836  -4.772  1.00 10.43 ? 71   ASP A CA  1 
ATOM   462  C C   . ASP A 1 62  ? 13.683  -2.959  -3.935  1.00 9.98  ? 71   ASP A C   1 
ATOM   463  O O   . ASP A 1 62  ? 12.586  -2.809  -3.378  1.00 11.82 ? 71   ASP A O   1 
ATOM   464  C CB  . ASP A 1 62  ? 14.723  -0.649  -3.918  1.00 10.72 ? 71   ASP A CB  1 
ATOM   465  C CG  . ASP A 1 62  ? 15.955  -0.904  -3.094  1.00 9.60  ? 71   ASP A CG  1 
ATOM   466  O OD1 . ASP A 1 62  ? 16.498  -2.033  -3.147  1.00 10.40 ? 71   ASP A OD1 1 
ATOM   467  O OD2 . ASP A 1 62  ? 16.384  0.062   -2.402  1.00 9.85  ? 71   ASP A OD2 1 
ATOM   468  N N   . ARG A 1 63  ? 14.386  -4.080  -3.859  1.00 10.53 ? 72   ARG A N   1 
ATOM   469  C CA  . ARG A 1 63  ? 13.929  -5.259  -3.135  1.00 10.69 ? 72   ARG A CA  1 
ATOM   470  C C   . ARG A 1 63  ? 14.426  -5.257  -1.700  1.00 10.57 ? 72   ARG A C   1 
ATOM   471  O O   . ARG A 1 63  ? 15.567  -4.919  -1.413  1.00 11.86 ? 72   ARG A O   1 
ATOM   472  C CB  . ARG A 1 63  ? 14.463  -6.519  -3.814  1.00 10.68 ? 72   ARG A CB  1 
ATOM   473  C CG  . ARG A 1 63  ? 13.938  -6.694  -5.225  1.00 11.76 ? 72   ARG A CG  1 
ATOM   474  C CD  . ARG A 1 63  ? 14.171  -8.092  -5.740  1.00 12.15 ? 72   ARG A CD  1 
ATOM   475  N NE  . ARG A 1 63  ? 13.925  -8.173  -7.174  1.00 13.72 ? 72   ARG A NE  1 
ATOM   476  C CZ  . ARG A 1 63  ? 13.981  -9.298  -7.880  1.00 16.22 ? 72   ARG A CZ  1 
ATOM   477  N NH1 . ARG A 1 63  ? 13.769  -9.264  -9.187  1.00 16.49 ? 72   ARG A NH1 1 
ATOM   478  N NH2 . ARG A 1 63  ? 14.229  -10.443 -7.280  1.00 15.84 ? 72   ARG A NH2 1 
ATOM   479  N N   . TYR A 1 64  ? 13.548  -5.669  -0.795  1.00 11.13 ? 73   TYR A N   1 
ATOM   480  C CA  . TYR A 1 64  ? 13.883  -5.846  0.610   1.00 11.36 ? 73   TYR A CA  1 
ATOM   481  C C   . TYR A 1 64  ? 13.577  -7.288  0.996   1.00 11.71 ? 73   TYR A C   1 
ATOM   482  O O   . TYR A 1 64  ? 12.903  -8.013  0.274   1.00 12.90 ? 73   TYR A O   1 
ATOM   483  C CB  . TYR A 1 64  ? 13.095  -4.862  1.499   1.00 11.49 ? 73   TYR A CB  1 
ATOM   484  C CG  . TYR A 1 64  ? 11.613  -4.905  1.273   1.00 11.46 ? 73   TYR A CG  1 
ATOM   485  C CD1 . TYR A 1 64  ? 10.837  -5.910  1.839   1.00 12.20 ? 73   TYR A CD1 1 
ATOM   486  C CD2 . TYR A 1 64  ? 10.979  -3.970  0.470   1.00 10.55 ? 73   TYR A CD2 1 
ATOM   487  C CE1 . TYR A 1 64  ? 9.475   -5.973  1.624   1.00 11.89 ? 73   TYR A CE1 1 
ATOM   488  C CE2 . TYR A 1 64  ? 9.622   -4.019  0.249   1.00 10.70 ? 73   TYR A CE2 1 
ATOM   489  C CZ  . TYR A 1 64  ? 8.864   -5.031  0.828   1.00 10.65 ? 73   TYR A CZ  1 
ATOM   490  O OH  . TYR A 1 64  ? 7.509   -5.104  0.596   1.00 11.90 ? 73   TYR A OH  1 
ATOM   491  N N   . LYS A 1 65  ? 14.055  -7.685  2.162   1.00 12.27 ? 74   LYS A N   1 
ATOM   492  C CA  . LYS A 1 65  ? 13.786  -9.011  2.707   1.00 12.79 ? 74   LYS A CA  1 
ATOM   493  C C   . LYS A 1 65  ? 12.975  -8.877  3.982   1.00 12.59 ? 74   LYS A C   1 
ATOM   494  O O   . LYS A 1 65  ? 13.179  -7.961  4.764   1.00 12.57 ? 74   LYS A O   1 
ATOM   495  C CB  . LYS A 1 65  ? 15.086  -9.753  3.030   1.00 13.42 ? 74   LYS A CB  1 
ATOM   496  C CG  . LYS A 1 65  ? 15.969  -10.061 1.835   1.00 15.27 ? 74   LYS A CG  1 
ATOM   497  C CD  . LYS A 1 65  ? 15.357  -11.098 0.933   1.00 17.65 ? 74   LYS A CD  1 
ATOM   498  C CE  . LYS A 1 65  ? 16.311  -11.450 -0.194  1.00 19.00 ? 74   LYS A CE  1 
ATOM   499  N NZ  . LYS A 1 65  ? 15.736  -12.466 -1.114  1.00 20.36 ? 74   LYS A NZ  1 
ATOM   500  N N   . TYR A 1 66  ? 12.069  -9.818  4.186   1.00 13.32 ? 75   TYR A N   1 
ATOM   501  C CA  . TYR A 1 66  ? 11.299  -9.855  5.418   1.00 13.57 ? 75   TYR A CA  1 
ATOM   502  C C   . TYR A 1 66  ? 11.013  -11.302 5.746   1.00 14.33 ? 75   TYR A C   1 
ATOM   503  O O   . TYR A 1 66  ? 11.084  -12.167 4.867   1.00 15.41 ? 75   TYR A O   1 
ATOM   504  C CB  . TYR A 1 66  ? 10.012  -9.033  5.314   1.00 13.75 ? 75   TYR A CB  1 
ATOM   505  C CG  . TYR A 1 66  ? 8.927   -9.605  4.434   1.00 13.42 ? 75   TYR A CG  1 
ATOM   506  C CD1 . TYR A 1 66  ? 7.893   -10.355 4.965   1.00 12.98 ? 75   TYR A CD1 1 
ATOM   507  C CD2 . TYR A 1 66  ? 8.928   -9.383  3.073   1.00 12.84 ? 75   TYR A CD2 1 
ATOM   508  C CE1 . TYR A 1 66  ? 6.894   -10.864 4.163   1.00 13.64 ? 75   TYR A CE1 1 
ATOM   509  C CE2 . TYR A 1 66  ? 7.956   -9.885  2.268   1.00 13.57 ? 75   TYR A CE2 1 
ATOM   510  C CZ  . TYR A 1 66  ? 6.928   -10.619 2.816   1.00 13.86 ? 75   TYR A CZ  1 
ATOM   511  O OH  . TYR A 1 66  ? 5.949   -11.104 1.994   1.00 14.89 ? 75   TYR A OH  1 
ATOM   512  N N   . LYS A 1 67  ? 10.712  -11.557 7.013   1.00 14.62 ? 76   LYS A N   1 
ATOM   513  C CA  . LYS A 1 67  ? 10.329  -12.876 7.476   1.00 15.32 ? 76   LYS A CA  1 
ATOM   514  C C   . LYS A 1 67  ? 9.053   -12.766 8.296   1.00 15.36 ? 76   LYS A C   1 
ATOM   515  O O   . LYS A 1 67  ? 8.539   -11.673 8.543   1.00 14.65 ? 76   LYS A O   1 
ATOM   516  C CB  . LYS A 1 67  ? 11.443  -13.504 8.304   1.00 15.68 ? 76   LYS A CB  1 
ATOM   517  C CG  . LYS A 1 67  ? 11.747  -12.759 9.571   1.00 16.94 ? 76   LYS A CG  1 
ATOM   518  C CD  . LYS A 1 67  ? 12.923  -13.356 10.293  1.00 18.83 ? 76   LYS A CD  1 
ATOM   519  C CE  . LYS A 1 67  ? 13.244  -12.528 11.505  1.00 20.47 ? 76   LYS A CE  1 
ATOM   520  N NZ  . LYS A 1 67  ? 14.412  -13.064 12.248  1.00 22.61 ? 76   LYS A NZ  1 
ATOM   521  N N   . ARG A 1 68  ? 8.538   -13.923 8.693   1.00 16.49 ? 77   ARG A N   1 
ATOM   522  C CA  . ARG A 1 68  ? 7.357   -14.033 9.526   1.00 17.66 ? 77   ARG A CA  1 
ATOM   523  C C   . ARG A 1 68  ? 7.800   -14.606 10.853  1.00 18.28 ? 77   ARG A C   1 
ATOM   524  O O   . ARG A 1 68  ? 8.496   -15.619 10.881  1.00 18.45 ? 77   ARG A O   1 
ATOM   525  C CB  . ARG A 1 68  ? 6.355   -14.984 8.883   1.00 18.20 ? 77   ARG A CB  1 
ATOM   526  C CG  . ARG A 1 68  ? 5.777   -14.479 7.584   1.00 18.79 ? 77   ARG A CG  1 
ATOM   527  C CD  . ARG A 1 68  ? 4.644   -13.516 7.830   1.00 19.58 ? 77   ARG A CD  1 
ATOM   528  N NE  . ARG A 1 68  ? 4.105   -12.939 6.600   1.00 17.68 ? 77   ARG A NE  1 
ATOM   529  C CZ  . ARG A 1 68  ? 3.035   -12.149 6.565   1.00 15.86 ? 77   ARG A CZ  1 
ATOM   530  N NH1 . ARG A 1 68  ? 2.388   -11.878 7.680   1.00 16.20 ? 77   ARG A NH1 1 
ATOM   531  N NH2 . ARG A 1 68  ? 2.593   -11.643 5.423   1.00 15.86 ? 77   ARG A NH2 1 
ATOM   532  N N   . VAL A 1 69  ? 7.426   -13.962 11.948  1.00 19.12 ? 78   VAL A N   1 
ATOM   533  C CA  . VAL A 1 69  ? 7.644   -14.518 13.273  1.00 20.67 ? 78   VAL A CA  1 
ATOM   534  C C   . VAL A 1 69  ? 6.228   -14.784 13.756  1.00 21.85 ? 78   VAL A C   1 
ATOM   535  O O   . VAL A 1 69  ? 5.502   -13.852 14.126  1.00 21.40 ? 78   VAL A O   1 
ATOM   536  C CB  . VAL A 1 69  ? 8.430   -13.564 14.175  1.00 20.67 ? 78   VAL A CB  1 
ATOM   537  C CG1 . VAL A 1 69  ? 8.578   -14.141 15.583  1.00 21.67 ? 78   VAL A CG1 1 
ATOM   538  C CG2 . VAL A 1 69  ? 9.806   -13.293 13.580  1.00 21.37 ? 78   VAL A CG2 1 
ATOM   539  N N   . ASN A 1 70  ? 5.840   -16.061 13.692  1.00 23.54 ? 79   ASN A N   1 
ATOM   540  C CA  . ASN A 1 70  ? 4.445   -16.470 13.754  1.00 24.43 ? 79   ASN A CA  1 
ATOM   541  C C   . ASN A 1 70  ? 3.632   -15.790 12.628  1.00 23.87 ? 79   ASN A C   1 
ATOM   542  O O   . ASN A 1 70  ? 4.165   -15.541 11.549  1.00 24.74 ? 79   ASN A O   1 
ATOM   543  C CB  . ASN A 1 70  ? 3.880   -16.184 15.142  1.00 25.07 ? 79   ASN A CB  1 
ATOM   544  C CG  . ASN A 1 70  ? 4.427   -17.118 16.193  1.00 27.02 ? 79   ASN A CG  1 
ATOM   545  O OD1 . ASN A 1 70  ? 4.066   -18.292 16.231  1.00 30.18 ? 79   ASN A OD1 1 
ATOM   546  N ND2 . ASN A 1 70  ? 5.277   -16.598 17.071  1.00 29.00 ? 79   ASN A ND2 1 
ATOM   547  N N   . GLY A 1 71  ? 2.389   -15.312 12.658  1.00 22.81 ? 80   GLY A N   1 
ATOM   548  C CA  . GLY A 1 71  ? 2.070   -14.219 11.742  1.00 21.50 ? 80   GLY A CA  1 
ATOM   549  C C   . GLY A 1 71  ? 2.724   -12.878 11.442  1.00 19.70 ? 80   GLY A C   1 
ATOM   550  O O   . GLY A 1 71  ? 2.465   -12.271 10.397  1.00 20.25 ? 80   GLY A O   1 
ATOM   551  N N   . ALA A 1 72  ? 3.571   -12.403 12.347  1.00 17.73 ? 81   ALA A N   1 
ATOM   552  C CA  . ALA A 1 72  ? 4.032   -11.021 12.276  1.00 16.66 ? 81   ALA A CA  1 
ATOM   553  C C   . ALA A 1 72  ? 5.118   -10.838 11.218  1.00 15.43 ? 81   ALA A C   1 
ATOM   554  O O   . ALA A 1 72  ? 6.028   -11.653 11.094  1.00 16.39 ? 81   ALA A O   1 
ATOM   555  C CB  . ALA A 1 72  ? 4.540   -10.557 13.626  1.00 17.28 ? 81   ALA A CB  1 
ATOM   556  N N   . ILE A 1 73  ? 5.027   -9.744  10.475  1.00 14.65 ? 82   ILE A N   1 
ATOM   557  C CA  . ILE A 1 73  ? 6.034   -9.380  9.492   1.00 13.76 ? 82   ILE A CA  1 
ATOM   558  C C   . ILE A 1 73  ? 7.194   -8.718  10.213  1.00 13.73 ? 82   ILE A C   1 
ATOM   559  O O   . ILE A 1 73  ? 7.014   -7.812  11.015  1.00 14.31 ? 82   ILE A O   1 
ATOM   560  C CB  . ILE A 1 73  ? 5.453   -8.398  8.471   1.00 13.45 ? 82   ILE A CB  1 
ATOM   561  C CG1 . ILE A 1 73  ? 4.335   -9.080  7.685   1.00 14.50 ? 82   ILE A CG1 1 
ATOM   562  C CG2 . ILE A 1 73  ? 6.552   -7.846  7.546   1.00 13.12 ? 82   ILE A CG2 1 
ATOM   563  C CD1 . ILE A 1 73  ? 3.493   -8.119  6.898   1.00 14.80 ? 82   ILE A CD1 1 
ATOM   564  N N   . VAL A 1 74  ? 8.402   -9.203  9.946   1.00 13.24 ? 83   VAL A N   1 
ATOM   565  C CA  . VAL A 1 74  ? 9.619   -8.606  10.469  1.00 13.70 ? 83   VAL A CA  1 
ATOM   566  C C   . VAL A 1 74  ? 10.509  -8.238  9.294   1.00 13.34 ? 83   VAL A C   1 
ATOM   567  O O   . VAL A 1 74  ? 11.011  -9.107  8.592   1.00 13.76 ? 83   VAL A O   1 
ATOM   568  C CB  . VAL A 1 74  ? 10.346  -9.570  11.428  1.00 14.53 ? 83   VAL A CB  1 
ATOM   569  C CG1 . VAL A 1 74  ? 11.618  -8.958  11.933  1.00 15.62 ? 83   VAL A CG1 1 
ATOM   570  C CG2 . VAL A 1 74  ? 9.418   -9.959  12.602  1.00 16.01 ? 83   VAL A CG2 1 
ATOM   571  N N   . CYS A 1 75  ? 10.692  -6.941  9.079   1.00 12.74 ? 84   CYS A N   1 
ATOM   572  C CA  . CYS A 1 75  ? 11.588  -6.460  8.033   1.00 13.38 ? 84   CYS A CA  1 
ATOM   573  C C   . CYS A 1 75  ? 13.028  -6.759  8.439   1.00 13.94 ? 84   CYS A C   1 
ATOM   574  O O   . CYS A 1 75  ? 13.445  -6.389  9.532   1.00 16.54 ? 84   CYS A O   1 
ATOM   575  C CB  . CYS A 1 75  ? 11.396  -4.961  7.839   1.00 13.40 ? 84   CYS A CB  1 
ATOM   576  S SG  . CYS A 1 75  ? 9.795   -4.506  7.130   1.00 12.23 ? 84   CYS A SG  1 
ATOM   577  N N   . GLU A 1 76  ? 13.774  -7.437  7.577   1.00 13.35 ? 85   GLU A N   1 
ATOM   578  C CA  . GLU A 1 76  ? 15.172  -7.765  7.845   1.00 14.47 ? 85   GLU A CA  1 
ATOM   579  C C   . GLU A 1 76  ? 16.063  -6.621  7.371   1.00 14.72 ? 85   GLU A C   1 
ATOM   580  O O   . GLU A 1 76  ? 15.663  -5.800  6.538   1.00 17.16 ? 85   GLU A O   1 
ATOM   581  C CB  . GLU A 1 76  ? 15.518  -9.101  7.189   1.00 14.58 ? 85   GLU A CB  1 
ATOM   582  C CG  . GLU A 1 76  ? 14.805  -10.249 7.893   1.00 16.23 ? 85   GLU A CG  1 
ATOM   583  C CD  . GLU A 1 76  ? 14.865  -11.572 7.159   1.00 17.27 ? 85   GLU A CD  1 
ATOM   584  O OE1 . GLU A 1 76  ? 14.202  -11.694 6.115   1.00 19.21 ? 85   GLU A OE1 1 
ATOM   585  O OE2 . GLU A 1 76  ? 15.506  -12.516 7.667   1.00 20.68 ? 85   GLU A OE2 1 
ATOM   586  N N   . LYS A 1 77  ? 17.267  -6.533  7.907   1.00 13.67 ? 86   LYS A N   1 
ATOM   587  C CA  . LYS A 1 77  ? 18.122  -5.387  7.652   1.00 14.30 ? 86   LYS A CA  1 
ATOM   588  C C   . LYS A 1 77  ? 18.743  -5.503  6.270   1.00 14.01 ? 86   LYS A C   1 
ATOM   589  O O   . LYS A 1 77  ? 19.400  -6.466  5.917   1.00 15.46 ? 86   LYS A O   1 
ATOM   590  C CB  . LYS A 1 77  ? 19.204  -5.228  8.717   1.00 15.00 ? 86   LYS A CB  1 
ATOM   591  C CG  . LYS A 1 77  ? 19.968  -3.906  8.644   1.00 18.68 ? 86   LYS A CG  1 
ATOM   592  C CD  . LYS A 1 77  ? 20.858  -3.682  9.857   1.00 22.20 ? 86   LYS A CD  1 
ATOM   593  C CE  . LYS A 1 77  ? 21.565  -2.330  9.799   1.00 24.70 ? 86   LYS A CE  1 
ATOM   594  N NZ  . LYS A 1 77  ? 22.257  -2.015  11.081  1.00 26.96 ? 86   LYS A NZ  1 
ATOM   595  N N   . GLY A 1 78  ? 18.530  -4.363  5.428   1.00 12.84 ? 88   GLY A N   1 
ATOM   596  C CA  . GLY A 1 78  ? 19.179  -4.184  4.140   1.00 12.46 ? 88   GLY A CA  1 
ATOM   597  C C   . GLY A 1 78  ? 19.765  -2.807  4.164   1.00 11.72 ? 88   GLY A C   1 
ATOM   598  O O   . GLY A 1 78  ? 20.258  -2.350  5.189   1.00 13.27 ? 88   GLY A O   1 
ATOM   599  N N   . THR A 1 79  ? 19.686  -2.126  3.037   1.00 11.38 ? 89   THR A N   1 
ATOM   600  C CA  . THR A 1 79  ? 20.102  -0.734  2.972   1.00 10.37 ? 89   THR A CA  1 
ATOM   601  C C   . THR A 1 79  ? 19.076  0.108   3.731   1.00 10.70 ? 89   THR A C   1 
ATOM   602  O O   . THR A 1 79  ? 17.964  -0.362  4.017   1.00 10.54 ? 89   THR A O   1 
ATOM   603  C CB  . THR A 1 79  ? 20.188  -0.239  1.536   1.00 10.69 ? 89   THR A CB  1 
ATOM   604  O OG1 . THR A 1 79  ? 18.871  -0.211  0.977   1.00 10.36 ? 89   THR A OG1 1 
ATOM   605  C CG2 . THR A 1 79  ? 21.119  -1.131  0.699   1.00 10.64 ? 89   THR A CG2 1 
ATOM   606  N N   . SER A 1 80  ? 19.408  1.350   4.049   1.00 10.52 ? 90   SER A N   1 
ATOM   607  C CA  . SER A 1 80  ? 18.437  2.191   4.732   1.00 11.04 ? 90   SER A CA  1 
ATOM   608  C C   . SER A 1 80  ? 17.170  2.362   3.901   1.00 10.29 ? 90   SER A C   1 
ATOM   609  O O   . SER A 1 80  ? 16.060  2.279   4.440   1.00 10.66 ? 90   SER A O   1 
ATOM   610  C CB  . SER A 1 80  ? 18.994  3.552   5.138   1.00 12.11 ? 90   SER A CB  1 
ATOM   611  O OG  . SER A 1 80  ? 19.517  4.254   4.057   1.00 16.88 ? 90   SER A OG  1 
ATOM   612  N N   . CYS A 1 81  ? 17.297  2.576   2.608   1.00 9.52  ? 91   CYS A N   1 
ATOM   613  C CA  . CYS A 1 81  ? 16.111  2.684   1.769   1.00 10.24 ? 91   CYS A CA  1 
ATOM   614  C C   . CYS A 1 81  ? 15.282  1.417   1.854   1.00 9.42  ? 91   CYS A C   1 
ATOM   615  O O   . CYS A 1 81  ? 14.051  1.484   1.966   1.00 9.92  ? 91   CYS A O   1 
ATOM   616  C CB  . CYS A 1 81  ? 16.492  2.952   0.309   1.00 9.79  ? 91   CYS A CB  1 
ATOM   617  S SG  . CYS A 1 81  ? 16.793  4.676   -0.108  1.00 11.19 ? 91   CYS A SG  1 
ATOM   618  N N   . GLU A 1 82  ? 15.913  0.256   1.779   1.00 9.58  ? 92   GLU A N   1 
ATOM   619  C CA  . GLU A 1 82  ? 15.171  -0.996  1.813   1.00 9.31  ? 92   GLU A CA  1 
ATOM   620  C C   . GLU A 1 82  ? 14.422  -1.166  3.126   1.00 9.47  ? 92   GLU A C   1 
ATOM   621  O O   . GLU A 1 82  ? 13.262  -1.584  3.128   1.00 10.39 ? 92   GLU A O   1 
ATOM   622  C CB  . GLU A 1 82  ? 16.130  -2.161  1.556   1.00 9.67  ? 92   GLU A CB  1 
ATOM   623  C CG  . GLU A 1 82  ? 16.519  -2.209  0.092   1.00 10.46 ? 92   GLU A CG  1 
ATOM   624  C CD  . GLU A 1 82  ? 17.788  -2.972  -0.243  1.00 10.27 ? 92   GLU A CD  1 
ATOM   625  O OE1 . GLU A 1 82  ? 18.450  -3.529  0.659   1.00 10.24 ? 92   GLU A OE1 1 
ATOM   626  O OE2 . GLU A 1 82  ? 18.151  -3.018  -1.447  1.00 10.60 ? 92   GLU A OE2 1 
ATOM   627  N N   . ASN A 1 83  ? 15.062  -0.835  4.229   1.00 10.08 ? 93   ASN A N   1 
ATOM   628  C CA  . ASN A 1 83  ? 14.402  -0.933  5.528   1.00 10.28 ? 93   ASN A CA  1 
ATOM   629  C C   . ASN A 1 83  ? 13.164  -0.046  5.589   1.00 10.12 ? 93   ASN A C   1 
ATOM   630  O O   . ASN A 1 83  ? 12.106  -0.443  6.074   1.00 10.31 ? 93   ASN A O   1 
ATOM   631  C CB  . ASN A 1 83  ? 15.359  -0.514  6.637   1.00 11.71 ? 93   ASN A CB  1 
ATOM   632  C CG  . ASN A 1 83  ? 16.620  -1.354  6.688   1.00 12.68 ? 93   ASN A CG  1 
ATOM   633  O OD1 . ASN A 1 83  ? 16.631  -2.488  6.238   1.00 13.97 ? 93   ASN A OD1 1 
ATOM   634  N ND2 . ASN A 1 83  ? 17.675  -0.805  7.257   1.00 15.36 ? 93   ASN A ND2 1 
ATOM   635  N N   . ARG A 1 84  ? 13.303  1.168   5.098   1.00 9.84  ? 94   ARG A N   1 
ATOM   636  C CA  . ARG A 1 84  ? 12.221  2.146   5.182   1.00 9.79  ? 94   ARG A CA  1 
ATOM   637  C C   . ARG A 1 84  ? 11.075  1.766   4.232   1.00 9.42  ? 94   ARG A C   1 
ATOM   638  O O   . ARG A 1 84  ? 9.896   1.902   4.576   1.00 9.44  ? 94   ARG A O   1 
ATOM   639  C CB  . ARG A 1 84  ? 12.765  3.538   4.870   1.00 9.95  ? 94   ARG A CB  1 
ATOM   640  C CG  . ARG A 1 84  ? 13.837  3.996   5.865   1.00 11.73 ? 94   ARG A CG  1 
ATOM   641  C CD  . ARG A 1 84  ? 14.649  5.186   5.358   1.00 12.58 ? 94   ARG A CD  1 
ATOM   642  N NE  . ARG A 1 84  ? 13.939  6.433   5.601   1.00 13.63 ? 94   ARG A NE  1 
ATOM   643  C CZ  . ARG A 1 84  ? 14.301  7.612   5.109   1.00 14.60 ? 94   ARG A CZ  1 
ATOM   644  N NH1 . ARG A 1 84  ? 15.339  7.717   4.290   1.00 15.37 ? 94   ARG A NH1 1 
ATOM   645  N NH2 . ARG A 1 84  ? 13.594  8.687   5.404   1.00 17.21 ? 94   ARG A NH2 1 
ATOM   646  N N   . ILE A 1 85  ? 11.414  1.306   3.039   1.00 9.17  ? 95   ILE A N   1 
ATOM   647  C CA  . ILE A 1 85  ? 10.406  0.827   2.107   1.00 9.15  ? 95   ILE A CA  1 
ATOM   648  C C   . ILE A 1 85  ? 9.655   -0.347  2.717   1.00 8.54  ? 95   ILE A C   1 
ATOM   649  O O   . ILE A 1 85  ? 8.422   -0.411  2.669   1.00 9.23  ? 95   ILE A O   1 
ATOM   650  C CB  . ILE A 1 85  ? 11.055  0.408   0.772   1.00 9.32  ? 95   ILE A CB  1 
ATOM   651  C CG1 . ILE A 1 85  ? 11.665  1.606   0.046   1.00 9.53  ? 95   ILE A CG1 1 
ATOM   652  C CG2 . ILE A 1 85  ? 10.039  -0.287  -0.122  1.00 10.28 ? 95   ILE A CG2 1 
ATOM   653  C CD1 . ILE A 1 85  ? 12.670  1.230   -1.004  1.00 10.00 ? 95   ILE A CD1 1 
ATOM   654  N N   . CYS A 1 86  ? 10.378  -1.286  3.303   1.00 8.96  ? 96   CYS A N   1 
ATOM   655  C CA  . CYS A 1 86  ? 9.745   -2.444  3.915   1.00 9.34  ? 96   CYS A CA  1 
ATOM   656  C C   . CYS A 1 86  ? 8.768   -2.007  4.999   1.00 9.42  ? 96   CYS A C   1 
ATOM   657  O O   . CYS A 1 86  ? 7.649   -2.523  5.078   1.00 9.73  ? 96   CYS A O   1 
ATOM   658  C CB  . CYS A 1 86  ? 10.781  -3.420  4.472   1.00 9.70  ? 96   CYS A CB  1 
ATOM   659  S SG  . CYS A 1 86  ? 10.063  -4.925  5.130   1.00 10.66 ? 96   CYS A SG  1 
ATOM   660  N N   . GLU A 1 87  ? 9.135   -1.050  5.836   1.00 9.34  ? 97   GLU A N   1 
ATOM   661  C CA  . GLU A 1 87  ? 8.222   -0.594  6.882   1.00 10.06 ? 97   GLU A CA  1 
ATOM   662  C C   . GLU A 1 87  ? 6.977   0.048   6.298   1.00 9.50  ? 97   GLU A C   1 
ATOM   663  O O   . GLU A 1 87  ? 5.874   -0.117  6.852   1.00 10.19 ? 97   GLU A O   1 
ATOM   664  C CB  . GLU A 1 87  ? 8.923   0.360   7.846   1.00 10.43 ? 97   GLU A CB  1 
ATOM   665  C CG  . GLU A 1 87  ? 9.992   -0.316  8.700   1.00 12.54 ? 97   GLU A CG  1 
ATOM   666  C CD  . GLU A 1 87  ? 9.456   -1.386  9.646   1.00 12.88 ? 97   GLU A CD  1 
ATOM   667  O OE1 . GLU A 1 87  ? 8.276   -1.297  10.062  1.00 15.84 ? 97   GLU A OE1 1 
ATOM   668  O OE2 . GLU A 1 87  ? 10.213  -2.333  9.997   1.00 15.70 ? 97   GLU A OE2 1 
ATOM   669  N N   . CYS A 1 88  ? 7.110   0.762   5.190   1.00 8.89  ? 98   CYS A N   1 
ATOM   670  C CA  . CYS A 1 88  ? 5.934   1.322   4.545   1.00 9.47  ? 98   CYS A CA  1 
ATOM   671  C C   . CYS A 1 88  ? 5.000   0.223   4.058   1.00 9.01  ? 98   CYS A C   1 
ATOM   672  O O   . CYS A 1 88  ? 3.780   0.317   4.213   1.00 8.91  ? 98   CYS A O   1 
ATOM   673  C CB  . CYS A 1 88  ? 6.330   2.223   3.363   1.00 9.27  ? 98   CYS A CB  1 
ATOM   674  S SG  . CYS A 1 88  ? 7.160   3.748   3.756   1.00 10.09 ? 98   CYS A SG  1 
ATOM   675  N N   . ASP A 1 89  ? 5.570   -0.789  3.419   1.00 8.72  ? 99   ASP A N   1 
ATOM   676  C CA  . ASP A 1 89  ? 4.783   -1.871  2.832   1.00 9.19  ? 99   ASP A CA  1 
ATOM   677  C C   . ASP A 1 89  ? 4.121   -2.716  3.901   1.00 9.36  ? 99   ASP A C   1 
ATOM   678  O O   . ASP A 1 89  ? 2.945   -3.055  3.772   1.00 9.19  ? 99   ASP A O   1 
ATOM   679  C CB  . ASP A 1 89  ? 5.662   -2.733  1.918   1.00 9.28  ? 99   ASP A CB  1 
ATOM   680  C CG  . ASP A 1 89  ? 5.989   -2.065  0.599   1.00 8.79  ? 99   ASP A CG  1 
ATOM   681  O OD1 . ASP A 1 89  ? 5.613   -0.903  0.385   1.00 9.20  ? 99   ASP A OD1 1 
ATOM   682  O OD2 . ASP A 1 89  ? 6.639   -2.733  -0.246  1.00 9.94  ? 99   ASP A OD2 1 
ATOM   683  N N   . LYS A 1 90  ? 4.867   -3.045  4.945   1.00 9.38  ? 100  LYS A N   1 
ATOM   684  C CA  . LYS A 1 90  ? 4.356   -3.796  6.078   1.00 9.64  ? 100  LYS A CA  1 
ATOM   685  C C   . LYS A 1 90  ? 3.134   -3.100  6.670   1.00 9.57  ? 100  LYS A C   1 
ATOM   686  O O   . LYS A 1 90  ? 2.092   -3.734  6.928   1.00 9.74  ? 100  LYS A O   1 
ATOM   687  C CB  . LYS A 1 90  ? 5.450   -3.913  7.130   1.00 9.94  ? 100  LYS A CB  1 
ATOM   688  C CG  . LYS A 1 90  ? 4.980   -4.464  8.476   1.00 10.53 ? 100  LYS A CG  1 
ATOM   689  C CD  . LYS A 1 90  ? 6.118   -4.536  9.470   1.00 10.86 ? 100  LYS A CD  1 
ATOM   690  C CE  . LYS A 1 90  ? 5.599   -4.948  10.829  1.00 12.77 ? 100  LYS A CE  1 
ATOM   691  N NZ  . LYS A 1 90  ? 6.673   -4.983  11.855  1.00 14.12 ? 100  LYS A NZ  1 
ATOM   692  N N   . ALA A 1 91  ? 3.248   -1.799  6.910   1.00 9.22  ? 101  ALA A N   1 
ATOM   693  C CA  . ALA A 1 91  ? 2.133   -1.047  7.453   1.00 9.08  ? 101  ALA A CA  1 
ATOM   694  C C   . ALA A 1 91  ? 0.925   -1.122  6.539   1.00 9.03  ? 101  ALA A C   1 
ATOM   695  O O   . ALA A 1 91  ? -0.181  -1.346  7.013   1.00 9.32  ? 101  ALA A O   1 
ATOM   696  C CB  . ALA A 1 91  ? 2.537   0.398   7.680   1.00 9.13  ? 101  ALA A CB  1 
ATOM   697  N N   . ALA A 1 92  ? 1.109   -0.936  5.239   1.00 9.29  ? 102  ALA A N   1 
ATOM   698  C CA  . ALA A 1 92  ? -0.016  -0.963  4.315   1.00 9.97  ? 102  ALA A CA  1 
ATOM   699  C C   . ALA A 1 92  ? -0.676  -2.336  4.278   1.00 9.71  ? 102  ALA A C   1 
ATOM   700  O O   . ALA A 1 92  ? -1.905  -2.434  4.228   1.00 10.36 ? 102  ALA A O   1 
ATOM   701  C CB  . ALA A 1 92  ? 0.429   -0.549  2.923   1.00 9.76  ? 102  ALA A CB  1 
ATOM   702  N N   . ALA A 1 93  ? 0.117   -3.402  4.285   1.00 10.29 ? 103  ALA A N   1 
ATOM   703  C CA  . ALA A 1 93  ? -0.424  -4.749  4.258   1.00 11.03 ? 103  ALA A CA  1 
ATOM   704  C C   . ALA A 1 93  ? -1.247  -5.060  5.513   1.00 11.05 ? 103  ALA A C   1 
ATOM   705  O O   . ALA A 1 93  ? -2.349  -5.617  5.433   1.00 11.30 ? 103  ALA A O   1 
ATOM   706  C CB  . ALA A 1 93  ? 0.713   -5.747  4.079   1.00 12.07 ? 103  ALA A CB  1 
ATOM   707  N N   . ILE A 1 94  ? -0.732  -4.681  6.664   1.00 10.65 ? 104  ILE A N   1 
ATOM   708  C CA  . ILE A 1 94  ? -1.469  -4.772  7.926   1.00 11.14 ? 104  ILE A CA  1 
ATOM   709  C C   . ILE A 1 94  ? -2.747  -3.940  7.856   1.00 10.61 ? 104  ILE A C   1 
ATOM   710  O O   . ILE A 1 94  ? -3.825  -4.395  8.274   1.00 11.67 ? 104  ILE A O   1 
ATOM   711  C CB  . ILE A 1 94  ? -0.591  -4.302  9.106   1.00 11.44 ? 104  ILE A CB  1 
ATOM   712  C CG1 . ILE A 1 94  ? 0.551   -5.294  9.324   1.00 13.22 ? 104  ILE A CG1 1 
ATOM   713  C CG2 . ILE A 1 94  ? -1.422  -4.126  10.380  1.00 13.61 ? 104  ILE A CG2 1 
ATOM   714  C CD1 . ILE A 1 94  ? 1.618   -4.828  10.284  1.00 14.67 ? 104  ILE A CD1 1 
ATOM   715  N N   . CYS A 1 95  ? -2.648  -2.727  7.338   1.00 9.96  ? 105  CYS A N   1 
ATOM   716  C CA  . CYS A 1 95  ? -3.805  -1.856  7.220   1.00 10.14 ? 105  CYS A CA  1 
ATOM   717  C C   . CYS A 1 95  ? -4.871  -2.491  6.331   1.00 10.05 ? 105  CYS A C   1 
ATOM   718  O O   . CYS A 1 95  ? -6.071  -2.439  6.660   1.00 10.19 ? 105  CYS A O   1 
ATOM   719  C CB  . CYS A 1 95  ? -3.355  -0.497  6.687   1.00 10.17 ? 105  CYS A CB  1 
ATOM   720  S SG  . CYS A 1 95  ? -4.593  0.773   6.644   1.00 11.24 ? 105  CYS A SG  1 
ATOM   721  N N   . PHE A 1 96  ? -4.466  -3.075  5.210   1.00 10.18 ? 106  PHE A N   1 
ATOM   722  C CA  . PHE A 1 96  ? -5.433  -3.732  4.337   1.00 10.42 ? 106  PHE A CA  1 
ATOM   723  C C   . PHE A 1 96  ? -6.131  -4.861  5.086   1.00 10.94 ? 106  PHE A C   1 
ATOM   724  O O   . PHE A 1 96  ? -7.359  -5.023  4.994   1.00 10.90 ? 106  PHE A O   1 
ATOM   725  C CB  . PHE A 1 96  ? -4.784  -4.299  3.073   1.00 11.05 ? 106  PHE A CB  1 
ATOM   726  C CG  . PHE A 1 96  ? -4.256  -3.275  2.102   1.00 10.33 ? 106  PHE A CG  1 
ATOM   727  C CD1 . PHE A 1 96  ? -4.864  -2.049  1.906   1.00 11.37 ? 106  PHE A CD1 1 
ATOM   728  C CD2 . PHE A 1 96  ? -3.179  -3.609  1.298   1.00 12.23 ? 106  PHE A CD2 1 
ATOM   729  C CE1 . PHE A 1 96  ? -4.373  -1.161  0.959   1.00 11.85 ? 106  PHE A CE1 1 
ATOM   730  C CE2 . PHE A 1 96  ? -2.685  -2.726  0.358   1.00 13.02 ? 106  PHE A CE2 1 
ATOM   731  C CZ  . PHE A 1 96  ? -3.285  -1.509  0.182   1.00 12.63 ? 106  PHE A CZ  1 
ATOM   732  N N   . ARG A 1 97  ? -5.365  -5.634  5.832   1.00 10.81 ? 107  ARG A N   1 
ATOM   733  C CA  . ARG A 1 97  ? -5.928  -6.725  6.629   1.00 11.59 ? 107  ARG A CA  1 
ATOM   734  C C   . ARG A 1 97  ? -6.920  -6.201  7.664   1.00 11.30 ? 107  ARG A C   1 
ATOM   735  O O   . ARG A 1 97  ? -7.987  -6.808  7.869   1.00 12.20 ? 107  ARG A O   1 
ATOM   736  C CB  . ARG A 1 97  ? -4.816  -7.510  7.317   1.00 12.27 ? 107  ARG A CB  1 
ATOM   737  C CG  . ARG A 1 97  ? -5.307  -8.649  8.200   1.00 14.11 ? 107  ARG A CG  1 
ATOM   738  C CD  . ARG A 1 97  ? -5.835  -9.780  7.379   1.00 15.14 ? 107  ARG A CD  1 
ATOM   739  N NE  . ARG A 1 97  ? -6.502  -10.825 8.165   1.00 18.32 ? 107  ARG A NE  1 
ATOM   740  C CZ  . ARG A 1 97  ? -7.753  -10.749 8.608   1.00 20.15 ? 107  ARG A CZ  1 
ATOM   741  N NH1 . ARG A 1 97  ? -8.281  -11.759 9.291   1.00 23.01 ? 107  ARG A NH1 1 
ATOM   742  N NH2 . ARG A 1 97  ? -8.484  -9.667  8.386   1.00 20.61 ? 107  ARG A NH2 1 
ATOM   743  N N   . GLN A 1 98  ? -6.575  -5.112  8.337   1.00 11.66 ? 108  GLN A N   1 
ATOM   744  C CA  . GLN A 1 98  ? -7.424  -4.531  9.365   1.00 12.10 ? 108  GLN A CA  1 
ATOM   745  C C   . GLN A 1 98  ? -8.719  -3.979  8.801   1.00 12.55 ? 108  GLN A C   1 
ATOM   746  O O   . GLN A 1 98  ? -9.695  -3.839  9.541   1.00 15.05 ? 108  GLN A O   1 
ATOM   747  C CB  . GLN A 1 98  ? -6.649  -3.416  10.080  1.00 12.91 ? 108  GLN A CB  1 
ATOM   748  C CG  . GLN A 1 98  ? -7.300  -2.920  11.340  1.00 15.51 ? 108  GLN A CG  1 
ATOM   749  C CD  . GLN A 1 98  ? -6.320  -2.311  12.343  1.00 18.28 ? 108  GLN A CD  1 
ATOM   750  O OE1 . GLN A 1 98  ? -6.428  -2.555  13.548  1.00 23.16 ? 108  GLN A OE1 1 
ATOM   751  N NE2 . GLN A 1 98  ? -5.348  -1.540  11.859  1.00 16.00 ? 108  GLN A NE2 1 
ATOM   752  N N   . ASN A 1 99  ? -8.750  -3.681  7.508   1.00 12.38 ? 109  ASN A N   1 
ATOM   753  C CA  . ASN A 1 99  ? -9.916  -3.043  6.901   1.00 12.25 ? 109  ASN A CA  1 
ATOM   754  C C   . ASN A 1 99  ? -10.585 -3.895  5.844   1.00 12.75 ? 109  ASN A C   1 
ATOM   755  O O   . ASN A 1 99  ? -11.423 -3.427  5.087   1.00 12.94 ? 109  ASN A O   1 
ATOM   756  C CB  . ASN A 1 99  ? -9.493  -1.694  6.368   1.00 11.72 ? 109  ASN A CB  1 
ATOM   757  C CG  . ASN A 1 99  ? -9.166  -0.754  7.482   1.00 11.95 ? 109  ASN A CG  1 
ATOM   758  O OD1 . ASN A 1 99  ? -10.056 -0.373  8.250   1.00 11.98 ? 109  ASN A OD1 1 
ATOM   759  N ND2 . ASN A 1 99  ? -7.887  -0.398  7.625   1.00 12.34 ? 109  ASN A ND2 1 
ATOM   760  N N   . LEU A 1 100 ? -10.244 -5.171  5.821   1.00 13.46 ? 110  LEU A N   1 
ATOM   761  C CA  . LEU A 1 100 ? -10.865 -6.092  4.883   1.00 15.77 ? 110  LEU A CA  1 
ATOM   762  C C   . LEU A 1 100 ? -12.378 -6.147  5.047   1.00 16.66 ? 110  LEU A C   1 
ATOM   763  O O   . LEU A 1 100 ? -13.099 -6.356  4.063   1.00 18.37 ? 110  LEU A O   1 
ATOM   764  C CB  . LEU A 1 100 ? -10.327 -7.494  5.075   1.00 16.85 ? 110  LEU A CB  1 
ATOM   765  C CG  . LEU A 1 100 ? -9.139  -7.879  4.227   1.00 19.21 ? 110  LEU A CG  1 
ATOM   766  C CD1 . LEU A 1 100 ? -8.788  -9.307  4.555   1.00 19.11 ? 110  LEU A CD1 1 
ATOM   767  C CD2 . LEU A 1 100 ? -9.420  -7.745  2.726   1.00 17.94 ? 110  LEU A CD2 1 
ATOM   768  N N   . ASN A 1 101 ? -12.847 -5.975  6.280   1.00 17.23 ? 111  ASN A N   1 
ATOM   769  C CA  . ASN A 1 101 ? -14.269 -5.965  6.605   1.00 18.49 ? 111  ASN A CA  1 
ATOM   770  C C   . ASN A 1 101 ? -15.093 -4.895  5.910   1.00 17.90 ? 111  ASN A C   1 
ATOM   771  O O   . ASN A 1 101 ? -16.315 -5.054  5.780   1.00 20.04 ? 111  ASN A O   1 
ATOM   772  C CB  . ASN A 1 101 ? -14.493 -5.895  8.139   1.00 19.09 ? 111  ASN A CB  1 
ATOM   773  C CG  . ASN A 1 101 ? -13.942 -4.613  8.804   1.00 20.71 ? 111  ASN A CG  1 
ATOM   774  O OD1 . ASN A 1 101 ? -14.272 -4.329  9.962   1.00 25.49 ? 111  ASN A OD1 1 
ATOM   775  N ND2 . ASN A 1 101 ? -13.090 -3.871  8.110   1.00 22.33 ? 111  ASN A ND2 1 
ATOM   776  N N   . THR A 1 102 ? -14.453 -3.819  5.462   1.00 16.84 ? 112  THR A N   1 
ATOM   777  C CA  . THR A 1 102 ? -15.161 -2.762  4.753   1.00 16.07 ? 112  THR A CA  1 
ATOM   778  C C   . THR A 1 102 ? -14.689 -2.579  3.308   1.00 15.36 ? 112  THR A C   1 
ATOM   779  O O   . THR A 1 102 ? -15.134 -1.662  2.643   1.00 15.87 ? 112  THR A O   1 
ATOM   780  C CB  . THR A 1 102 ? -15.064 -1.432  5.492   1.00 15.89 ? 112  THR A CB  1 
ATOM   781  O OG1 . THR A 1 102 ? -13.684 -1.041  5.573   1.00 15.84 ? 112  THR A OG1 1 
ATOM   782  C CG2 . THR A 1 102 ? -15.651 -1.550  6.889   1.00 16.96 ? 112  THR A CG2 1 
ATOM   783  N N   . TYR A 1 103 ? -13.795 -3.436  2.833   1.00 14.36 ? 113  TYR A N   1 
ATOM   784  C CA  . TYR A 1 103 ? -13.385 -3.415  1.431   1.00 14.24 ? 113  TYR A CA  1 
ATOM   785  C C   . TYR A 1 103 ? -14.644 -3.488  0.555   1.00 14.43 ? 113  TYR A C   1 
ATOM   786  O O   . TYR A 1 103 ? -15.526 -4.322  0.807   1.00 15.25 ? 113  TYR A O   1 
ATOM   787  C CB  . TYR A 1 103 ? -12.477 -4.612  1.155   1.00 14.10 ? 113  TYR A CB  1 
ATOM   788  C CG  . TYR A 1 103 ? -11.971 -4.674  -0.271  1.00 13.60 ? 113  TYR A CG  1 
ATOM   789  C CD1 . TYR A 1 103 ? -12.778 -5.159  -1.300  1.00 14.90 ? 113  TYR A CD1 1 
ATOM   790  C CD2 . TYR A 1 103 ? -10.685 -4.252  -0.591  1.00 13.77 ? 113  TYR A CD2 1 
ATOM   791  C CE1 . TYR A 1 103 ? -12.331 -5.204  -2.600  1.00 14.75 ? 113  TYR A CE1 1 
ATOM   792  C CE2 . TYR A 1 103 ? -10.215 -4.291  -1.897  1.00 13.28 ? 113  TYR A CE2 1 
ATOM   793  C CZ  . TYR A 1 103 ? -11.055 -4.766  -2.904  1.00 14.52 ? 113  TYR A CZ  1 
ATOM   794  O OH  . TYR A 1 103 ? -10.654 -4.840  -4.222  1.00 15.40 ? 113  TYR A OH  1 
ATOM   795  N N   . SER A 1 104 ? -14.730 -2.644  -0.468  1.00 14.79 ? 114  SER A N   1 
ATOM   796  C CA  . SER A 1 104 ? -15.870 -2.670  -1.388  1.00 16.52 ? 114  SER A CA  1 
ATOM   797  C C   . SER A 1 104 ? -15.433 -2.703  -2.845  1.00 16.74 ? 114  SER A C   1 
ATOM   798  O O   . SER A 1 104 ? -14.749 -1.800  -3.325  1.00 15.80 ? 114  SER A O   1 
ATOM   799  C CB  . SER A 1 104 ? -16.766 -1.474  -1.174  1.00 16.51 ? 114  SER A CB  1 
ATOM   800  O OG  A SER A 1 104 ? -17.956 -1.627  -1.922  0.50 20.53 ? 114  SER A OG  1 
ATOM   801  O OG  B SER A 1 104 ? -17.956 -1.627  -1.922  0.50 20.52 ? 114  SER A OG  1 
ATOM   802  N N   . LYS A 1 105 ? -15.899 -3.726  -3.553  1.00 18.60 ? 115  LYS A N   1 
ATOM   803  C CA  . LYS A 1 105 ? -15.594 -3.892  -4.973  1.00 19.51 ? 115  LYS A CA  1 
ATOM   804  C C   . LYS A 1 105 ? -16.007 -2.706  -5.847  1.00 19.90 ? 115  LYS A C   1 
ATOM   805  O O   . LYS A 1 105 ? -15.417 -2.504  -6.907  1.00 20.62 ? 115  LYS A O   1 
ATOM   806  C CB  . LYS A 1 105 ? -16.233 -5.166  -5.519  1.00 20.19 ? 115  LYS A CB  1 
ATOM   807  C CG  . LYS A 1 105 ? -15.584 -6.434  -5.037  1.00 22.23 ? 115  LYS A CG  1 
ATOM   808  C CD  . LYS A 1 105 ? -16.193 -7.631  -5.741  1.00 24.82 ? 115  LYS A CD  1 
ATOM   809  C CE  . LYS A 1 105 ? -15.528 -8.921  -5.336  1.00 27.06 ? 115  LYS A CE  1 
ATOM   810  N NZ  . LYS A 1 105 ? -16.040 -10.056 -6.148  1.00 29.29 ? 115  LYS A NZ  1 
ATOM   811  N N   . LYS A 1 106 ? -16.995 -1.927  -5.418  1.00 19.92 ? 116  LYS A N   1 
ATOM   812  C CA  . LYS A 1 106 ? -17.412 -0.748  -6.179  1.00 20.33 ? 116  LYS A CA  1 
ATOM   813  C C   . LYS A 1 106 ? -16.303 0.290   -6.349  1.00 19.43 ? 116  LYS A C   1 
ATOM   814  O O   . LYS A 1 106 ? -16.409 1.157   -7.220  1.00 19.98 ? 116  LYS A O   1 
ATOM   815  C CB  . LYS A 1 106 ? -18.628 -0.071  -5.548  1.00 21.04 ? 116  LYS A CB  1 
ATOM   816  C CG  . LYS A 1 106 ? -18.367 0.567   -4.195  1.00 22.78 ? 116  LYS A CG  1 
ATOM   817  C CD  . LYS A 1 106 ? -19.609 1.223   -3.624  1.00 25.78 ? 116  LYS A CD  1 
ATOM   818  C CE  . LYS A 1 106 ? -19.459 1.496   -2.130  1.00 27.21 ? 116  LYS A CE  1 
ATOM   819  N NZ  . LYS A 1 106 ? -19.735 0.291   -1.291  1.00 28.89 ? 116  LYS A NZ  1 
ATOM   820  N N   . TYR A 1 107 ? -15.262 0.225   -5.512  1.00 18.45 ? 117  TYR A N   1 
ATOM   821  C CA  . TYR A 1 107 ? -14.133 1.144   -5.635  1.00 17.42 ? 117  TYR A CA  1 
ATOM   822  C C   . TYR A 1 107 ? -13.007 0.623   -6.520  1.00 16.92 ? 117  TYR A C   1 
ATOM   823  O O   . TYR A 1 107 ? -12.056 1.349   -6.765  1.00 17.18 ? 117  TYR A O   1 
ATOM   824  C CB  . TYR A 1 107 ? -13.598 1.529   -4.251  1.00 17.86 ? 117  TYR A CB  1 
ATOM   825  C CG  . TYR A 1 107 ? -14.598 2.311   -3.429  1.00 16.90 ? 117  TYR A CG  1 
ATOM   826  C CD1 . TYR A 1 107 ? -15.271 3.412   -3.955  1.00 17.99 ? 117  TYR A CD1 1 
ATOM   827  C CD2 . TYR A 1 107 ? -14.877 1.948   -2.116  1.00 16.86 ? 117  TYR A CD2 1 
ATOM   828  C CE1 . TYR A 1 107 ? -16.194 4.120   -3.202  1.00 19.54 ? 117  TYR A CE1 1 
ATOM   829  C CE2 . TYR A 1 107 ? -15.791 2.655   -1.357  1.00 18.89 ? 117  TYR A CE2 1 
ATOM   830  C CZ  . TYR A 1 107 ? -16.447 3.738   -1.904  1.00 19.15 ? 117  TYR A CZ  1 
ATOM   831  O OH  . TYR A 1 107 ? -17.354 4.450   -1.157  1.00 20.95 ? 117  TYR A OH  1 
ATOM   832  N N   . MET A 1 108 ? -13.104 -0.604  -7.028  1.00 17.19 ? 118  MET A N   1 
ATOM   833  C CA  . MET A 1 108 ? -12.133 -1.054  -8.034  1.00 18.01 ? 118  MET A CA  1 
ATOM   834  C C   . MET A 1 108 ? -12.350 -0.282  -9.338  1.00 16.96 ? 118  MET A C   1 
ATOM   835  O O   . MET A 1 108 ? -13.488 -0.028  -9.728  1.00 18.37 ? 118  MET A O   1 
ATOM   836  C CB  . MET A 1 108 ? -12.268 -2.550  -8.290  1.00 17.81 ? 118  MET A CB  1 
ATOM   837  C CG  . MET A 1 108 ? -11.875 -3.406  -7.090  1.00 18.37 ? 118  MET A CG  1 
ATOM   838  S SD  . MET A 1 108 ? -12.314 -5.143  -7.253  1.00 20.86 ? 118  MET A SD  1 
ATOM   839  C CE  . MET A 1 108 ? -11.260 -5.616  -8.612  1.00 20.25 ? 118  MET A CE  1 
ATOM   840  N N   . LEU A 1 109 ? -11.251 0.078   -9.999  1.00 17.52 ? 119  LEU A N   1 
ATOM   841  C CA  . LEU A 1 109 ? -11.276 0.883   -11.223 1.00 17.87 ? 119  LEU A CA  1 
ATOM   842  C C   . LEU A 1 109 ? -11.970 2.226   -11.016 1.00 18.14 ? 119  LEU A C   1 
ATOM   843  O O   . LEU A 1 109 ? -12.599 2.756   -11.927 1.00 19.06 ? 119  LEU A O   1 
ATOM   844  C CB  . LEU A 1 109 ? -11.925 0.106   -12.382 1.00 18.22 ? 119  LEU A CB  1 
ATOM   845  C CG  . LEU A 1 109 ? -11.301 -1.251  -12.707 1.00 18.45 ? 119  LEU A CG  1 
ATOM   846  C CD1 . LEU A 1 109 ? -12.071 -1.949  -13.802 1.00 19.60 ? 119  LEU A CD1 1 
ATOM   847  C CD2 . LEU A 1 109 ? -9.849  -1.092  -13.111 1.00 19.70 ? 119  LEU A CD2 1 
ATOM   848  N N   . TYR A 1 110 ? -11.841 2.795   -9.821  1.00 17.70 ? 120  TYR A N   1 
ATOM   849  C CA  . TYR A 1 110 ? -12.542 4.033   -9.497  1.00 17.00 ? 120  TYR A CA  1 
ATOM   850  C C   . TYR A 1 110 ? -12.089 5.142   -10.446 1.00 16.33 ? 120  TYR A C   1 
ATOM   851  O O   . TYR A 1 110 ? -10.889 5.331   -10.632 1.00 15.81 ? 120  TYR A O   1 
ATOM   852  C CB  . TYR A 1 110 ? -12.261 4.431   -8.045  1.00 17.35 ? 120  TYR A CB  1 
ATOM   853  C CG  . TYR A 1 110 ? -13.243 5.425   -7.503  1.00 18.21 ? 120  TYR A CG  1 
ATOM   854  C CD1 . TYR A 1 110 ? -14.575 5.083   -7.329  1.00 19.37 ? 120  TYR A CD1 1 
ATOM   855  C CD2 . TYR A 1 110 ? -12.843 6.704   -7.156  1.00 18.52 ? 120  TYR A CD2 1 
ATOM   856  C CE1 . TYR A 1 110 ? -15.478 5.987   -6.834  1.00 18.85 ? 120  TYR A CE1 1 
ATOM   857  C CE2 . TYR A 1 110 ? -13.736 7.619   -6.656  1.00 18.28 ? 120  TYR A CE2 1 
ATOM   858  C CZ  . TYR A 1 110 ? -15.053 7.263   -6.496  1.00 19.12 ? 120  TYR A CZ  1 
ATOM   859  O OH  . TYR A 1 110 ? -15.946 8.176   -5.988  1.00 20.01 ? 120  TYR A OH  1 
ATOM   860  N N   . PRO A 1 111 ? -13.034 5.871   -11.068 1.00 15.76 ? 121  PRO A N   1 
ATOM   861  C CA  . PRO A 1 111 ? -12.612 6.885   -12.040 1.00 15.17 ? 121  PRO A CA  1 
ATOM   862  C C   . PRO A 1 111 ? -11.950 8.101   -11.407 1.00 14.67 ? 121  PRO A C   1 
ATOM   863  O O   . PRO A 1 111 ? -12.428 8.622   -10.394 1.00 14.76 ? 121  PRO A O   1 
ATOM   864  C CB  . PRO A 1 111 ? -13.920 7.276   -12.732 1.00 15.16 ? 121  PRO A CB  1 
ATOM   865  C CG  . PRO A 1 111 ? -14.941 7.045   -11.729 1.00 17.18 ? 121  PRO A CG  1 
ATOM   866  C CD  . PRO A 1 111 ? -14.502 5.805   -10.981 1.00 16.55 ? 121  PRO A CD  1 
ATOM   867  N N   . ASP A 1 112 ? -10.874 8.551   -12.035 1.00 13.93 ? 122  ASP A N   1 
ATOM   868  C CA  . ASP A 1 112 ? -10.046 9.638   -11.548 1.00 14.95 ? 122  ASP A CA  1 
ATOM   869  C C   . ASP A 1 112 ? -10.847 10.893  -11.238 1.00 15.05 ? 122  ASP A C   1 
ATOM   870  O O   . ASP A 1 112 ? -10.575 11.634  -10.287 1.00 15.09 ? 122  ASP A O   1 
ATOM   871  C CB  . ASP A 1 112 ? -8.997  9.964   -12.606 1.00 15.26 ? 122  ASP A CB  1 
ATOM   872  C CG  . ASP A 1 112 ? -8.088  11.090  -12.185 1.00 17.25 ? 122  ASP A CG  1 
ATOM   873  O OD1 . ASP A 1 112 ? -8.367  12.237  -12.558 1.00 17.63 ? 122  ASP A OD1 1 
ATOM   874  O OD2 . ASP A 1 112 ? -7.097  10.814  -11.480 1.00 21.93 ? 122  ASP A OD2 1 
ATOM   875  N N   . PHE A 1 113 ? -11.952 11.276  -12.154 1.00 15.12 ? 124  PHE A N   1 
ATOM   876  C CA  . PHE A 1 113 ? -12.533 12.602  -11.969 1.00 15.67 ? 124  PHE A CA  1 
ATOM   877  C C   . PHE A 1 113 ? -13.332 12.712  -10.671 1.00 16.25 ? 124  PHE A C   1 
ATOM   878  O O   . PHE A 1 113 ? -13.653 13.812  -10.259 1.00 16.53 ? 124  PHE A O   1 
ATOM   879  C CB  . PHE A 1 113 ? -13.414 12.956  -13.172 1.00 16.35 ? 124  PHE A CB  1 
ATOM   880  C CG  . PHE A 1 113 ? -14.754 12.313  -13.136 1.00 17.70 ? 124  PHE A CG  1 
ATOM   881  C CD1 . PHE A 1 113 ? -14.895 10.961  -13.364 1.00 18.39 ? 124  PHE A CD1 1 
ATOM   882  C CD2 . PHE A 1 113 ? -15.893 13.065  -12.876 1.00 20.86 ? 124  PHE A CD2 1 
ATOM   883  C CE1 . PHE A 1 113 ? -16.135 10.357  -13.324 1.00 19.36 ? 124  PHE A CE1 1 
ATOM   884  C CE2 . PHE A 1 113 ? -17.144 12.465  -12.833 1.00 22.34 ? 124  PHE A CE2 1 
ATOM   885  C CZ  . PHE A 1 113 ? -17.265 11.111  -13.062 1.00 22.12 ? 124  PHE A CZ  1 
ATOM   886  N N   . LEU A 1 114 ? -13.650 11.584  -10.041 1.00 16.77 ? 125  LEU A N   1 
ATOM   887  C CA  . LEU A 1 114 ? -14.280 11.585  -8.721  1.00 17.89 ? 125  LEU A CA  1 
ATOM   888  C C   . LEU A 1 114 ? -13.282 11.743  -7.566  1.00 18.07 ? 125  LEU A C   1 
ATOM   889  O O   . LEU A 1 114 ? -13.668 11.673  -6.385  1.00 19.70 ? 125  LEU A O   1 
ATOM   890  C CB  . LEU A 1 114 ? -15.099 10.313  -8.537  1.00 18.08 ? 125  LEU A CB  1 
ATOM   891  C CG  . LEU A 1 114 ? -16.233 10.110  -9.545  1.00 20.42 ? 125  LEU A CG  1 
ATOM   892  C CD1 . LEU A 1 114 ? -16.926 8.794   -9.316  1.00 21.68 ? 125  LEU A CD1 1 
ATOM   893  C CD2 . LEU A 1 114 ? -17.234 11.241  -9.460  1.00 22.42 ? 125  LEU A CD2 1 
ATOM   894  N N   . CYS A 1 115 ? -12.020 11.984  -7.898  1.00 18.29 ? 126  CYS A N   1 
ATOM   895  C CA  . CYS A 1 115 ? -10.980 12.223  -6.904  1.00 19.38 ? 126  CYS A CA  1 
ATOM   896  C C   . CYS A 1 115 ? -10.420 13.619  -7.093  1.00 21.01 ? 126  CYS A C   1 
ATOM   897  O O   . CYS A 1 115 ? -9.565  13.831  -7.954  1.00 21.95 ? 126  CYS A O   1 
ATOM   898  C CB  . CYS A 1 115 ? -9.877  11.202  -7.073  1.00 19.22 ? 126  CYS A CB  1 
ATOM   899  S SG  . CYS A 1 115 ? -10.464 9.521   -6.909  1.00 16.76 ? 126  CYS A SG  1 
ATOM   900  N N   . LYS A 1 116 ? -10.904 14.562  -6.292  1.00 22.70 ? 127  LYS A N   1 
ATOM   901  C CA  . LYS A 1 116 ? -10.555 15.976  -6.450  1.00 24.27 ? 127  LYS A CA  1 
ATOM   902  C C   . LYS A 1 116 ? -10.077 16.551  -5.129  1.00 24.80 ? 127  LYS A C   1 
ATOM   903  O O   . LYS A 1 116 ? -10.593 16.196  -4.073  1.00 25.58 ? 127  LYS A O   1 
ATOM   904  C CB  . LYS A 1 116 ? -11.767 16.803  -6.907  1.00 24.97 ? 127  LYS A CB  1 
ATOM   905  C CG  . LYS A 1 116 ? -12.613 16.205  -8.025  1.00 26.91 ? 127  LYS A CG  1 
ATOM   906  C CD  . LYS A 1 116 ? -14.113 16.363  -7.736  1.00 29.66 ? 127  LYS A CD  1 
ATOM   907  C CE  . LYS A 1 116 ? -14.604 17.794  -7.898  1.00 30.64 ? 127  LYS A CE  1 
ATOM   908  N NZ  . LYS A 1 116 ? -14.619 18.248  -9.318  1.00 32.51 ? 127  LYS A NZ  1 
ATOM   909  N N   . GLY A 1 117 ? -9.119  17.466  -5.195  1.00 25.71 ? 128  GLY A N   1 
ATOM   910  C CA  . GLY A 1 117 ? -8.672  18.198  -4.016  1.00 26.04 ? 128  GLY A CA  1 
ATOM   911  C C   . GLY A 1 117 ? -7.436  17.574  -3.405  1.00 26.52 ? 128  GLY A C   1 
ATOM   912  O O   . GLY A 1 117 ? -7.304  16.353  -3.357  1.00 26.81 ? 128  GLY A O   1 
ATOM   913  N N   . GLU A 1 118 ? -6.529  18.419  -2.935  1.00 26.89 ? 129  GLU A N   1 
ATOM   914  C CA  . GLU A 1 118 ? -5.297  17.945  -2.324  1.00 26.90 ? 129  GLU A CA  1 
ATOM   915  C C   . GLU A 1 118 ? -5.530  17.694  -0.842  1.00 26.09 ? 129  GLU A C   1 
ATOM   916  O O   . GLU A 1 118 ? -6.147  18.506  -0.155  1.00 26.63 ? 129  GLU A O   1 
ATOM   917  C CB  . GLU A 1 118 ? -4.169  18.957  -2.544  1.00 27.58 ? 129  GLU A CB  1 
ATOM   918  C CG  . GLU A 1 118 ? -2.854  18.662  -1.809  1.00 29.19 ? 129  GLU A CG  1 
ATOM   919  C CD  . GLU A 1 118 ? -2.196  17.346  -2.200  1.00 31.67 ? 129  GLU A CD  1 
ATOM   920  O OE1 . GLU A 1 118 ? -1.031  17.133  -1.799  1.00 33.88 ? 129  GLU A OE1 1 
ATOM   921  O OE2 . GLU A 1 118 ? -2.824  16.520  -2.895  1.00 34.23 ? 129  GLU A OE2 1 
ATOM   922  N N   . LEU A 1 119 ? -5.053  16.547  -0.370  1.00 24.99 ? 130  LEU A N   1 
ATOM   923  C CA  . LEU A 1 119 ? -5.111  16.189  1.039   1.00 23.87 ? 130  LEU A CA  1 
ATOM   924  C C   . LEU A 1 119 ? -3.679  16.057  1.494   1.00 22.28 ? 130  LEU A C   1 
ATOM   925  O O   . LEU A 1 119 ? -2.931  15.227  0.983   1.00 22.15 ? 130  LEU A O   1 
ATOM   926  C CB  . LEU A 1 119 ? -5.855  14.869  1.223   1.00 24.45 ? 130  LEU A CB  1 
ATOM   927  C CG  . LEU A 1 119 ? -6.403  14.535  2.607   1.00 26.11 ? 130  LEU A CG  1 
ATOM   928  C CD1 . LEU A 1 119 ? -7.176  13.243  2.537   1.00 27.10 ? 130  LEU A CD1 1 
ATOM   929  C CD2 . LEU A 1 119 ? -5.343  14.433  3.674   1.00 27.47 ? 130  LEU A CD2 1 
ATOM   930  N N   . LYS A 1 120 ? -3.285  16.883  2.446   1.00 20.26 ? 131  LYS A N   1 
ATOM   931  C CA  . LYS A 1 120 ? -1.913  16.890  2.878   1.00 19.31 ? 131  LYS A CA  1 
ATOM   932  C C   . LYS A 1 120 ? -1.599  15.642  3.695   1.00 17.92 ? 131  LYS A C   1 
ATOM   933  O O   . LYS A 1 120 ? -2.347  15.210  4.561   1.00 16.86 ? 131  LYS A O   1 
ATOM   934  C CB  . LYS A 1 120 ? -1.597  18.158  3.668   1.00 19.43 ? 131  LYS A CB  1 
ATOM   935  C CG  . LYS A 1 120 ? -1.752  19.428  2.833   1.00 20.79 ? 131  LYS A CG  1 
ATOM   936  C CD  . LYS A 1 120 ? -1.475  20.697  3.642   1.00 21.74 ? 131  LYS A CD  1 
ATOM   937  C CE  . LYS A 1 120 ? -1.770  21.958  2.831   1.00 22.72 ? 131  LYS A CE  1 
ATOM   938  N NZ  . LYS A 1 120 ? -1.492  23.239  3.560   1.00 22.96 ? 131  LYS A NZ  1 
ATOM   939  N N   . CYS A 1 121 ? -0.198  15.092  3.481   1.00 17.34 ? 133  CYS A N   1 
ATOM   940  C CA  . CYS A 1 121 ? 0.262   13.998  4.302   1.00 17.52 ? 133  CYS A CA  1 
ATOM   941  C C   . CYS A 1 121 ? 0.557   14.482  5.705   1.00 18.70 ? 133  CYS A C   1 
ATOM   942  O O   . CYS A 1 121 ? 0.364   13.723  6.642   1.00 19.70 ? 133  CYS A O   1 
ATOM   943  C CB  . CYS A 1 121 ? 1.525   13.431  3.693   1.00 17.09 ? 133  CYS A CB  1 
ATOM   944  S SG  . CYS A 1 121 ? 1.214   12.639  2.118   1.00 15.49 ? 133  CYS A SG  1 
ATOM   945  O OXT . CYS A 1 121 ? 0.991   15.629  5.908   1.00 20.79 ? 133  CYS A OXT 1 
HETATM 946  S S   . SO4 B 2 .   ? 10.926  -7.327  -8.332  0.50 35.13 ? 1301 SO4 A S   1 
HETATM 947  O O1  . SO4 B 2 .   ? 10.243  -6.454  -9.277  0.50 32.68 ? 1301 SO4 A O1  1 
HETATM 948  O O2  . SO4 B 2 .   ? 11.233  -8.590  -8.995  0.50 34.34 ? 1301 SO4 A O2  1 
HETATM 949  O O3  . SO4 B 2 .   ? 12.124  -6.644  -7.870  0.50 34.56 ? 1301 SO4 A O3  1 
HETATM 950  O O4  . SO4 B 2 .   ? 10.108  -7.616  -7.166  0.50 33.90 ? 1301 SO4 A O4  1 
HETATM 951  S S   . SO4 C 2 .   ? -15.463 6.199   6.261   0.50 23.53 ? 1302 SO4 A S   1 
HETATM 952  O O1  . SO4 C 2 .   ? -16.793 5.823   5.791   0.50 25.26 ? 1302 SO4 A O1  1 
HETATM 953  O O2  . SO4 C 2 .   ? -14.720 6.733   5.129   0.50 23.60 ? 1302 SO4 A O2  1 
HETATM 954  O O3  . SO4 C 2 .   ? -15.603 7.212   7.305   0.50 24.15 ? 1302 SO4 A O3  1 
HETATM 955  O O4  . SO4 C 2 .   ? -14.798 5.024   6.809   0.50 24.20 ? 1302 SO4 A O4  1 
HETATM 956  S S   . SO4 D 2 .   ? 12.848  -11.563 -3.791  1.00 18.89 ? 1303 SO4 A S   1 
HETATM 957  O O1  . SO4 D 2 .   ? 13.385  -11.403 -2.441  1.00 19.70 ? 1303 SO4 A O1  1 
HETATM 958  O O2  . SO4 D 2 .   ? 12.190  -12.856 -3.991  1.00 20.51 ? 1303 SO4 A O2  1 
HETATM 959  O O3  . SO4 D 2 .   ? 11.872  -10.515 -4.067  1.00 19.16 ? 1303 SO4 A O3  1 
HETATM 960  O O4  . SO4 D 2 .   ? 13.963  -11.451 -4.733  1.00 19.06 ? 1303 SO4 A O4  1 
HETATM 961  S S   . SO4 E 2 .   ? -18.622 -5.943  -1.776  0.50 29.03 ? 1304 SO4 A S   1 
HETATM 962  O O1  . SO4 E 2 .   ? -19.115 -4.576  -1.725  0.50 28.77 ? 1304 SO4 A O1  1 
HETATM 963  O O2  . SO4 E 2 .   ? -19.356 -6.685  -2.796  0.50 29.43 ? 1304 SO4 A O2  1 
HETATM 964  O O3  . SO4 E 2 .   ? -17.208 -5.922  -2.124  0.50 27.75 ? 1304 SO4 A O3  1 
HETATM 965  O O4  . SO4 E 2 .   ? -18.798 -6.589  -0.476  0.50 29.99 ? 1304 SO4 A O4  1 
HETATM 966  S S   . SO4 F 2 .   ? 15.503  11.622  3.686   0.50 20.31 ? 1305 SO4 A S   1 
HETATM 967  O O1  . SO4 F 2 .   ? 16.409  10.486  3.573   0.50 22.72 ? 1305 SO4 A O1  1 
HETATM 968  O O2  . SO4 F 2 .   ? 15.695  12.207  5.010   0.50 23.95 ? 1305 SO4 A O2  1 
HETATM 969  O O3  . SO4 F 2 .   ? 14.120  11.171  3.554   0.50 23.35 ? 1305 SO4 A O3  1 
HETATM 970  O O4  . SO4 F 2 .   ? 15.813  12.616  2.665   0.50 24.89 ? 1305 SO4 A O4  1 
HETATM 971  C C   . IAC G 3 .   ? 0.891   -2.926  -9.658  1.00 39.25 ? 1001 IAC A C   1 
HETATM 972  C C1  . IAC G 3 .   ? 0.827   -1.543  -9.112  1.00 38.78 ? 1001 IAC A C1  1 
HETATM 973  C C2  . IAC G 3 .   ? 0.417   -1.352  -7.791  1.00 38.73 ? 1001 IAC A C2  1 
HETATM 974  C C3  . IAC G 3 .   ? 0.083   -2.470  -7.016  1.00 38.68 ? 1001 IAC A C3  1 
HETATM 975  C C4  . IAC G 3 .   ? 0.150   -3.770  -7.535  1.00 38.78 ? 1001 IAC A C4  1 
HETATM 976  C C5  . IAC G 3 .   ? 0.550   -3.999  -8.848  1.00 39.17 ? 1001 IAC A C5  1 
HETATM 977  C C7  . IAC G 3 .   ? 1.275   -0.658  -10.237 1.00 39.61 ? 1001 IAC A C7  1 
HETATM 978  C C8  . IAC G 3 .   ? 1.540   -1.625  -11.327 1.00 39.46 ? 1001 IAC A C8  1 
HETATM 979  C C17 . IAC G 3 .   ? 1.245   0.848   -10.341 1.00 40.23 ? 1001 IAC A C17 1 
HETATM 980  C C18 . IAC G 3 .   ? 2.528   1.621   -10.183 1.00 40.98 ? 1001 IAC A C18 1 
HETATM 981  N N   . IAC G 3 .   ? 1.307   -2.884  -10.930 1.00 39.44 ? 1001 IAC A N   1 
HETATM 982  O O2  . IAC G 3 .   ? 2.505   2.682   -9.517  1.00 42.32 ? 1001 IAC A O2  1 
HETATM 983  O O3  . IAC G 3 .   ? 3.551   1.203   -10.768 1.00 41.77 ? 1001 IAC A O3  1 
HETATM 984  C C   . ACY H 4 .   ? 17.873  -6.951  3.140   1.00 49.97 ? 2001 ACY A C   1 
HETATM 985  O O   . ACY H 4 .   ? 18.061  -7.827  4.018   1.00 49.86 ? 2001 ACY A O   1 
HETATM 986  O OXT . ACY H 4 .   ? 18.597  -6.781  2.129   1.00 49.86 ? 2001 ACY A OXT 1 
HETATM 987  C CH3 . ACY H 4 .   ? 16.685  -6.056  3.297   1.00 49.77 ? 2001 ACY A CH3 1 
HETATM 988  O O   . HOH I 5 .   ? 19.105  7.303   -1.182  1.00 11.05 ? 2002 HOH A O   1 
HETATM 989  O O   . HOH I 5 .   ? 18.903  0.504   -1.650  1.00 9.68  ? 2003 HOH A O   1 
HETATM 990  O O   . HOH I 5 .   ? 8.338   -2.019  -2.282  1.00 10.58 ? 2004 HOH A O   1 
HETATM 991  O O   . HOH I 5 .   ? -0.540  2.200   4.870   1.00 11.08 ? 2005 HOH A O   1 
HETATM 992  O O   . HOH I 5 .   ? 15.717  2.595   -2.981  1.00 10.74 ? 2006 HOH A O   1 
HETATM 993  O O   . HOH I 5 .   ? 2.181   2.689   4.782   1.00 10.06 ? 2007 HOH A O   1 
HETATM 994  O O   . HOH I 5 .   ? 16.922  -4.744  -5.265  1.00 12.61 ? 2008 HOH A O   1 
HETATM 995  O O   . HOH I 5 .   ? 17.678  4.469   -4.006  1.00 11.68 ? 2009 HOH A O   1 
HETATM 996  O O   . HOH I 5 .   ? -12.236 -0.281  3.340   1.00 12.76 ? 2010 HOH A O   1 
HETATM 997  O O   . HOH I 5 .   ? 5.561   -0.848  9.607   1.00 11.93 ? 2011 HOH A O   1 
HETATM 998  O O   . HOH I 5 .   ? 5.054   2.582   8.112   1.00 11.18 ? 2012 HOH A O   1 
HETATM 999  O O   . HOH I 5 .   ? -7.995  5.164   8.226   1.00 12.43 ? 2013 HOH A O   1 
HETATM 1000 O O   . HOH I 5 .   ? 22.149  2.039   3.476   1.00 12.58 ? 2014 HOH A O   1 
HETATM 1001 O O   . HOH I 5 .   ? 9.387   3.870   6.510   1.00 12.06 ? 2015 HOH A O   1 
HETATM 1002 O O   . HOH I 5 .   ? -6.837  3.080   6.981   1.00 11.93 ? 2016 HOH A O   1 
HETATM 1003 O O   . HOH I 5 .   ? 14.902  9.200   0.584   1.00 14.10 ? 2017 HOH A O   1 
HETATM 1004 O O   . HOH I 5 .   ? -8.638  -4.063  2.633   1.00 12.81 ? 2018 HOH A O   1 
HETATM 1005 O O   . HOH I 5 .   ? -12.700 -0.946  8.077   1.00 15.39 ? 2019 HOH A O   1 
HETATM 1006 O O   . HOH I 5 .   ? 19.749  3.627   1.509   1.00 14.67 ? 2020 HOH A O   1 
HETATM 1007 O O   . HOH I 5 .   ? 9.568   -5.001  10.870  1.00 15.38 ? 2021 HOH A O   1 
HETATM 1008 O O   . HOH I 5 .   ? -6.583  1.586   9.294   1.00 13.39 ? 2022 HOH A O   1 
HETATM 1009 O O   . HOH I 5 .   ? 15.975  -4.162  -7.730  1.00 14.32 ? 2023 HOH A O   1 
HETATM 1010 O O   . HOH I 5 .   ? 17.522  6.034   3.226   1.00 18.54 ? 2024 HOH A O   1 
HETATM 1011 O O   . HOH I 5 .   ? -0.365  2.839   -1.915  1.00 15.74 ? 2025 HOH A O   1 
HETATM 1012 O O   . HOH I 5 .   ? -4.284  0.275   9.968   1.00 14.48 ? 2026 HOH A O   1 
HETATM 1013 O O   . HOH I 5 .   ? -11.390 9.301   3.869   1.00 16.14 ? 2027 HOH A O   1 
HETATM 1014 O O   . HOH I 5 .   ? 18.484  -8.649  9.443   1.00 18.23 ? 2028 HOH A O   1 
HETATM 1015 O O   . HOH I 5 .   ? -16.041 0.748   1.636   1.00 18.09 ? 2029 HOH A O   1 
HETATM 1016 O O   . HOH I 5 .   ? 17.435  -6.869  -0.832  1.00 16.69 ? 2030 HOH A O   1 
HETATM 1017 O O   . HOH I 5 .   ? 1.953   14.085  8.817   1.00 15.88 ? 2031 HOH A O   1 
HETATM 1018 O O   . HOH I 5 .   ? -14.251 2.392   5.564   1.00 18.45 ? 2032 HOH A O   1 
HETATM 1019 O O   . HOH I 5 .   ? -1.021  -9.240  -7.823  1.00 16.95 ? 2033 HOH A O   1 
HETATM 1020 O O   . HOH I 5 .   ? 19.625  11.178  0.175   1.00 16.44 ? 2034 HOH A O   1 
HETATM 1021 O O   . HOH I 5 .   ? 7.187   -2.181  12.480  1.00 17.90 ? 2035 HOH A O   1 
HETATM 1022 O O   . HOH I 5 .   ? -10.154 13.142  -14.392 1.00 18.54 ? 2036 HOH A O   1 
HETATM 1023 O O   . HOH I 5 .   ? 11.707  -11.753 1.956   1.00 17.86 ? 2037 HOH A O   1 
HETATM 1024 O O   . HOH I 5 .   ? 19.752  -8.852  7.018   1.00 19.37 ? 2038 HOH A O   1 
HETATM 1025 O O   . HOH I 5 .   ? -8.176  -10.695 -5.685  1.00 17.58 ? 2039 HOH A O   1 
HETATM 1026 O O   . HOH I 5 .   ? 16.502  -12.944 10.181  1.00 18.68 ? 2040 HOH A O   1 
HETATM 1027 O O   . HOH I 5 .   ? -8.256  -2.188  -7.460  1.00 18.70 ? 2041 HOH A O   1 
HETATM 1028 O O   . HOH I 5 .   ? 14.812  -7.293  -11.290 1.00 20.96 ? 2042 HOH A O   1 
HETATM 1029 O O   . HOH I 5 .   ? 9.116   -11.395 -0.974  1.00 22.22 ? 2043 HOH A O   1 
HETATM 1030 O O   . HOH I 5 .   ? 9.352   -12.678 -3.358  1.00 23.48 ? 2044 HOH A O   1 
HETATM 1031 O O   . HOH I 5 .   ? -11.279 -7.513  -4.809  1.00 19.11 ? 2045 HOH A O   1 
HETATM 1032 O O   . HOH I 5 .   ? 4.199   8.619   -3.100  1.00 19.71 ? 2046 HOH A O   1 
HETATM 1033 O O   . HOH I 5 .   ? 1.157   -10.514 15.737  1.00 36.86 ? 2047 HOH A O   1 
HETATM 1034 O O   . HOH I 5 .   ? 2.967   -7.931  11.085  1.00 18.92 ? 2048 HOH A O   1 
HETATM 1035 O O   . HOH I 5 .   ? 13.466  -5.034  5.181   1.00 18.59 ? 2049 HOH A O   1 
HETATM 1036 O O   . HOH I 5 .   ? -6.738  4.311   -7.625  1.00 20.63 ? 2050 HOH A O   1 
HETATM 1037 O O   . HOH I 5 .   ? 19.210  -3.816  -4.080  1.00 16.76 ? 2051 HOH A O   1 
HETATM 1038 O O   . HOH I 5 .   ? 8.426   -4.901  -8.664  1.00 19.90 ? 2052 HOH A O   1 
HETATM 1039 O O   . HOH I 5 .   ? -0.715  -10.315 -5.180  1.00 17.80 ? 2053 HOH A O   1 
HETATM 1040 O O   . HOH I 5 .   ? 8.885   6.640   5.008   1.00 19.29 ? 2054 HOH A O   1 
HETATM 1041 O O   . HOH I 5 .   ? 14.757  -3.467  8.378   1.00 23.79 ? 2055 HOH A O   1 
HETATM 1042 O O   . HOH I 5 .   ? -15.302 2.160   -9.458  1.00 23.39 ? 2056 HOH A O   1 
HETATM 1043 O O   . HOH I 5 .   ? 18.046  1.752   8.397   1.00 25.38 ? 2057 HOH A O   1 
HETATM 1044 O O   . HOH I 5 .   ? -14.478 9.528   7.598   1.00 31.25 ? 2058 HOH A O   1 
HETATM 1045 O O   . HOH I 5 .   ? 10.464  -3.874  -10.492 1.00 24.71 ? 2059 HOH A O   1 
HETATM 1046 O O   . HOH I 5 .   ? -10.791 -6.800  8.702   1.00 25.71 ? 2060 HOH A O   1 
HETATM 1047 O O   . HOH I 5 .   ? 10.305  -10.214 -6.325  1.00 23.91 ? 2061 HOH A O   1 
HETATM 1048 O O   . HOH I 5 .   ? 5.810   -14.262 4.515   1.00 22.57 ? 2062 HOH A O   1 
HETATM 1049 O O   . HOH I 5 .   ? 16.302  14.467  -0.896  1.00 22.86 ? 2063 HOH A O   1 
HETATM 1050 O O   . HOH I 5 .   ? 9.379   -16.453 7.816   1.00 27.48 ? 2064 HOH A O   1 
HETATM 1051 O O   . HOH I 5 .   ? 6.121   -0.609  -4.602  1.00 20.16 ? 2065 HOH A O   1 
HETATM 1052 O O   . HOH I 5 .   ? -6.622  -16.433 -1.808  1.00 24.56 ? 2066 HOH A O   1 
HETATM 1053 O O   . HOH I 5 .   ? 9.235   -13.259 1.357   1.00 33.18 ? 2067 HOH A O   1 
HETATM 1054 O O   . HOH I 5 .   ? -3.785  14.252  -1.947  1.00 21.94 ? 2068 HOH A O   1 
HETATM 1055 O O   . HOH I 5 .   ? 7.978   -11.029 -4.935  1.00 26.78 ? 2069 HOH A O   1 
HETATM 1056 O O   . HOH I 5 .   ? -10.099 1.353   10.391  1.00 23.12 ? 2070 HOH A O   1 
HETATM 1057 O O   . HOH I 5 .   ? 11.649  -10.492 -0.436  1.00 20.12 ? 2071 HOH A O   1 
HETATM 1058 O O   . HOH I 5 .   ? -9.069  6.824   -9.148  1.00 23.72 ? 2072 HOH A O   1 
HETATM 1059 O O   . HOH I 5 .   ? -5.034  18.674  3.885   1.00 31.39 ? 2073 HOH A O   1 
HETATM 1060 O O   . HOH I 5 .   ? 16.796  -0.013  10.676  1.00 37.92 ? 2074 HOH A O   1 
HETATM 1061 O O   . HOH I 5 .   ? 12.462  -2.024  8.404   1.00 26.15 ? 2075 HOH A O   1 
HETATM 1062 O O   . HOH I 5 .   ? -16.751 7.661   0.494   1.00 26.72 ? 2076 HOH A O   1 
HETATM 1063 O O   . HOH I 5 .   ? -7.200  -14.152 -4.661  1.00 27.10 ? 2077 HOH A O   1 
HETATM 1064 O O   . HOH I 5 .   ? 16.508  -10.768 -4.184  1.00 23.02 ? 2078 HOH A O   1 
HETATM 1065 O O   . HOH I 5 .   ? 6.924   -7.959  13.917  1.00 28.29 ? 2079 HOH A O   1 
HETATM 1066 O O   . HOH I 5 .   ? -14.420 10.313  -0.524  1.00 28.50 ? 2080 HOH A O   1 
HETATM 1067 O O   . HOH I 5 .   ? 7.166   11.019  7.240   1.00 22.00 ? 2081 HOH A O   1 
HETATM 1068 O O   . HOH I 5 .   ? -1.246  13.606  -0.676  1.00 27.58 ? 2082 HOH A O   1 
HETATM 1069 O O   . HOH I 5 .   ? -8.215  -3.365  -10.701 1.00 24.32 ? 2083 HOH A O   1 
HETATM 1070 O O   . HOH I 5 .   ? -10.637 15.305  2.614   1.00 29.75 ? 2084 HOH A O   1 
HETATM 1071 O O   . HOH I 5 .   ? 3.200   -9.807  -6.611  1.00 25.90 ? 2085 HOH A O   1 
HETATM 1072 O O   . HOH I 5 .   ? -12.794 -11.255 -3.932  1.00 36.57 ? 2086 HOH A O   1 
HETATM 1073 O O   . HOH I 5 .   ? 3.936   12.691  -0.247  1.00 22.51 ? 2087 HOH A O   1 
HETATM 1074 O O   . HOH I 5 .   ? 22.390  -1.279  6.414   1.00 28.65 ? 2088 HOH A O   1 
HETATM 1075 O O   . HOH I 5 .   ? -9.715  -13.830 -2.333  1.00 30.53 ? 2089 HOH A O   1 
HETATM 1076 O O   . HOH I 5 .   ? 0.963   -17.791 15.986  1.00 33.58 ? 2090 HOH A O   1 
HETATM 1077 O O   . HOH I 5 .   ? -18.555 7.361   -5.811  1.00 31.37 ? 2091 HOH A O   1 
HETATM 1078 O O   . HOH I 5 .   ? -13.249 14.387  -5.359  1.00 35.88 ? 2092 HOH A O   1 
HETATM 1079 O O   . HOH I 5 .   ? -13.013 11.572  -3.347  1.00 28.26 ? 2093 HOH A O   1 
HETATM 1080 O O   . HOH I 5 .   ? -11.406 -9.319  8.676   1.00 26.65 ? 2094 HOH A O   1 
HETATM 1081 O O   . HOH I 5 .   ? -1.800  -10.766 -10.025 1.00 29.65 ? 2095 HOH A O   1 
HETATM 1082 O O   . HOH I 5 .   ? -6.184  10.442  -7.011  1.00 26.35 ? 2096 HOH A O   1 
HETATM 1083 O O   . HOH I 5 .   ? -13.778 -1.768  10.499  1.00 28.78 ? 2097 HOH A O   1 
HETATM 1084 O O   . HOH I 5 .   ? -19.347 -2.806  -3.834  1.00 33.06 ? 2098 HOH A O   1 
HETATM 1085 O O   . HOH I 5 .   ? -14.950 -1.979  -11.247 1.00 30.57 ? 2099 HOH A O   1 
HETATM 1086 O O   . HOH I 5 .   ? -18.373 -4.866  7.541   1.00 34.17 ? 2100 HOH A O   1 
HETATM 1087 O O   . HOH I 5 .   ? 16.729  -14.169 13.866  1.00 24.53 ? 2101 HOH A O   1 
HETATM 1088 O O   . HOH I 5 .   ? 3.580   -16.233 0.034   1.00 30.46 ? 2102 HOH A O   1 
HETATM 1089 O O   . HOH I 5 .   ? 1.870   11.102  -1.270  1.00 26.51 ? 2103 HOH A O   1 
HETATM 1090 O O   . HOH I 5 .   ? 11.773  6.229   -9.028  1.00 32.95 ? 2104 HOH A O   1 
HETATM 1091 O O   . HOH I 5 .   ? -16.585 5.100   3.110   1.00 25.95 ? 2105 HOH A O   1 
HETATM 1092 O O   . HOH I 5 .   ? 5.119   12.266  2.163   1.00 22.08 ? 2106 HOH A O   1 
HETATM 1093 O O   . HOH I 5 .   ? -11.144 -3.023  11.654  1.00 29.24 ? 2107 HOH A O   1 
HETATM 1094 O O   . HOH I 5 .   ? 9.770   13.857  1.853   1.00 31.01 ? 2108 HOH A O   1 
HETATM 1095 O O   . HOH I 5 .   ? -0.724  10.806  -0.482  1.00 20.93 ? 2109 HOH A O   1 
HETATM 1096 O O   . HOH I 5 .   ? -5.310  13.295  -12.508 1.00 35.60 ? 2110 HOH A O   1 
HETATM 1097 O O   . HOH I 5 .   ? -5.036  -2.162  -12.174 1.00 32.07 ? 2111 HOH A O   1 
HETATM 1098 O O   . HOH I 5 .   ? -4.068  16.317  6.267   1.00 27.86 ? 2112 HOH A O   1 
HETATM 1099 O O   . HOH I 5 .   ? -11.890 15.919  -11.484 1.00 37.17 ? 2113 HOH A O   1 
HETATM 1100 O O   . HOH I 5 .   ? 18.366  -12.655 -2.590  1.00 32.32 ? 2114 HOH A O   1 
HETATM 1101 O O   . HOH I 5 .   ? 9.899   14.611  -3.503  1.00 35.70 ? 2115 HOH A O   1 
HETATM 1102 O O   . HOH I 5 .   ? 12.918  -16.095 5.793   1.00 25.78 ? 2116 HOH A O   1 
HETATM 1103 O O   . HOH I 5 .   ? -7.859  18.441  -7.435  1.00 37.42 ? 2117 HOH A O   1 
HETATM 1104 O O   . HOH I 5 .   ? -15.982 11.254  -5.024  1.00 32.17 ? 2118 HOH A O   1 
HETATM 1105 O O   . HOH I 5 .   ? 15.437  -3.882  4.182   1.00 22.22 ? 2119 HOH A O   1 
HETATM 1106 O O   . HOH I 5 .   ? 11.011  -16.466 11.889  1.00 31.68 ? 2120 HOH A O   1 
HETATM 1107 O O   . HOH I 5 .   ? 14.902  -6.758  11.660  1.00 30.43 ? 2121 HOH A O   1 
HETATM 1108 O O   . HOH I 5 .   ? 13.246  -15.095 13.989  1.00 35.87 ? 2122 HOH A O   1 
HETATM 1109 O O   . HOH I 5 .   ? -18.513 1.267   0.931   1.00 33.32 ? 2123 HOH A O   1 
HETATM 1110 O O   . HOH I 5 .   ? 8.607   -13.912 4.390   1.00 32.01 ? 2124 HOH A O   1 
HETATM 1111 O O   . HOH I 5 .   ? -18.357 9.394   -2.304  1.00 39.87 ? 2125 HOH A O   1 
HETATM 1112 O O   . HOH I 5 .   ? -18.549 3.130   -7.619  1.00 32.58 ? 2126 HOH A O   1 
HETATM 1113 O O   . HOH I 5 .   ? 15.232  -9.360  11.480  1.00 31.82 ? 2127 HOH A O   1 
HETATM 1114 O O   . HOH I 5 .   ? 1.321   -9.718  9.890   1.00 35.45 ? 2128 HOH A O   1 
HETATM 1115 O O   . HOH I 5 .   ? 16.947  -3.073  10.285  1.00 33.06 ? 2129 HOH A O   1 
HETATM 1116 O O   . HOH I 5 .   ? -15.136 -7.119  2.007   1.00 40.53 ? 2130 HOH A O   1 
HETATM 1117 O O   . HOH I 5 .   ? -7.890  20.206  0.887   1.00 33.59 ? 2131 HOH A O   1 
HETATM 1118 O O   . HOH I 5 .   ? -18.156 -5.055  3.721   1.00 30.61 ? 2132 HOH A O   1 
HETATM 1119 O O   . HOH I 5 .   ? -16.553 14.834  -9.622  1.00 41.80 ? 2133 HOH A O   1 
HETATM 1120 O O   . HOH I 5 .   ? -0.630  9.773   -9.804  1.00 53.55 ? 2134 HOH A O   1 
HETATM 1121 O O   . HOH I 5 .   ? 5.199   -18.317 7.435   1.00 28.34 ? 2135 HOH A O   1 
HETATM 1122 O O   . HOH I 5 .   ? -4.616  10.348  -12.538 1.00 46.54 ? 2136 HOH A O   1 
HETATM 1123 O O   . HOH I 5 .   ? 6.811   8.416   -4.019  1.00 30.48 ? 2137 HOH A O   1 
HETATM 1124 O O   . HOH I 5 .   ? 0.409   -8.537  11.903  1.00 25.88 ? 2138 HOH A O   1 
HETATM 1125 O O   . HOH I 5 .   ? 1.750   -14.154 -1.729  1.00 26.85 ? 2139 HOH A O   1 
HETATM 1126 O O   . HOH I 5 .   ? 8.449   13.002  -1.851  1.00 28.78 ? 2140 HOH A O   1 
HETATM 1127 O O   . HOH I 5 .   ? 5.066   -18.055 10.045  1.00 34.29 ? 2141 HOH A O   1 
HETATM 1128 O O   . HOH I 5 .   ? 6.596   -10.352 -0.498  1.00 22.72 ? 2142 HOH A O   1 
HETATM 1129 O O   . HOH I 5 .   ? -14.513 15.461  1.232   1.00 41.71 ? 2143 HOH A O   1 
HETATM 1130 O O   . HOH I 5 .   ? 3.098   -7.145  -12.323 1.00 37.63 ? 2144 HOH A O   1 
HETATM 1131 O O   . HOH I 5 .   ? 1.484   -8.290  -8.164  1.00 21.43 ? 2145 HOH A O   1 
HETATM 1132 O O   . HOH I 5 .   ? 8.962   11.331  -3.795  1.00 20.57 ? 2146 HOH A O   1 
HETATM 1133 O O   . HOH I 5 .   ? -1.893  -1.175  -3.466  1.00 29.08 ? 2147 HOH A O   1 
HETATM 1134 O O   . HOH I 5 .   ? -11.456 17.152  -1.819  1.00 42.36 ? 2148 HOH A O   1 
HETATM 1135 O O   . HOH I 5 .   ? -4.610  -10.237 -12.082 1.00 34.19 ? 2149 HOH A O   1 
HETATM 1136 O O   . HOH I 5 .   ? -5.040  6.456   -7.820  1.00 35.39 ? 2150 HOH A O   1 
HETATM 1137 O O   . HOH I 5 .   ? -8.827  18.021  -0.533  1.00 37.97 ? 2151 HOH A O   1 
HETATM 1138 O O   . HOH I 5 .   ? 9.939   7.165   -2.901  1.00 29.89 ? 2152 HOH A O   1 
HETATM 1139 O O   . HOH I 5 .   ? 7.581   -10.364 15.666  1.00 38.03 ? 2153 HOH A O   1 
HETATM 1140 O O   . HOH I 5 .   ? 6.464   -14.687 18.525  1.00 38.70 ? 2154 HOH A O   1 
HETATM 1141 O O   . HOH I 5 .   ? 10.627  -15.380 -0.183  1.00 33.63 ? 2155 HOH A O   1 
HETATM 1142 O O   . HOH I 5 .   ? 7.752   -18.498 10.693  1.00 39.84 ? 2156 HOH A O   1 
HETATM 1143 O O   . HOH I 5 .   ? 7.940   -16.553 1.601   1.00 36.43 ? 2157 HOH A O   1 
HETATM 1144 O O   . HOH I 5 .   ? 2.110   -9.040  -10.884 1.00 35.88 ? 2158 HOH A O   1 
HETATM 1145 O O   . HOH I 5 .   ? -12.545 -8.954  -6.654  1.00 30.85 ? 2159 HOH A O   1 
HETATM 1146 O O   . HOH I 5 .   ? 0.592   -12.574 -6.230  1.00 27.09 ? 2160 HOH A O   1 
HETATM 1147 O O   . HOH I 5 .   ? -16.539 1.950   4.226   1.00 25.33 ? 2161 HOH A O   1 
HETATM 1148 O O   . HOH I 5 .   ? -7.652  -12.120 5.804   1.00 37.15 ? 2162 HOH A O   1 
HETATM 1149 O O   . HOH I 5 .   ? 14.738  -11.320 -11.774 1.00 34.76 ? 2163 HOH A O   1 
HETATM 1150 O O   . HOH I 5 .   ? 4.930   1.289   -5.977  1.00 34.61 ? 2164 HOH A O   1 
HETATM 1151 O O   . HOH I 5 .   ? 2.778   3.882   7.247   1.00 10.36 ? 2165 HOH A O   1 
HETATM 1152 O O   . HOH I 5 .   ? 17.304  -8.765  -2.601  1.00 20.99 ? 2166 HOH A O   1 
HETATM 1153 O O   . HOH I 5 .   ? -6.947  8.081   -10.141 1.00 37.73 ? 2167 HOH A O   1 
HETATM 1154 O O   . HOH I 5 .   ? -20.325 -5.870  -5.532  1.00 55.91 ? 2168 HOH A O   1 
HETATM 1155 O O   . HOH I 5 .   ? 10.517  -5.266  13.427  1.00 32.84 ? 2169 HOH A O   1 
HETATM 1156 O O   . HOH I 5 .   ? -4.397  23.612  3.902   1.00 37.70 ? 2170 HOH A O   1 
HETATM 1157 O O   . HOH I 5 .   ? 0.950   8.099   -6.621  1.00 42.79 ? 2171 HOH A O   1 
HETATM 1158 O O   . HOH I 5 .   ? 14.374  -14.008 4.917   1.00 29.72 ? 2172 HOH A O   1 
HETATM 1159 O O   . HOH I 5 .   ? -4.903  6.663   -11.122 1.00 33.09 ? 2173 HOH A O   1 
HETATM 1160 O O   . HOH I 5 .   ? 13.764  2.191   8.730   1.00 26.37 ? 2174 HOH A O   1 
HETATM 1161 O O   . HOH I 5 .   ? 6.177   -17.043 5.069   1.00 38.21 ? 2175 HOH A O   1 
HETATM 1162 O O   . HOH I 5 .   ? 0.805   -16.753 -0.472  1.00 36.44 ? 2176 HOH A O   1 
HETATM 1163 O O   . HOH I 5 .   ? 20.494  -1.461  -2.993  1.00 12.05 ? 2177 HOH A O   1 
HETATM 1164 O O   . HOH I 5 .   ? 3.929   15.710  9.658   1.00 34.81 ? 2178 HOH A O   1 
HETATM 1165 O O   . HOH I 5 .   ? -0.857  10.145  -3.267  1.00 28.32 ? 2179 HOH A O   1 
HETATM 1166 O O   . HOH I 5 .   ? 3.104   -19.584 11.694  1.00 41.12 ? 2180 HOH A O   1 
HETATM 1167 O O   . HOH I 5 .   ? 4.843   14.592  3.457   1.00 40.39 ? 2181 HOH A O   1 
HETATM 1168 O O   . HOH I 5 .   ? -8.039  18.427  4.241   1.00 40.25 ? 2182 HOH A O   1 
HETATM 1169 O O   . HOH I 5 .   ? -10.563 -4.430  -11.883 1.00 23.21 ? 2183 HOH A O   1 
HETATM 1170 O O   . HOH I 5 .   ? -16.799 -1.052  10.352  1.00 30.12 ? 2184 HOH A O   1 
HETATM 1171 O O   . HOH I 5 .   ? 18.851  -14.704 -0.051  1.00 39.96 ? 2185 HOH A O   1 
HETATM 1172 O O   . HOH I 5 .   ? 2.270   16.442  1.537   1.00 36.53 ? 2186 HOH A O   1 
HETATM 1173 O O   . HOH I 5 .   ? 0.151   15.476  0.424   1.00 35.34 ? 2187 HOH A O   1 
HETATM 1174 O O   . HOH I 5 .   ? -14.064 1.513   8.213   1.00 25.21 ? 2188 HOH A O   1 
HETATM 1175 O O   . HOH I 5 .   ? 0.566   -11.238 13.212  1.00 33.39 ? 2189 HOH A O   1 
HETATM 1176 O O   . HOH I 5 .   ? -9.977  13.642  4.544   1.00 27.39 ? 2190 HOH A O   1 
HETATM 1177 O O   . HOH I 5 .   ? 17.607  7.835   1.059   1.00 13.20 ? 2191 HOH A O   1 
HETATM 1178 O O   . HOH I 5 .   ? 18.565  10.091  2.369   1.00 20.10 ? 2192 HOH A O   1 
HETATM 1179 O O   . HOH I 5 .   ? -0.886  1.217   -3.980  1.00 20.09 ? 2193 HOH A O   1 
HETATM 1180 O O   . HOH I 5 .   ? 16.050  -4.724  -10.231 1.00 20.11 ? 2194 HOH A O   1 
HETATM 1181 O O   . HOH I 5 .   ? 3.671   -6.369  13.350  1.00 24.49 ? 2195 HOH A O   1 
HETATM 1182 O O   . HOH I 5 .   ? 13.382  -13.882 2.531   1.00 22.66 ? 2196 HOH A O   1 
HETATM 1183 O O   . HOH I 5 .   ? 17.462  -10.689 10.933  1.00 22.51 ? 2197 HOH A O   1 
HETATM 1184 O O   . HOH I 5 .   ? 9.698   11.644  5.090   1.00 22.04 ? 2198 HOH A O   1 
HETATM 1185 O O   . HOH I 5 .   ? -14.228 -8.024  -9.017  1.00 23.96 ? 2199 HOH A O   1 
HETATM 1186 O O   . HOH I 5 .   ? 18.155  14.096  3.407   1.00 35.31 ? 2200 HOH A O   1 
HETATM 1187 O O   . HOH I 5 .   ? -13.189 -4.216  -11.402 1.00 26.03 ? 2201 HOH A O   1 
HETATM 1188 O O   . HOH I 5 .   ? 3.381   -5.234  -10.387 1.00 26.10 ? 2202 HOH A O   1 
HETATM 1189 O O   . HOH I 5 .   ? -10.745 15.579  -14.618 1.00 27.34 ? 2203 HOH A O   1 
HETATM 1190 O O   . HOH I 5 .   ? -19.112 7.049   -2.492  1.00 30.69 ? 2204 HOH A O   1 
HETATM 1191 O O   . HOH I 5 .   ? 14.982  9.894   8.481   1.00 27.46 ? 2205 HOH A O   1 
HETATM 1192 O O   . HOH I 5 .   ? -5.319  -16.082 -5.703  1.00 29.60 ? 2206 HOH A O   1 
HETATM 1193 O O   . HOH I 5 .   ? -8.707  0.023   12.326  1.00 26.31 ? 2207 HOH A O   1 
HETATM 1194 O O   . HOH I 5 .   ? -0.989  5.755   -5.246  1.00 30.45 ? 2208 HOH A O   1 
HETATM 1195 O O   . HOH I 5 .   ? 6.380   -4.439  -10.700 1.00 28.90 ? 2209 HOH A O   1 
HETATM 1196 O O   . HOH I 5 .   ? 12.595  -4.570  -9.129  1.00 30.15 ? 2210 HOH A O   1 
HETATM 1197 O O   . HOH I 5 .   ? -1.706  1.821   -11.526 1.00 30.50 ? 2211 HOH A O   1 
HETATM 1198 O O   . HOH I 5 .   ? 14.875  -14.813 0.575   1.00 32.26 ? 2212 HOH A O   1 
HETATM 1199 O O   . HOH I 5 .   ? 13.812  11.785  7.256   1.00 30.23 ? 2213 HOH A O   1 
HETATM 1200 O O   . HOH I 5 .   ? 22.709  -3.583  6.420   1.00 31.21 ? 2214 HOH A O   1 
HETATM 1201 O O   . HOH I 5 .   ? 13.681  -0.112  10.086  1.00 29.25 ? 2215 HOH A O   1 
HETATM 1202 O O   . HOH I 5 .   ? 10.627  -8.329  -0.210  1.00 32.03 ? 2216 HOH A O   1 
HETATM 1203 O O   . HOH I 5 .   ? 4.747   -7.346  15.466  1.00 36.01 ? 2217 HOH A O   1 
HETATM 1204 O O   . HOH I 5 .   ? 18.074  7.313   6.199   1.00 30.99 ? 2218 HOH A O   1 
HETATM 1205 O O   . HOH I 5 .   ? 5.247   -12.957 16.497  1.00 36.58 ? 2219 HOH A O   1 
HETATM 1206 O O   . HOH I 5 .   ? 17.972  12.962  5.972   1.00 39.99 ? 2220 HOH A O   1 
HETATM 1207 O O   . HOH I 5 .   ? 14.453  -10.884 14.269  1.00 37.02 ? 2221 HOH A O   1 
HETATM 1208 O O   . HOH I 5 .   ? 11.283  -17.198 14.406  1.00 33.52 ? 2222 HOH A O   1 
HETATM 1209 O O   . HOH I 5 .   ? -14.174 -8.425  -0.670  1.00 31.49 ? 2223 HOH A O   1 
HETATM 1210 O O   . HOH I 5 .   ? -12.321 13.949  -3.276  1.00 34.90 ? 2224 HOH A O   1 
HETATM 1211 O O   . HOH I 5 .   ? -12.688 13.456  5.270   1.00 33.86 ? 2225 HOH A O   1 
# 
